data_8UT7
#
_entry.id   8UT7
#
_cell.length_a   1.00
_cell.length_b   1.00
_cell.length_c   1.00
_cell.angle_alpha   90.00
_cell.angle_beta   90.00
_cell.angle_gamma   90.00
#
_symmetry.space_group_name_H-M   'P 1'
#
loop_
_entity.id
_entity.type
_entity.pdbx_description
1 polymer 'H3D28 pFab HC Fv_polyA'
2 polymer 'H3D28 pFab LC Fv_polyA'
3 polymer Hemagglutinin
4 branched 2-acetamido-2-deoxy-beta-D-glucopyranose-(1-4)-2-acetamido-2-deoxy-beta-D-glucopyranose
5 non-polymer 2-acetamido-2-deoxy-beta-D-glucopyranose
#
loop_
_entity_poly.entity_id
_entity_poly.type
_entity_poly.pdbx_seq_one_letter_code
_entity_poly.pdbx_strand_id
1 'polypeptide(L)'
;(UNK)(UNK)(UNK)(UNK)(UNK)(UNK)(UNK)(UNK)(UNK)(UNK)(UNK)(UNK)(UNK)(UNK)(UNK)(UNK)
(UNK)(UNK)(UNK)(UNK)(UNK)(UNK)(UNK)(UNK)(UNK)(UNK)(UNK)(UNK)(UNK)(UNK)(UNK)(UNK)
(UNK)(UNK)(UNK)(UNK)(UNK)(UNK)(UNK)(UNK)(UNK)(UNK)(UNK)(UNK)(UNK)(UNK)(UNK)(UNK)
(UNK)(UNK)(UNK)(UNK)(UNK)(UNK)(UNK)(UNK)(UNK)(UNK)(UNK)(UNK)(UNK)(UNK)(UNK)(UNK)
(UNK)(UNK)(UNK)(UNK)(UNK)(UNK)(UNK)(UNK)(UNK)(UNK)(UNK)(UNK)(UNK)(UNK)(UNK)(UNK)
(UNK)(UNK)(UNK)(UNK)(UNK)(UNK)(UNK)(UNK)(UNK)(UNK)(UNK)(UNK)(UNK)(UNK)(UNK)(UNK)
(UNK)(UNK)(UNK)(UNK)(UNK)(UNK)(UNK)(UNK)(UNK)(UNK)(UNK)(UNK)(UNK)(UNK)(UNK)(UNK)
(UNK)(UNK)(UNK)(UNK)(UNK)(UNK)(UNK)(UNK)(UNK)(UNK)(UNK)(UNK)(UNK)(UNK)
;
G
2 'polypeptide(L)'
;(UNK)(UNK)(UNK)(UNK)(UNK)(UNK)(UNK)(UNK)(UNK)(UNK)(UNK)(UNK)(UNK)(UNK)(UNK)(UNK)
(UNK)(UNK)(UNK)(UNK)(UNK)(UNK)(UNK)(UNK)(UNK)(UNK)(UNK)(UNK)(UNK)(UNK)(UNK)(UNK)
(UNK)(UNK)(UNK)(UNK)(UNK)(UNK)(UNK)(UNK)(UNK)(UNK)(UNK)(UNK)(UNK)(UNK)(UNK)(UNK)
(UNK)(UNK)(UNK)(UNK)(UNK)(UNK)(UNK)(UNK)(UNK)(UNK)(UNK)(UNK)(UNK)(UNK)(UNK)(UNK)
(UNK)(UNK)(UNK)(UNK)(UNK)(UNK)(UNK)(UNK)(UNK)(UNK)(UNK)(UNK)(UNK)(UNK)(UNK)(UNK)
(UNK)(UNK)(UNK)(UNK)(UNK)(UNK)(UNK)(UNK)(UNK)(UNK)(UNK)(UNK)(UNK)(UNK)(UNK)(UNK)
(UNK)(UNK)(UNK)(UNK)(UNK)(UNK)(UNK)(UNK)(UNK)(UNK)(UNK)
;
H
3 'polypeptide(L)'
;QKLPGNDNSTATLCLGHHAVPNGTIVKTITNDQIEVTNATELVQSSSTGEICDSPHQILDGKNCTLIDALLGDPQCDGFQ
NKKWDLFVERSKAYSNCFPYDVPDYASLRSLVASSGTLEFNNESFNWTGVTQNGTSSACIRRSKNSFFSRLNWLTHLNFK
YPALNVTMPNNEQFDKLYIWGVHHPGTDKDQIFLYAQASGRITVSTKRSQQTVSPNIGSRPRVRNIPSRISIYWTIVKPG
DILLINSTGNLIAPRGYFKIRSGKSSIMRSDAPIGKCNSECITPNGSIPNDKPFQNVNRITYGACPRYVKQNTLKLATGM
RNVPEKQTRGIFGAIAGFIENGWEGMVDGWYGFRHQNSEGRGQAADLKSTQAAIDQINGKLNRLIGKTNEKFHQIEKEFS
EVEGRIQDLEKYVEDTKIDLWSYNAELLVALENQHTIDLTDSEMNKLFEKTKKQLRENAEDMGNGCFKIYHKCDNACIGS
IRNGTYDHDVYRDEALNNRFQIKGGSGYIPEAPRDGQAYVRKDGEWVLLSTFLGSGLNDIFEAQKIEWHEGHHHHHH
;
A,C,E
#
# COMPACT_ATOMS: atom_id res chain seq x y z
N UNK A 1 8.55 -40.43 18.34
CA UNK A 1 7.19 -39.94 18.49
C UNK A 1 6.27 -40.93 17.80
N UNK A 2 5.41 -41.62 18.57
CA UNK A 2 4.50 -42.59 17.99
C UNK A 2 3.17 -42.62 18.74
N UNK A 3 2.13 -43.04 18.01
CA UNK A 3 0.80 -43.27 18.53
C UNK A 3 0.42 -44.72 18.25
N UNK A 4 0.04 -45.45 19.29
CA UNK A 4 -0.30 -46.87 19.20
C UNK A 4 -1.79 -47.02 19.47
N UNK A 5 -2.55 -47.41 18.45
CA UNK A 5 -3.99 -47.57 18.57
C UNK A 5 -4.35 -49.02 18.88
N UNK A 6 -5.53 -49.18 19.48
CA UNK A 6 -6.04 -50.51 19.80
C UNK A 6 -6.36 -51.27 18.51
N UNK A 7 -6.51 -52.59 18.65
CA UNK A 7 -6.78 -53.44 17.52
C UNK A 7 -8.23 -53.38 17.07
N UNK A 8 -8.51 -54.14 16.02
CA UNK A 8 -9.84 -54.12 15.43
C UNK A 8 -10.88 -54.72 16.37
N UNK A 9 -12.11 -54.19 16.27
CA UNK A 9 -13.24 -54.67 17.06
C UNK A 9 -14.48 -54.83 16.19
N UNK A 10 -15.36 -55.75 16.62
CA UNK A 10 -16.63 -56.01 15.96
C UNK A 10 -17.73 -55.71 16.98
N UNK A 11 -18.68 -54.86 16.60
CA UNK A 11 -19.77 -54.45 17.48
C UNK A 11 -21.12 -54.68 16.83
N UNK A 12 -22.13 -54.92 17.67
CA UNK A 12 -23.51 -55.04 17.26
C UNK A 12 -24.09 -53.63 17.09
N UNK A 13 -25.11 -53.45 16.23
CA UNK A 13 -25.71 -52.11 16.12
C UNK A 13 -26.34 -51.70 17.45
N UNK A 14 -26.15 -50.44 17.80
CA UNK A 14 -26.66 -49.88 19.04
C UNK A 14 -25.64 -49.90 20.16
N UNK A 15 -24.54 -50.64 19.98
CA UNK A 15 -23.46 -50.76 20.93
C UNK A 15 -22.54 -49.54 20.83
N UNK A 16 -21.70 -49.36 21.84
CA UNK A 16 -20.69 -48.32 21.84
C UNK A 16 -19.31 -48.96 21.69
N UNK A 17 -18.41 -48.22 21.04
CA UNK A 17 -17.01 -48.63 20.89
C UNK A 17 -16.11 -47.54 21.47
N UNK A 18 -15.10 -47.95 22.24
CA UNK A 18 -14.14 -47.01 22.80
C UNK A 18 -12.77 -47.36 22.25
N UNK A 19 -12.23 -46.45 21.43
CA UNK A 19 -10.96 -46.64 20.73
C UNK A 19 -9.88 -45.87 21.48
N UNK A 20 -8.81 -46.57 21.87
CA UNK A 20 -7.71 -45.94 22.58
C UNK A 20 -6.60 -45.52 21.61
N UNK A 21 -5.75 -44.61 22.09
CA UNK A 21 -4.59 -44.12 21.34
C UNK A 21 -3.50 -43.78 22.37
N UNK A 22 -2.52 -44.67 22.53
CA UNK A 22 -1.46 -44.46 23.51
C UNK A 22 -0.35 -43.68 22.84
N UNK A 23 0.05 -42.58 23.46
CA UNK A 23 1.09 -41.70 22.94
C UNK A 23 2.42 -41.98 23.62
N UNK A 24 3.50 -41.90 22.85
CA UNK A 24 4.83 -42.00 23.43
C UNK A 24 5.81 -41.21 22.57
N UNK A 25 6.93 -40.85 23.20
CA UNK A 25 7.99 -40.12 22.53
C UNK A 25 7.87 -38.61 22.62
N UNK A 26 6.87 -38.09 23.33
CA UNK A 26 6.70 -36.65 23.46
C UNK A 26 5.95 -36.34 24.75
N UNK A 27 5.90 -35.04 25.06
CA UNK A 27 5.28 -34.55 26.30
C UNK A 27 3.83 -35.01 26.47
N UNK A 28 3.07 -35.11 25.38
CA UNK A 28 1.64 -35.47 25.33
C UNK A 28 0.78 -34.26 25.70
N UNK A 29 1.04 -33.65 26.85
CA UNK A 29 0.20 -32.54 27.30
C UNK A 29 0.42 -31.26 26.49
N UNK A 30 1.40 -31.22 25.59
CA UNK A 30 1.66 -30.05 24.76
C UNK A 30 0.84 -30.03 23.47
N UNK A 31 0.13 -31.10 23.13
CA UNK A 31 -0.65 -31.19 21.90
C UNK A 31 -2.03 -31.77 22.20
N UNK A 32 -3.00 -31.40 21.36
CA UNK A 32 -4.27 -32.09 21.36
C UNK A 32 -4.18 -33.28 20.41
N UNK A 33 -5.19 -34.13 20.47
CA UNK A 33 -5.29 -35.30 19.61
C UNK A 33 -6.61 -35.27 18.85
N UNK A 34 -6.51 -35.41 17.53
CA UNK A 34 -7.65 -35.43 16.63
C UNK A 34 -7.99 -36.88 16.32
N UNK A 35 -9.28 -37.14 16.12
CA UNK A 35 -9.76 -38.42 15.61
C UNK A 35 -10.39 -38.18 14.26
N UNK A 36 -9.97 -39.02 13.30
CA UNK A 36 -10.35 -38.99 11.89
C UNK A 36 -10.83 -40.38 11.47
N UNK A 37 -11.95 -40.43 10.74
CA UNK A 37 -12.53 -41.69 10.28
C UNK A 37 -12.43 -41.80 8.77
N UNK A 38 -12.27 -43.04 8.29
CA UNK A 38 -12.29 -43.32 6.87
C UNK A 38 -13.11 -44.58 6.61
N UNK A 39 -14.26 -44.43 5.98
CA UNK A 39 -15.09 -45.59 5.68
C UNK A 39 -14.32 -46.47 4.69
N UNK A 40 -14.59 -47.78 4.64
CA UNK A 40 -13.81 -48.65 3.74
C UNK A 40 -13.73 -48.18 2.30
N UNK A 41 -14.78 -47.54 1.78
CA UNK A 41 -14.80 -47.04 0.42
C UNK A 41 -14.74 -45.54 0.24
N UNK A 42 -14.43 -44.77 1.29
CA UNK A 42 -14.48 -43.31 1.24
C UNK A 42 -13.14 -42.69 1.65
N UNK A 43 -13.10 -41.37 1.60
CA UNK A 43 -11.95 -40.59 2.00
C UNK A 43 -12.00 -40.27 3.48
N UNK A 44 -11.13 -39.34 3.88
CA UNK A 44 -11.00 -38.97 5.28
C UNK A 44 -12.03 -37.91 5.64
N UNK A 45 -12.52 -37.98 6.87
CA UNK A 45 -13.35 -36.94 7.43
C UNK A 45 -12.92 -36.71 8.87
N UNK A 46 -12.95 -35.46 9.32
CA UNK A 46 -12.57 -35.19 10.69
C UNK A 46 -13.77 -35.45 11.61
N UNK A 47 -13.53 -36.14 12.72
CA UNK A 47 -14.58 -36.39 13.69
C UNK A 47 -14.50 -35.48 14.89
N UNK A 48 -13.29 -35.24 15.40
CA UNK A 48 -13.22 -34.42 16.60
C UNK A 48 -11.80 -34.27 17.08
N UNK A 49 -11.66 -33.42 18.09
CA UNK A 49 -10.38 -33.11 18.69
C UNK A 49 -10.57 -32.92 20.18
N UNK A 50 -9.58 -33.38 20.96
CA UNK A 50 -9.53 -33.18 22.40
C UNK A 50 -8.16 -32.63 22.77
N UNK A 51 -8.14 -31.60 23.61
CA UNK A 51 -6.88 -31.05 24.07
C UNK A 51 -6.34 -31.90 25.20
N UNK A 52 -5.11 -32.37 25.08
CA UNK A 52 -4.54 -33.12 26.19
C UNK A 52 -3.96 -32.17 27.23
N UNK A 53 -3.97 -30.86 26.94
CA UNK A 53 -3.47 -29.81 27.80
C UNK A 53 -4.52 -29.33 28.80
N UNK A 54 -5.72 -28.98 28.31
CA UNK A 54 -6.78 -28.43 29.15
C UNK A 54 -8.13 -29.13 29.06
N UNK A 55 -8.26 -30.19 28.26
CA UNK A 55 -9.51 -30.91 28.15
C UNK A 55 -10.55 -30.34 27.19
N UNK A 56 -10.25 -29.25 26.49
CA UNK A 56 -11.23 -28.67 25.57
C UNK A 56 -11.46 -29.63 24.40
N UNK A 57 -12.69 -29.69 23.92
CA UNK A 57 -13.04 -30.53 22.78
C UNK A 57 -13.79 -29.76 21.71
N UNK A 58 -13.82 -30.37 20.53
CA UNK A 58 -14.59 -29.89 19.38
C UNK A 58 -15.00 -31.14 18.60
N UNK A 59 -16.28 -31.24 18.25
CA UNK A 59 -16.80 -32.40 17.55
C UNK A 59 -17.52 -31.99 16.27
N UNK A 60 -17.48 -32.88 15.28
CA UNK A 60 -18.25 -32.67 14.06
C UNK A 60 -19.72 -32.62 14.46
N UNK A 61 -20.48 -31.73 13.83
CA UNK A 61 -21.88 -31.56 14.23
C UNK A 61 -22.69 -32.84 14.06
N UNK A 62 -22.42 -33.62 13.01
CA UNK A 62 -23.20 -34.84 12.81
C UNK A 62 -22.93 -35.88 13.89
N UNK A 63 -21.84 -35.76 14.63
CA UNK A 63 -21.47 -36.69 15.69
C UNK A 63 -21.71 -36.15 17.10
N UNK A 64 -22.28 -34.96 17.25
CA UNK A 64 -22.44 -34.41 18.58
C UNK A 64 -23.55 -35.17 19.30
N UNK A 65 -23.27 -35.56 20.54
CA UNK A 65 -24.16 -36.35 21.36
C UNK A 65 -23.88 -37.84 21.31
N UNK A 66 -23.09 -38.29 20.34
CA UNK A 66 -22.72 -39.69 20.18
C UNK A 66 -21.24 -39.94 20.45
N UNK A 67 -20.38 -38.94 20.28
CA UNK A 67 -18.94 -39.07 20.47
C UNK A 67 -18.50 -38.25 21.67
N UNK A 68 -17.81 -38.90 22.60
CA UNK A 68 -17.20 -38.25 23.76
C UNK A 68 -15.73 -38.61 23.76
N UNK A 69 -14.87 -37.60 23.84
CA UNK A 69 -13.43 -37.79 23.89
C UNK A 69 -12.89 -37.46 25.27
N UNK A 70 -11.94 -38.29 25.72
CA UNK A 70 -11.27 -38.08 27.00
C UNK A 70 -9.78 -38.34 26.80
N UNK A 71 -8.98 -37.91 27.79
CA UNK A 71 -7.57 -38.23 27.83
C UNK A 71 -7.22 -38.69 29.23
N UNK A 72 -6.14 -39.47 29.31
CA UNK A 72 -5.53 -39.90 30.56
C UNK A 72 -4.08 -39.45 30.55
N UNK A 73 -3.82 -38.40 31.33
CA UNK A 73 -2.49 -37.80 31.37
C UNK A 73 -1.47 -38.78 31.93
N UNK A 74 -1.85 -39.50 33.00
CA UNK A 74 -0.92 -40.37 33.69
C UNK A 74 -0.39 -41.47 32.78
N UNK A 75 -1.23 -41.98 31.86
CA UNK A 75 -0.82 -43.03 30.94
C UNK A 75 -0.57 -42.50 29.53
N UNK A 76 -0.61 -41.17 29.35
CA UNK A 76 -0.43 -40.52 28.04
C UNK A 76 -1.29 -41.17 26.97
N UNK A 77 -2.55 -41.47 27.30
CA UNK A 77 -3.44 -42.18 26.39
C UNK A 77 -4.74 -41.40 26.18
N UNK A 78 -5.14 -41.28 24.92
CA UNK A 78 -6.39 -40.63 24.55
C UNK A 78 -7.43 -41.71 24.27
N UNK A 79 -8.69 -41.41 24.55
CA UNK A 79 -9.77 -42.34 24.27
C UNK A 79 -10.88 -41.59 23.57
N UNK A 80 -11.55 -42.32 22.69
CA UNK A 80 -12.77 -41.88 22.01
C UNK A 80 -13.87 -42.91 22.13
N UNK A 81 -15.01 -42.52 22.71
CA UNK A 81 -16.18 -43.39 22.84
C UNK A 81 -17.22 -42.94 21.83
N UNK A 82 -17.58 -43.82 20.90
CA UNK A 82 -18.60 -43.60 19.89
C UNK A 82 -19.82 -44.45 20.24
N UNK A 83 -20.90 -43.78 20.62
CA UNK A 83 -22.13 -44.39 21.10
C UNK A 83 -23.13 -44.63 19.96
N UNK A 84 -24.06 -45.54 20.23
CA UNK A 84 -25.19 -45.84 19.33
C UNK A 84 -24.71 -46.17 17.91
N UNK A 85 -23.79 -47.12 17.82
CA UNK A 85 -23.21 -47.47 16.53
C UNK A 85 -24.25 -47.97 15.54
N UNK A 86 -24.11 -47.51 14.30
CA UNK A 86 -24.94 -47.90 13.17
C UNK A 86 -24.05 -48.60 12.16
N UNK A 87 -24.66 -49.31 11.21
CA UNK A 87 -23.84 -49.99 10.21
C UNK A 87 -23.03 -49.01 9.36
N UNK A 88 -23.46 -47.73 9.32
CA UNK A 88 -22.76 -46.69 8.60
C UNK A 88 -21.48 -46.27 9.29
N UNK A 89 -21.24 -46.72 10.52
CA UNK A 89 -20.05 -46.38 11.28
C UNK A 89 -18.93 -47.39 11.11
N UNK A 90 -19.08 -48.39 10.25
CA UNK A 90 -17.97 -49.29 9.99
C UNK A 90 -16.90 -48.49 9.26
N UNK A 91 -15.69 -48.48 9.80
CA UNK A 91 -14.64 -47.65 9.22
C UNK A 91 -13.32 -47.97 9.91
N UNK A 92 -12.23 -47.41 9.36
CA UNK A 92 -10.95 -47.41 10.05
C UNK A 92 -10.79 -46.04 10.71
N UNK A 93 -10.51 -46.06 12.01
CA UNK A 93 -10.37 -44.89 12.84
C UNK A 93 -8.90 -44.62 13.11
N UNK A 94 -8.48 -43.36 12.96
CA UNK A 94 -7.12 -42.95 13.22
C UNK A 94 -7.10 -41.83 14.25
N UNK A 95 -6.05 -41.82 15.06
CA UNK A 95 -5.74 -40.72 15.96
C UNK A 95 -4.53 -40.02 15.37
N UNK A 96 -4.44 -38.71 15.60
CA UNK A 96 -3.27 -37.96 15.17
C UNK A 96 -2.94 -36.88 16.17
N UNK A 97 -1.65 -36.57 16.27
CA UNK A 97 -1.21 -35.49 17.12
C UNK A 97 -1.60 -34.20 16.43
N UNK A 98 -2.34 -33.34 17.13
CA UNK A 98 -2.91 -32.15 16.52
C UNK A 98 -2.30 -30.82 16.89
N UNK A 99 -3.18 -29.89 17.26
CA UNK A 99 -2.80 -28.52 17.53
C UNK A 99 -1.91 -28.42 18.77
N UNK A 100 -0.84 -27.62 18.65
CA UNK A 100 0.03 -27.36 19.79
C UNK A 100 -0.75 -26.59 20.84
N UNK A 101 -0.52 -26.91 22.11
CA UNK A 101 -1.22 -26.26 23.21
C UNK A 101 -0.22 -25.75 24.24
N UNK A 102 -0.56 -24.61 24.85
CA UNK A 102 0.21 -24.00 25.91
C UNK A 102 1.36 -23.15 25.44
N UNK A 103 1.61 -23.08 24.13
CA UNK A 103 2.72 -22.35 23.54
C UNK A 103 2.16 -21.52 22.39
N UNK A 104 2.68 -20.31 22.22
CA UNK A 104 2.24 -19.47 21.12
C UNK A 104 2.84 -20.02 19.83
N UNK A 105 1.98 -20.23 18.83
CA UNK A 105 2.38 -20.81 17.55
C UNK A 105 2.80 -19.76 16.53
N UNK A 106 4.06 -19.82 16.11
CA UNK A 106 4.63 -18.98 15.07
C UNK A 106 4.79 -19.74 13.77
N UNK A 107 5.08 -21.03 13.90
CA UNK A 107 5.34 -21.95 12.79
C UNK A 107 4.04 -22.65 12.41
N UNK A 108 3.56 -22.43 11.18
CA UNK A 108 2.28 -22.97 10.75
C UNK A 108 2.22 -24.50 10.80
N UNK A 109 3.38 -25.15 10.93
CA UNK A 109 3.45 -26.60 11.11
C UNK A 109 2.53 -27.03 12.25
N UNK A 110 2.49 -26.25 13.33
CA UNK A 110 1.78 -26.66 14.52
C UNK A 110 0.26 -26.51 14.37
N UNK A 111 -0.27 -26.14 13.20
CA UNK A 111 -1.71 -26.14 13.00
C UNK A 111 -2.19 -27.35 12.21
N UNK A 112 -1.29 -28.27 11.87
CA UNK A 112 -1.59 -29.45 11.11
C UNK A 112 -1.44 -30.68 11.98
N UNK A 113 -1.99 -31.80 11.50
CA UNK A 113 -1.78 -33.08 12.14
C UNK A 113 -0.51 -33.62 11.50
N UNK A 114 0.38 -34.21 12.32
CA UNK A 114 1.64 -34.74 11.80
C UNK A 114 1.84 -36.23 12.03
N UNK A 115 1.98 -36.70 13.27
CA UNK A 115 2.18 -38.12 13.54
C UNK A 115 0.84 -38.83 13.64
N UNK A 116 0.65 -39.84 12.81
CA UNK A 116 -0.57 -40.63 12.77
C UNK A 116 -0.25 -42.01 13.34
N UNK A 117 -1.23 -42.60 14.03
CA UNK A 117 -1.09 -43.94 14.54
C UNK A 117 -1.55 -44.97 13.53
N UNK A 118 -1.41 -46.24 13.90
CA UNK A 118 -1.93 -47.30 13.05
C UNK A 118 -3.44 -47.24 13.16
N UNK A 119 -4.16 -47.65 12.12
CA UNK A 119 -5.59 -47.56 12.21
C UNK A 119 -6.22 -48.67 13.02
N UNK A 120 -7.43 -48.38 13.50
CA UNK A 120 -8.27 -49.32 14.22
C UNK A 120 -9.50 -49.60 13.36
N UNK A 121 -9.69 -50.86 12.98
CA UNK A 121 -10.84 -51.19 12.15
C UNK A 121 -12.00 -51.51 13.07
N UNK A 122 -13.14 -50.84 12.86
CA UNK A 122 -14.34 -51.10 13.62
C UNK A 122 -15.42 -51.54 12.64
N UNK A 123 -15.96 -52.74 12.86
CA UNK A 123 -17.01 -53.31 12.04
C UNK A 123 -18.30 -53.27 12.85
N UNK A 124 -19.37 -52.74 12.25
CA UNK A 124 -20.67 -52.67 12.90
C UNK A 124 -21.64 -53.50 12.08
N UNK A 125 -22.28 -54.47 12.73
CA UNK A 125 -23.20 -55.36 12.05
C UNK A 125 -24.47 -54.63 11.64
N UNK A 126 -25.14 -55.18 10.62
CA UNK A 126 -26.41 -54.64 10.14
C UNK A 126 -27.58 -55.46 10.67
N UNK B 1 -16.19 -24.35 6.66
CA UNK B 1 -15.85 -24.11 5.26
C UNK B 1 -15.70 -25.47 4.60
N UNK B 2 -16.23 -25.59 3.38
CA UNK B 2 -16.20 -26.83 2.62
C UNK B 2 -15.07 -26.77 1.58
N UNK B 3 -14.25 -27.81 1.55
CA UNK B 3 -13.14 -27.95 0.62
C UNK B 3 -13.52 -28.97 -0.44
N UNK B 4 -13.49 -28.56 -1.71
CA UNK B 4 -13.77 -29.45 -2.84
C UNK B 4 -12.53 -29.60 -3.68
N UNK B 5 -12.09 -30.85 -3.90
CA UNK B 5 -10.94 -31.10 -4.77
C UNK B 5 -11.45 -31.24 -6.20
N UNK B 6 -10.84 -30.49 -7.12
CA UNK B 6 -11.33 -30.43 -8.49
C UNK B 6 -11.15 -31.70 -9.32
N UNK B 7 -9.94 -32.23 -9.51
CA UNK B 7 -9.77 -33.34 -10.48
C UNK B 7 -10.45 -34.66 -10.11
N UNK B 8 -10.70 -34.97 -8.84
CA UNK B 8 -11.32 -36.25 -8.53
C UNK B 8 -10.32 -37.39 -8.59
N UNK B 9 -9.79 -37.64 -9.78
CA UNK B 9 -8.79 -38.68 -10.02
C UNK B 9 -7.98 -38.27 -11.23
N UNK B 10 -6.70 -38.68 -11.26
CA UNK B 10 -5.80 -38.38 -12.36
C UNK B 10 -5.14 -39.63 -12.94
N UNK B 11 -5.00 -39.64 -14.26
CA UNK B 11 -4.28 -40.67 -14.99
C UNK B 11 -2.91 -40.07 -15.30
N UNK B 12 -1.85 -40.67 -14.78
CA UNK B 12 -0.53 -40.07 -14.82
C UNK B 12 0.55 -41.10 -15.12
N UNK B 13 1.54 -40.69 -15.97
CA UNK B 13 2.69 -41.53 -16.26
C UNK B 13 3.88 -41.08 -15.41
N UNK B 14 4.81 -41.97 -15.03
CA UNK B 14 6.01 -41.50 -14.32
C UNK B 14 6.77 -40.45 -15.15
N UNK B 15 7.23 -39.40 -14.45
CA UNK B 15 7.94 -38.31 -15.06
C UNK B 15 7.09 -37.10 -15.40
N UNK B 16 5.77 -37.25 -15.40
CA UNK B 16 4.85 -36.16 -15.69
C UNK B 16 4.56 -35.35 -14.43
N UNK B 17 4.04 -34.14 -14.64
CA UNK B 17 3.66 -33.26 -13.54
C UNK B 17 2.17 -33.42 -13.25
N UNK B 18 1.83 -33.61 -11.97
CA UNK B 18 0.47 -33.71 -11.49
C UNK B 18 0.08 -32.46 -10.69
N UNK B 19 -1.02 -31.82 -11.07
CA UNK B 19 -1.50 -30.64 -10.35
C UNK B 19 -2.84 -30.99 -9.72
N UNK B 20 -2.92 -30.86 -8.40
CA UNK B 20 -4.08 -31.19 -7.59
C UNK B 20 -4.64 -29.90 -7.00
N UNK B 21 -5.77 -29.43 -7.52
CA UNK B 21 -6.36 -28.18 -7.09
C UNK B 21 -7.42 -28.43 -6.01
N UNK B 22 -7.55 -27.47 -5.11
CA UNK B 22 -8.52 -27.52 -4.03
C UNK B 22 -9.16 -26.15 -3.94
N UNK B 23 -10.50 -26.11 -3.98
CA UNK B 23 -11.25 -24.86 -3.93
C UNK B 23 -12.12 -24.83 -2.68
N UNK B 24 -11.95 -23.78 -1.89
CA UNK B 24 -12.71 -23.55 -0.67
C UNK B 24 -13.99 -22.79 -0.95
N UNK B 25 -15.04 -23.12 -0.18
CA UNK B 25 -16.30 -22.40 -0.29
C UNK B 25 -16.19 -20.95 0.21
N UNK B 26 -15.17 -20.66 1.02
CA UNK B 26 -14.91 -19.34 1.58
C UNK B 26 -13.41 -19.10 1.53
N UNK B 27 -13.01 -17.83 1.58
CA UNK B 27 -11.59 -17.51 1.57
C UNK B 27 -10.92 -18.17 2.77
N UNK B 28 -9.73 -18.73 2.54
CA UNK B 28 -8.97 -19.44 3.56
C UNK B 28 -7.59 -18.84 3.72
N UNK B 29 -7.15 -18.67 4.97
CA UNK B 29 -5.80 -18.22 5.22
C UNK B 29 -4.85 -19.30 4.70
N UNK B 30 -3.80 -18.88 3.98
CA UNK B 30 -2.90 -19.89 3.41
C UNK B 30 -2.14 -20.65 4.48
N UNK B 31 -1.92 -20.04 5.65
CA UNK B 31 -1.20 -20.69 6.75
C UNK B 31 -1.95 -21.89 7.33
N UNK B 32 -3.23 -22.07 7.05
CA UNK B 32 -4.04 -23.16 7.57
C UNK B 32 -4.29 -24.30 6.59
N UNK B 33 -3.66 -24.28 5.41
CA UNK B 33 -3.83 -25.35 4.43
C UNK B 33 -2.67 -26.33 4.47
N UNK B 34 -3.01 -27.62 4.54
CA UNK B 34 -2.04 -28.70 4.53
C UNK B 34 -2.49 -29.77 3.55
N UNK B 35 -1.53 -30.47 2.96
CA UNK B 35 -1.79 -31.59 2.07
C UNK B 35 -1.19 -32.85 2.65
N UNK B 36 -1.94 -33.95 2.54
CA UNK B 36 -1.56 -35.27 3.05
C UNK B 36 -1.58 -36.30 1.94
N UNK B 37 -0.64 -37.25 1.99
CA UNK B 37 -0.58 -38.35 1.04
C UNK B 37 -0.89 -39.65 1.79
N UNK B 38 -1.87 -40.40 1.29
CA UNK B 38 -2.29 -41.68 1.88
C UNK B 38 -2.06 -42.82 0.90
N UNK B 39 -1.13 -43.71 1.25
CA UNK B 39 -0.86 -44.90 0.45
C UNK B 39 -1.89 -45.96 0.85
N UNK B 40 -2.34 -46.82 -0.07
CA UNK B 40 -3.33 -47.84 0.32
C UNK B 40 -2.84 -48.71 1.48
N UNK B 41 -3.72 -48.88 2.47
CA UNK B 41 -3.43 -49.70 3.63
C UNK B 41 -2.71 -49.01 4.76
N UNK B 42 -2.24 -47.78 4.53
CA UNK B 42 -1.47 -47.01 5.51
C UNK B 42 -2.23 -45.77 5.96
N UNK B 43 -1.86 -45.29 7.14
CA UNK B 43 -2.34 -44.02 7.63
C UNK B 43 -1.74 -42.89 6.77
N UNK B 44 -2.45 -41.78 6.59
CA UNK B 44 -1.91 -40.69 5.79
C UNK B 44 -0.72 -40.05 6.49
N UNK B 45 0.09 -39.35 5.71
CA UNK B 45 1.23 -38.62 6.25
C UNK B 45 1.21 -37.21 5.69
N UNK B 46 1.65 -36.27 6.53
CA UNK B 46 1.72 -34.88 6.12
C UNK B 46 2.78 -34.67 5.05
N UNK B 47 2.40 -33.95 4.00
CA UNK B 47 3.30 -33.55 2.93
C UNK B 47 3.60 -32.07 2.94
N UNK B 48 2.56 -31.24 2.92
CA UNK B 48 2.70 -29.79 2.82
C UNK B 48 1.89 -29.13 3.93
N UNK B 49 2.45 -28.10 4.52
CA UNK B 49 1.79 -27.30 5.54
C UNK B 49 2.03 -25.82 5.24
N UNK B 50 1.09 -24.99 5.68
CA UNK B 50 1.15 -23.56 5.46
C UNK B 50 0.91 -23.17 4.02
N UNK B 51 0.27 -24.04 3.25
CA UNK B 51 -0.01 -23.96 1.81
C UNK B 51 1.24 -24.02 0.93
N UNK B 52 2.44 -24.15 1.49
CA UNK B 52 3.64 -24.16 0.64
C UNK B 52 4.87 -24.84 1.24
N UNK B 53 4.95 -24.91 2.57
CA UNK B 53 6.16 -25.47 3.18
C UNK B 53 6.21 -26.98 3.02
N UNK B 54 7.41 -27.49 2.77
CA UNK B 54 7.62 -28.93 2.59
C UNK B 54 7.89 -29.61 3.93
N UNK B 55 7.22 -30.73 4.17
CA UNK B 55 7.41 -31.49 5.40
C UNK B 55 8.79 -32.15 5.43
N UNK B 56 9.30 -32.34 6.65
CA UNK B 56 10.58 -32.99 6.82
C UNK B 56 10.54 -34.42 6.27
N UNK B 57 11.54 -34.77 5.46
CA UNK B 57 11.64 -36.09 4.88
C UNK B 57 10.93 -36.24 3.56
N UNK B 58 10.26 -35.20 3.08
CA UNK B 58 9.50 -35.22 1.83
C UNK B 58 10.40 -34.74 0.70
N UNK B 59 10.48 -35.44 -0.44
CA UNK B 59 11.39 -35.00 -1.51
C UNK B 59 10.93 -33.71 -2.18
N UNK B 60 11.90 -33.07 -2.85
CA UNK B 60 11.72 -31.79 -3.52
C UNK B 60 10.78 -31.85 -4.71
N UNK B 61 10.32 -33.04 -5.09
CA UNK B 61 9.33 -33.18 -6.16
C UNK B 61 8.02 -32.51 -5.80
N UNK B 62 7.68 -32.47 -4.52
CA UNK B 62 6.42 -31.91 -4.05
C UNK B 62 6.57 -30.44 -3.72
N UNK B 63 5.62 -29.64 -4.25
CA UNK B 63 5.59 -28.17 -4.02
C UNK B 63 4.12 -27.70 -4.00
N UNK B 64 3.76 -26.66 -3.22
CA UNK B 64 2.37 -26.17 -3.30
C UNK B 64 2.26 -24.65 -3.24
N UNK B 65 1.24 -24.08 -3.88
CA UNK B 65 0.98 -22.63 -3.78
C UNK B 65 -0.48 -22.45 -3.37
N UNK B 66 -0.80 -21.47 -2.52
CA UNK B 66 -2.24 -21.35 -2.23
C UNK B 66 -2.72 -19.92 -1.97
N UNK B 67 -4.01 -19.67 -2.18
CA UNK B 67 -4.57 -18.36 -1.77
C UNK B 67 -6.09 -18.45 -1.59
N UNK B 68 -6.70 -17.61 -0.75
CA UNK B 68 -8.17 -17.51 -0.76
C UNK B 68 -8.85 -18.88 -0.67
N UNK B 69 -9.72 -19.14 -1.65
CA UNK B 69 -10.39 -20.45 -1.73
C UNK B 69 -9.72 -21.33 -2.77
N UNK B 70 -8.61 -20.89 -3.36
CA UNK B 70 -7.87 -21.73 -4.32
C UNK B 70 -6.48 -22.09 -3.79
N UNK B 71 -6.15 -23.38 -3.78
CA UNK B 71 -4.82 -23.80 -3.29
C UNK B 71 -4.35 -25.03 -4.07
N UNK B 72 -3.32 -24.90 -4.91
CA UNK B 72 -2.88 -26.03 -5.73
C UNK B 72 -1.59 -26.65 -5.19
N UNK B 73 -1.57 -27.98 -5.21
CA UNK B 73 -0.38 -28.80 -4.95
C UNK B 73 0.15 -29.30 -6.29
N UNK B 74 1.47 -29.25 -6.47
CA UNK B 74 2.13 -29.73 -7.69
C UNK B 74 3.12 -30.82 -7.32
N UNK B 75 3.07 -31.93 -8.07
CA UNK B 75 4.01 -33.03 -7.92
C UNK B 75 4.75 -33.16 -9.24
N UNK B 76 6.01 -32.74 -9.26
CA UNK B 76 6.81 -32.83 -10.48
C UNK B 76 7.55 -34.16 -10.50
N UNK B 77 8.01 -34.56 -11.69
CA UNK B 77 8.88 -35.73 -11.86
C UNK B 77 8.33 -36.97 -11.16
N UNK B 78 7.05 -37.28 -11.42
CA UNK B 78 6.37 -38.38 -10.73
C UNK B 78 7.15 -39.69 -10.76
N UNK B 79 7.27 -40.30 -9.59
CA UNK B 79 7.89 -41.59 -9.35
C UNK B 79 6.84 -42.59 -8.88
N UNK B 80 7.12 -43.92 -8.95
CA UNK B 80 6.14 -44.93 -8.50
C UNK B 80 5.62 -44.71 -7.08
N UNK B 81 6.35 -43.99 -6.23
CA UNK B 81 5.94 -43.73 -4.86
C UNK B 81 5.03 -42.51 -4.73
N UNK B 82 4.76 -41.81 -5.82
CA UNK B 82 3.92 -40.61 -5.81
C UNK B 82 2.48 -40.90 -6.20
N UNK B 83 2.11 -42.18 -6.33
CA UNK B 83 0.75 -42.58 -6.69
C UNK B 83 0.04 -43.01 -5.40
N UNK B 84 -0.89 -42.17 -4.95
CA UNK B 84 -1.55 -42.31 -3.66
C UNK B 84 -2.76 -41.40 -3.69
N UNK B 85 -3.59 -41.48 -2.64
CA UNK B 85 -4.71 -40.56 -2.51
C UNK B 85 -4.25 -39.34 -1.73
N UNK B 86 -4.49 -38.14 -2.27
CA UNK B 86 -4.07 -36.89 -1.65
C UNK B 86 -5.27 -36.14 -1.08
N UNK B 87 -5.10 -35.62 0.14
CA UNK B 87 -6.18 -34.91 0.83
C UNK B 87 -5.80 -33.47 1.13
N UNK B 88 -6.80 -32.59 0.96
CA UNK B 88 -6.74 -31.16 1.25
C UNK B 88 -7.28 -30.92 2.67
N UNK B 89 -6.46 -30.39 3.56
CA UNK B 89 -6.82 -30.15 4.97
C UNK B 89 -6.81 -28.67 5.30
N UNK B 90 -7.91 -28.19 5.89
CA UNK B 90 -8.04 -26.82 6.36
C UNK B 90 -8.23 -26.76 7.86
N UNK B 91 -7.39 -25.99 8.53
CA UNK B 91 -7.54 -25.70 9.95
C UNK B 91 -8.46 -24.48 10.06
N UNK B 92 -9.47 -24.54 10.92
CA UNK B 92 -10.36 -23.42 11.13
C UNK B 92 -9.86 -22.53 12.26
N UNK B 93 -10.69 -21.56 12.64
CA UNK B 93 -10.26 -20.72 13.75
C UNK B 93 -10.35 -21.51 15.04
N UNK B 94 -11.37 -22.35 15.13
CA UNK B 94 -11.61 -23.26 16.23
C UNK B 94 -10.73 -24.47 15.99
N UNK B 95 -10.55 -25.34 16.97
CA UNK B 95 -9.73 -26.54 16.67
C UNK B 95 -10.56 -27.55 15.87
N UNK B 96 -10.83 -27.14 14.64
CA UNK B 96 -11.69 -27.79 13.67
C UNK B 96 -10.92 -27.97 12.38
N UNK B 97 -10.85 -29.21 11.89
CA UNK B 97 -10.04 -29.48 10.67
C UNK B 97 -10.97 -30.01 9.57
N UNK B 98 -10.74 -29.59 8.32
CA UNK B 98 -11.54 -30.13 7.21
C UNK B 98 -10.63 -30.98 6.31
N UNK B 99 -11.02 -32.24 6.07
CA UNK B 99 -10.24 -33.11 5.17
C UNK B 99 -11.10 -33.39 3.94
N UNK B 100 -11.06 -32.51 2.93
CA UNK B 100 -11.96 -32.69 1.78
C UNK B 100 -11.81 -34.10 1.17
N UNK B 101 -12.79 -34.55 0.39
CA UNK B 101 -12.68 -35.85 -0.30
C UNK B 101 -11.44 -35.85 -1.19
N UNK B 102 -10.67 -36.92 -1.19
CA UNK B 102 -9.35 -36.94 -1.84
C UNK B 102 -9.41 -36.99 -3.37
N UNK B 103 -8.28 -36.71 -4.02
CA UNK B 103 -8.14 -36.91 -5.48
C UNK B 103 -7.19 -38.11 -5.60
N UNK B 104 -7.51 -39.13 -6.39
CA UNK B 104 -6.70 -40.37 -6.42
C UNK B 104 -5.81 -40.43 -7.67
N UNK B 105 -4.53 -40.74 -7.47
CA UNK B 105 -3.57 -40.73 -8.58
C UNK B 105 -3.11 -42.16 -8.85
N UNK B 106 -3.39 -42.66 -10.07
CA UNK B 106 -3.04 -44.01 -10.51
C UNK B 106 -2.24 -43.93 -11.80
N UNK B 107 -1.36 -44.90 -11.99
CA UNK B 107 -0.56 -44.98 -13.21
C UNK B 107 -1.45 -45.14 -14.43
N ASN C 8 -26.81 11.98 61.28
CA ASN C 8 -27.17 10.75 60.60
C ASN C 8 -26.19 9.63 60.93
N SER C 9 -26.68 8.39 60.84
CA SER C 9 -25.87 7.20 61.09
C SER C 9 -25.11 6.73 59.86
N THR C 10 -25.36 7.35 58.70
CA THR C 10 -24.76 6.98 57.43
C THR C 10 -24.14 8.21 56.79
N ALA C 11 -23.41 7.98 55.70
CA ALA C 11 -22.77 9.07 54.97
C ALA C 11 -22.76 8.70 53.50
N THR C 12 -22.67 9.71 52.65
CA THR C 12 -22.59 9.50 51.21
C THR C 12 -21.24 9.99 50.72
N LEU C 13 -20.54 9.13 49.98
CA LEU C 13 -19.26 9.47 49.37
C LEU C 13 -19.40 9.30 47.87
N CYS C 14 -19.35 10.41 47.14
CA CYS C 14 -19.55 10.44 45.71
C CYS C 14 -18.23 10.62 45.00
N LEU C 15 -18.09 9.96 43.86
CA LEU C 15 -16.92 10.09 43.02
C LEU C 15 -17.33 10.78 41.75
N GLY C 16 -16.42 11.57 41.20
CA GLY C 16 -16.75 12.28 40.00
C GLY C 16 -15.50 12.82 39.35
N HIS C 17 -15.72 13.63 38.32
CA HIS C 17 -14.65 14.19 37.54
C HIS C 17 -14.99 15.61 37.13
N HIS C 18 -13.98 16.35 36.71
CA HIS C 18 -14.20 17.76 36.39
C HIS C 18 -14.97 17.92 35.09
N ALA C 19 -15.50 19.13 34.92
CA ALA C 19 -16.21 19.57 33.73
C ALA C 19 -15.84 21.03 33.53
N VAL C 20 -16.05 21.54 32.31
CA VAL C 20 -15.75 22.94 32.03
C VAL C 20 -16.97 23.63 31.40
N PRO C 21 -17.20 24.93 31.63
CA PRO C 21 -18.29 25.62 30.94
C PRO C 21 -18.15 25.70 29.43
N ASN C 22 -16.93 25.57 28.88
CA ASN C 22 -16.71 25.72 27.44
C ASN C 22 -15.79 24.61 26.91
N GLY C 23 -16.41 23.53 26.42
CA GLY C 23 -15.69 22.38 25.93
C GLY C 23 -15.38 22.53 24.45
N THR C 24 -14.78 21.48 23.90
CA THR C 24 -14.37 21.42 22.50
C THR C 24 -14.97 20.17 21.87
N ILE C 25 -15.40 20.27 20.62
CA ILE C 25 -15.98 19.13 19.92
C ILE C 25 -14.89 18.41 19.15
N VAL C 26 -14.77 17.10 19.40
CA VAL C 26 -13.79 16.25 18.73
C VAL C 26 -14.52 15.05 18.14
N LYS C 27 -13.85 14.38 17.20
CA LYS C 27 -14.36 13.18 16.57
C LYS C 27 -13.74 11.92 17.18
N THR C 28 -14.55 10.87 17.28
CA THR C 28 -14.14 9.54 17.70
C THR C 28 -14.69 8.53 16.71
N ILE C 29 -14.31 7.26 16.91
CA ILE C 29 -14.86 6.19 16.09
C ILE C 29 -16.35 6.03 16.35
N THR C 30 -16.75 6.10 17.62
CA THR C 30 -18.15 5.92 17.98
C THR C 30 -19.03 7.09 17.56
N ASN C 31 -18.56 8.34 17.72
CA ASN C 31 -19.40 9.50 17.51
C ASN C 31 -18.61 10.62 16.85
N ASP C 32 -19.20 11.22 15.82
CA ASP C 32 -18.58 12.33 15.11
C ASP C 32 -18.46 13.60 15.94
N GLN C 33 -19.34 13.84 16.91
CA GLN C 33 -19.27 15.06 17.72
C GLN C 33 -19.40 14.82 19.23
N ILE C 34 -18.28 14.56 19.89
CA ILE C 34 -18.26 14.38 21.34
C ILE C 34 -17.55 15.58 21.94
N GLU C 35 -18.16 16.18 22.97
CA GLU C 35 -17.58 17.33 23.64
C GLU C 35 -16.62 16.86 24.72
N VAL C 36 -15.42 17.46 24.75
CA VAL C 36 -14.38 17.14 25.71
C VAL C 36 -13.96 18.41 26.44
N THR C 37 -13.37 18.21 27.61
CA THR C 37 -12.95 19.34 28.43
C THR C 37 -11.83 20.14 27.76
N ASN C 38 -10.95 19.47 27.02
CA ASN C 38 -9.86 20.17 26.35
C ASN C 38 -9.45 19.39 25.10
N ALA C 39 -8.84 20.10 24.16
CA ALA C 39 -8.33 19.48 22.94
C ALA C 39 -7.24 20.38 22.37
N THR C 40 -6.33 19.78 21.61
CA THR C 40 -5.27 20.51 20.92
C THR C 40 -5.34 20.31 19.42
N GLU C 41 -4.98 21.35 18.68
CA GLU C 41 -4.97 21.30 17.22
C GLU C 41 -3.73 20.57 16.73
N LEU C 42 -3.92 19.57 15.86
CA LEU C 42 -2.81 18.84 15.24
C LEU C 42 -2.52 19.27 13.81
N VAL C 43 -3.26 20.21 13.25
CA VAL C 43 -3.02 20.71 11.89
C VAL C 43 -2.60 22.17 11.97
N GLN C 44 -1.41 22.47 11.47
CA GLN C 44 -0.93 23.84 11.41
C GLN C 44 -1.55 24.46 10.18
N SER C 45 -2.43 25.45 10.36
CA SER C 45 -3.19 26.04 9.26
C SER C 45 -2.76 27.45 8.90
N SER C 46 -1.71 27.99 9.51
CA SER C 46 -1.27 29.33 9.20
C SER C 46 0.25 29.40 9.30
N SER C 47 0.82 30.29 8.50
CA SER C 47 2.26 30.56 8.48
C SER C 47 2.55 31.90 9.13
N THR C 48 3.85 32.16 9.31
CA THR C 48 4.28 33.44 9.86
C THR C 48 4.37 34.51 8.78
N GLY C 49 4.39 34.10 7.51
CA GLY C 49 4.50 34.99 6.39
C GLY C 49 5.91 35.30 5.95
N GLU C 50 6.92 34.80 6.66
CA GLU C 50 8.31 35.04 6.33
C GLU C 50 9.09 33.73 6.29
N ILE C 51 10.08 33.69 5.40
CA ILE C 51 11.03 32.58 5.30
C ILE C 51 12.18 32.89 6.25
N CYS C 52 12.54 31.92 7.09
CA CYS C 52 13.61 32.11 8.06
C CYS C 52 15.00 31.86 7.49
N ASP C 53 15.94 32.72 7.90
CA ASP C 53 17.34 32.59 7.53
C ASP C 53 18.02 31.39 8.18
N SER C 54 17.53 30.95 9.33
CA SER C 54 18.07 29.80 10.04
C SER C 54 17.03 28.69 10.14
N PRO C 55 17.45 27.43 10.32
CA PRO C 55 18.81 26.89 10.32
C PRO C 55 19.35 26.61 8.91
N HIS C 56 18.51 26.75 7.89
CA HIS C 56 18.88 26.42 6.52
C HIS C 56 19.45 27.65 5.82
N GLN C 57 20.39 27.44 4.91
CA GLN C 57 20.94 28.55 4.14
C GLN C 57 19.98 28.87 3.01
N ILE C 58 19.45 30.10 3.03
CA ILE C 58 18.44 30.55 2.08
C ILE C 58 19.08 31.53 1.11
N LEU C 59 18.91 31.28 -0.18
CA LEU C 59 19.41 32.16 -1.24
C LEU C 59 18.21 32.80 -1.90
N ASP C 60 18.09 34.12 -1.75
CA ASP C 60 16.98 34.86 -2.34
C ASP C 60 17.31 35.11 -3.81
N GLY C 61 16.51 34.54 -4.71
CA GLY C 61 16.83 34.69 -6.12
C GLY C 61 16.58 36.09 -6.67
N LYS C 62 15.93 36.97 -5.90
CA LYS C 62 15.64 38.34 -6.32
C LYS C 62 14.95 38.32 -7.69
N ASN C 63 15.56 38.91 -8.72
CA ASN C 63 14.98 38.96 -10.05
C ASN C 63 15.42 37.79 -10.92
N CYS C 64 16.17 36.85 -10.34
CA CYS C 64 16.78 35.75 -11.07
C CYS C 64 16.10 34.42 -10.80
N THR C 65 16.10 33.57 -11.82
CA THR C 65 15.77 32.16 -11.69
C THR C 65 17.08 31.42 -11.44
N LEU C 66 16.97 30.15 -11.06
CA LEU C 66 18.19 29.37 -10.85
C LEU C 66 18.97 29.20 -12.14
N ILE C 67 18.28 29.01 -13.27
CA ILE C 67 18.97 28.84 -14.54
C ILE C 67 19.68 30.12 -14.94
N ASP C 68 19.07 31.29 -14.71
CA ASP C 68 19.76 32.53 -15.07
C ASP C 68 21.03 32.69 -14.23
N ALA C 69 20.97 32.30 -12.96
CA ALA C 69 22.14 32.37 -12.10
C ALA C 69 23.20 31.37 -12.56
N LEU C 70 22.74 30.22 -13.07
CA LEU C 70 23.64 29.20 -13.58
C LEU C 70 24.36 29.67 -14.83
N LEU C 71 23.64 30.32 -15.74
CA LEU C 71 24.25 30.74 -17.00
C LEU C 71 25.10 31.98 -16.83
N GLY C 72 24.79 32.85 -15.88
CA GLY C 72 25.55 34.07 -15.68
C GLY C 72 24.88 35.30 -16.21
N ASP C 73 23.55 35.38 -16.15
CA ASP C 73 22.81 36.56 -16.54
C ASP C 73 23.35 37.78 -15.78
N PRO C 74 23.65 38.91 -16.46
CA PRO C 74 24.24 40.07 -15.74
C PRO C 74 23.56 40.51 -14.47
N GLN C 75 22.22 40.43 -14.39
CA GLN C 75 21.56 40.84 -13.17
C GLN C 75 21.76 39.84 -12.05
N CYS C 76 22.31 38.67 -12.39
CA CYS C 76 22.51 37.56 -11.49
C CYS C 76 23.97 37.45 -11.11
N ASP C 77 24.80 38.46 -11.46
CA ASP C 77 26.22 38.38 -11.15
C ASP C 77 26.48 38.23 -9.65
N GLY C 78 25.55 38.70 -8.82
CA GLY C 78 25.71 38.58 -7.38
C GLY C 78 25.54 37.18 -6.85
N PHE C 79 25.14 36.22 -7.69
CA PHE C 79 24.95 34.83 -7.29
C PHE C 79 26.10 33.92 -7.71
N GLN C 80 27.17 34.46 -8.26
CA GLN C 80 28.29 33.63 -8.68
C GLN C 80 28.97 32.96 -7.49
N ASN C 81 29.23 31.66 -7.65
CA ASN C 81 29.90 30.81 -6.64
C ASN C 81 29.15 30.75 -5.32
N LYS C 82 27.83 30.93 -5.32
CA LYS C 82 27.05 30.83 -4.09
C LYS C 82 26.61 29.39 -3.82
N LYS C 83 26.33 29.13 -2.53
CA LYS C 83 25.83 27.86 -2.04
C LYS C 83 24.49 28.12 -1.36
N TRP C 84 23.65 27.08 -1.29
CA TRP C 84 22.38 27.23 -0.61
C TRP C 84 21.89 25.88 -0.13
N ASP C 85 20.98 25.94 0.84
CA ASP C 85 20.17 24.79 1.21
C ASP C 85 18.81 24.87 0.54
N LEU C 86 18.27 26.08 0.41
CA LEU C 86 17.01 26.29 -0.29
C LEU C 86 17.15 27.53 -1.17
N PHE C 87 16.90 27.37 -2.46
CA PHE C 87 16.93 28.49 -3.40
C PHE C 87 15.49 28.96 -3.51
N VAL C 88 15.25 30.26 -3.29
CA VAL C 88 13.91 30.82 -3.33
C VAL C 88 13.73 31.60 -4.63
N GLU C 89 12.83 31.12 -5.48
CA GLU C 89 12.57 31.68 -6.79
C GLU C 89 11.34 32.58 -6.72
N ARG C 90 11.48 33.83 -7.16
CA ARG C 90 10.41 34.80 -7.07
C ARG C 90 9.57 34.83 -8.34
N SER C 91 8.28 35.15 -8.20
CA SER C 91 7.42 35.26 -9.37
C SER C 91 7.85 36.44 -10.24
N LYS C 92 8.26 37.54 -9.60
CA LYS C 92 8.72 38.72 -10.32
C LYS C 92 10.22 38.59 -10.59
N ALA C 93 10.50 37.64 -11.48
CA ALA C 93 11.84 37.29 -11.89
C ALA C 93 11.77 37.20 -13.39
N TYR C 94 12.84 37.62 -14.05
CA TYR C 94 12.83 37.65 -15.51
C TYR C 94 14.24 37.56 -16.04
N SER C 95 14.35 37.11 -17.28
CA SER C 95 15.64 37.09 -17.95
C SER C 95 15.85 38.48 -18.54
N ASN C 96 17.11 38.93 -18.55
CA ASN C 96 17.45 40.22 -19.15
C ASN C 96 18.78 40.07 -19.88
N CYS C 97 18.82 39.10 -20.78
CA CYS C 97 19.97 38.68 -21.53
C CYS C 97 19.46 38.03 -22.80
N PHE C 98 20.35 37.35 -23.50
CA PHE C 98 20.00 36.77 -24.79
C PHE C 98 18.88 35.76 -24.55
N PRO C 99 17.81 35.75 -25.36
CA PRO C 99 16.74 34.76 -25.10
C PRO C 99 17.25 33.34 -25.30
N TYR C 100 16.76 32.44 -24.46
CA TYR C 100 17.21 31.06 -24.49
C TYR C 100 16.08 30.17 -24.03
N ASP C 101 16.25 28.88 -24.29
CA ASP C 101 15.38 27.85 -23.77
C ASP C 101 16.27 26.72 -23.28
N VAL C 102 15.67 25.72 -22.65
CA VAL C 102 16.43 24.58 -22.15
C VAL C 102 15.62 23.33 -22.41
N PRO C 103 15.98 22.46 -23.37
CA PRO C 103 15.29 21.17 -23.44
C PRO C 103 15.46 20.47 -22.10
N ASP C 104 14.38 19.87 -21.61
CA ASP C 104 14.40 19.26 -20.28
C ASP C 104 14.79 20.30 -19.23
N TYR C 105 14.20 21.50 -19.35
CA TYR C 105 14.43 22.59 -18.39
C TYR C 105 14.24 22.12 -16.95
N ALA C 106 13.15 21.39 -16.71
CA ALA C 106 12.85 20.93 -15.36
C ALA C 106 13.95 20.04 -14.81
N SER C 107 14.59 19.25 -15.68
CA SER C 107 15.64 18.35 -15.22
C SER C 107 16.90 19.13 -14.85
N LEU C 108 17.27 20.15 -15.63
CA LEU C 108 18.46 20.92 -15.27
C LEU C 108 18.20 21.72 -14.01
N ARG C 109 17.01 22.31 -13.89
CA ARG C 109 16.68 23.09 -12.71
C ARG C 109 16.73 22.21 -11.46
N SER C 110 16.16 21.00 -11.57
CA SER C 110 16.21 20.06 -10.46
C SER C 110 17.64 19.63 -10.15
N LEU C 111 18.42 19.33 -11.19
CA LEU C 111 19.79 18.87 -11.04
C LEU C 111 20.64 19.88 -10.28
N VAL C 112 20.55 21.15 -10.67
CA VAL C 112 21.34 22.18 -10.00
C VAL C 112 20.78 22.45 -8.60
N ALA C 113 19.46 22.52 -8.46
CA ALA C 113 18.88 22.78 -7.15
C ALA C 113 19.27 21.70 -6.16
N SER C 114 19.28 20.44 -6.61
CA SER C 114 19.70 19.33 -5.76
C SER C 114 21.17 19.44 -5.43
N SER C 115 22.01 19.83 -6.40
CA SER C 115 23.43 19.99 -6.13
C SER C 115 23.66 21.03 -5.04
N GLY C 116 22.97 22.17 -5.13
CA GLY C 116 23.05 23.17 -4.09
C GLY C 116 24.18 24.17 -4.20
N THR C 117 24.80 24.31 -5.37
CA THR C 117 25.92 25.24 -5.50
C THR C 117 26.06 25.74 -6.92
N LEU C 118 26.58 26.96 -7.04
CA LEU C 118 26.99 27.56 -8.29
C LEU C 118 28.50 27.70 -8.38
N GLU C 119 29.24 26.97 -7.53
CA GLU C 119 30.69 27.01 -7.55
C GLU C 119 31.15 26.61 -8.94
N PHE C 120 31.98 27.45 -9.55
CA PHE C 120 32.42 27.23 -10.92
C PHE C 120 33.93 27.43 -11.00
N ASN C 121 34.59 26.47 -11.64
CA ASN C 121 36.02 26.53 -11.90
C ASN C 121 36.27 26.74 -13.38
N ASN C 122 37.05 27.77 -13.72
CA ASN C 122 37.39 28.04 -15.10
C ASN C 122 38.41 27.01 -15.59
N GLU C 123 38.34 26.68 -16.88
CA GLU C 123 39.30 25.78 -17.49
C GLU C 123 39.85 26.39 -18.77
N SER C 124 41.12 26.08 -19.03
CA SER C 124 41.87 26.57 -20.19
C SER C 124 41.54 25.74 -21.43
N PHE C 125 40.34 25.94 -21.95
CA PHE C 125 39.93 25.23 -23.16
C PHE C 125 40.71 25.78 -24.34
N ASN C 126 41.15 24.89 -25.23
CA ASN C 126 41.98 25.29 -26.37
C ASN C 126 41.11 25.75 -27.54
N TRP C 127 40.48 26.91 -27.36
CA TRP C 127 39.57 27.44 -28.37
C TRP C 127 40.40 28.22 -29.39
N THR C 128 41.20 27.50 -30.17
CA THR C 128 42.05 28.19 -31.13
C THR C 128 41.30 28.28 -32.46
N GLY C 129 41.69 29.27 -33.27
CA GLY C 129 41.14 29.45 -34.58
C GLY C 129 39.80 30.16 -34.59
N VAL C 130 39.28 30.54 -33.42
CA VAL C 130 37.99 31.20 -33.27
C VAL C 130 38.16 32.43 -32.41
N THR C 131 37.18 33.32 -32.48
CA THR C 131 37.14 34.53 -31.67
C THR C 131 36.29 34.24 -30.43
N GLN C 132 36.87 34.51 -29.26
CA GLN C 132 36.21 34.26 -27.98
C GLN C 132 35.49 35.51 -27.48
N ASN C 133 34.62 35.29 -26.50
CA ASN C 133 33.90 36.36 -25.78
C ASN C 133 33.01 37.20 -26.69
N GLY C 134 32.18 36.52 -27.48
CA GLY C 134 31.17 37.24 -28.25
C GLY C 134 30.12 37.84 -27.32
N THR C 135 29.54 38.96 -27.74
CA THR C 135 28.56 39.67 -26.92
C THR C 135 27.32 39.99 -27.74
N SER C 136 26.29 40.46 -27.04
CA SER C 136 25.02 40.87 -27.63
C SER C 136 24.46 42.06 -26.87
N SER C 137 23.74 42.92 -27.59
CA SER C 137 23.08 44.06 -26.94
C SER C 137 21.94 43.62 -26.02
N ALA C 138 21.49 42.37 -26.14
CA ALA C 138 20.49 41.83 -25.23
C ALA C 138 21.01 41.73 -23.81
N CYS C 139 22.31 41.50 -23.66
CA CYS C 139 22.94 41.26 -22.36
C CYS C 139 23.85 42.44 -22.10
N ILE C 140 23.37 43.38 -21.28
CA ILE C 140 24.12 44.58 -20.94
C ILE C 140 24.67 44.41 -19.52
N ARG C 141 25.99 44.53 -19.40
CA ARG C 141 26.68 44.39 -18.13
C ARG C 141 27.53 45.65 -17.98
N ARG C 142 27.36 46.34 -16.86
CA ARG C 142 28.09 47.58 -16.59
C ARG C 142 27.91 48.59 -17.72
N SER C 143 26.67 48.68 -18.21
CA SER C 143 26.21 49.60 -19.26
C SER C 143 26.78 49.32 -20.65
N LYS C 144 27.48 48.20 -20.85
CA LYS C 144 28.01 47.84 -22.15
C LYS C 144 27.61 46.41 -22.52
N ASN C 145 27.66 46.12 -23.81
CA ASN C 145 27.29 44.80 -24.33
C ASN C 145 28.13 43.70 -23.72
N SER C 146 27.48 42.62 -23.31
CA SER C 146 28.15 41.47 -22.71
C SER C 146 27.40 40.21 -23.14
N PHE C 147 27.56 39.15 -22.35
CA PHE C 147 26.96 37.85 -22.61
C PHE C 147 26.90 37.13 -21.26
N PHE C 148 26.38 35.91 -21.25
CA PHE C 148 26.31 35.14 -20.04
C PHE C 148 27.73 34.94 -19.50
N SER C 149 27.92 35.16 -18.20
CA SER C 149 29.26 35.11 -17.62
C SER C 149 29.86 33.71 -17.59
N ARG C 150 29.05 32.65 -17.70
CA ARG C 150 29.56 31.28 -17.65
C ARG C 150 29.57 30.62 -19.01
N LEU C 151 29.28 31.36 -20.07
CA LEU C 151 29.26 30.87 -21.43
C LEU C 151 30.23 31.71 -22.25
N ASN C 152 30.81 31.08 -23.27
CA ASN C 152 31.76 31.73 -24.16
C ASN C 152 31.20 31.61 -25.58
N TRP C 153 30.70 32.72 -26.12
CA TRP C 153 30.10 32.71 -27.44
C TRP C 153 31.24 32.78 -28.45
N LEU C 154 31.51 31.67 -29.14
CA LEU C 154 32.62 31.61 -30.06
C LEU C 154 32.11 32.00 -31.44
N THR C 155 32.91 32.80 -32.14
CA THR C 155 32.61 33.27 -33.48
C THR C 155 33.84 33.03 -34.34
N HIS C 156 33.70 33.31 -35.63
CA HIS C 156 34.81 33.12 -36.55
C HIS C 156 36.00 34.00 -36.20
N LEU C 157 37.18 33.58 -36.65
CA LEU C 157 38.41 34.35 -36.55
C LEU C 157 38.87 34.62 -37.96
N ASN C 158 38.94 35.89 -38.34
CA ASN C 158 39.35 36.31 -39.69
C ASN C 158 38.49 35.61 -40.75
N PHE C 159 37.18 35.51 -40.48
CA PHE C 159 36.21 34.91 -41.39
C PHE C 159 36.44 33.42 -41.58
N LYS C 160 37.10 32.76 -40.63
CA LYS C 160 37.27 31.32 -40.63
C LYS C 160 36.85 30.77 -39.27
N TYR C 161 36.22 29.60 -39.30
CA TYR C 161 35.82 28.90 -38.07
C TYR C 161 36.27 27.45 -38.25
N PRO C 162 37.51 27.11 -37.90
CA PRO C 162 37.99 25.75 -38.16
C PRO C 162 37.22 24.80 -37.27
N ALA C 163 37.07 23.56 -37.71
CA ALA C 163 36.39 22.61 -36.87
C ALA C 163 37.15 22.46 -35.56
N LEU C 164 36.40 22.48 -34.47
CA LEU C 164 36.94 22.29 -33.14
C LEU C 164 36.82 20.83 -32.74
N ASN C 165 37.89 20.31 -32.13
CA ASN C 165 37.97 18.97 -31.57
C ASN C 165 38.71 19.16 -30.26
N VAL C 166 38.02 19.68 -29.25
CA VAL C 166 38.63 20.16 -28.03
C VAL C 166 38.42 19.16 -26.91
N THR C 167 39.52 18.73 -26.31
CA THR C 167 39.53 17.68 -25.30
C THR C 167 39.81 18.31 -23.94
N MET C 168 39.01 17.93 -22.95
CA MET C 168 39.17 18.37 -21.56
C MET C 168 39.08 17.17 -20.63
N PRO C 169 40.21 16.54 -20.29
CA PRO C 169 40.12 15.32 -19.47
C PRO C 169 39.69 15.69 -18.05
N ASN C 170 38.96 14.77 -17.42
CA ASN C 170 38.54 14.92 -16.02
C ASN C 170 39.51 14.11 -15.16
N ASN C 171 40.48 14.81 -14.58
CA ASN C 171 41.52 14.20 -13.77
C ASN C 171 41.26 14.43 -12.28
N GLU C 172 40.04 14.82 -11.92
CA GLU C 172 39.66 15.12 -10.55
C GLU C 172 38.97 13.90 -9.97
N GLN C 173 38.63 13.97 -8.68
CA GLN C 173 37.92 12.91 -7.98
C GLN C 173 36.43 13.15 -7.88
N PHE C 174 35.92 14.22 -8.50
CA PHE C 174 34.51 14.59 -8.47
C PHE C 174 33.97 14.75 -9.88
N ASP C 175 32.64 14.64 -9.99
CA ASP C 175 31.95 14.88 -11.24
C ASP C 175 31.95 16.35 -11.61
N LYS C 176 32.12 16.63 -12.90
CA LYS C 176 32.11 18.00 -13.41
C LYS C 176 30.85 18.20 -14.24
N LEU C 177 30.16 19.31 -14.00
CA LEU C 177 28.97 19.67 -14.77
C LEU C 177 29.36 20.74 -15.77
N TYR C 178 29.23 20.42 -17.05
CA TYR C 178 29.53 21.35 -18.12
C TYR C 178 28.21 21.83 -18.69
N ILE C 179 28.05 23.16 -18.74
CA ILE C 179 26.87 23.79 -19.30
C ILE C 179 27.33 24.42 -20.60
N TRP C 180 26.63 24.12 -21.67
CA TRP C 180 26.99 24.58 -23.00
C TRP C 180 25.69 24.76 -23.75
N GLY C 181 25.75 25.43 -24.90
CA GLY C 181 24.54 25.56 -25.67
C GLY C 181 24.81 25.64 -27.15
N VAL C 182 23.71 25.82 -27.87
CA VAL C 182 23.69 25.90 -29.33
C VAL C 182 22.97 27.18 -29.70
N HIS C 183 23.58 27.97 -30.56
CA HIS C 183 22.97 29.21 -31.02
C HIS C 183 22.16 28.90 -32.26
N HIS C 184 20.92 29.39 -32.31
CA HIS C 184 20.01 29.21 -33.43
C HIS C 184 19.76 30.59 -34.01
N PRO C 185 20.56 31.01 -35.01
CA PRO C 185 20.42 32.35 -35.59
C PRO C 185 19.05 32.55 -36.21
N GLY C 186 18.64 33.80 -36.31
CA GLY C 186 17.33 34.08 -36.84
C GLY C 186 17.28 34.22 -38.34
N THR C 187 18.43 34.13 -39.02
CA THR C 187 18.53 34.29 -40.47
C THR C 187 19.86 33.72 -40.91
N ASP C 188 19.92 33.33 -42.19
CA ASP C 188 21.17 32.85 -42.79
C ASP C 188 22.27 33.90 -42.69
N LYS C 189 21.91 35.18 -42.78
CA LYS C 189 22.88 36.24 -42.69
C LYS C 189 23.59 36.22 -41.35
N ASP C 190 22.88 35.85 -40.27
CA ASP C 190 23.53 35.81 -38.97
C ASP C 190 24.47 34.62 -38.90
N GLN C 191 24.06 33.49 -39.50
CA GLN C 191 24.90 32.30 -39.48
C GLN C 191 26.23 32.56 -40.19
N ILE C 192 26.18 33.27 -41.32
CA ILE C 192 27.43 33.55 -42.03
C ILE C 192 28.22 34.65 -41.32
N PHE C 193 27.54 35.71 -40.90
CA PHE C 193 28.18 36.82 -40.20
C PHE C 193 28.95 36.33 -38.98
N LEU C 194 28.34 35.47 -38.17
CA LEU C 194 28.98 35.01 -36.95
C LEU C 194 29.95 33.85 -37.17
N TYR C 195 29.63 32.90 -38.06
CA TYR C 195 30.47 31.71 -38.20
C TYR C 195 31.15 31.55 -39.55
N ALA C 196 30.85 32.40 -40.54
CA ALA C 196 31.44 32.34 -41.87
C ALA C 196 31.15 31.03 -42.60
N GLN C 197 30.15 30.27 -42.18
CA GLN C 197 29.80 29.05 -42.91
C GLN C 197 28.43 28.56 -42.49
N ALA C 198 27.84 27.73 -43.34
CA ALA C 198 26.54 27.14 -43.05
C ALA C 198 26.62 26.28 -41.80
N SER C 199 25.49 26.16 -41.12
CA SER C 199 25.45 25.42 -39.88
C SER C 199 25.73 23.94 -40.12
N GLY C 200 26.25 23.29 -39.08
CA GLY C 200 26.56 21.88 -39.07
C GLY C 200 25.87 21.23 -37.90
N ARG C 201 26.64 20.58 -37.04
CA ARG C 201 26.10 19.94 -35.86
C ARG C 201 27.15 20.11 -34.77
N ILE C 202 26.70 20.06 -33.52
CA ILE C 202 27.57 20.13 -32.36
C ILE C 202 27.43 18.82 -31.63
N THR C 203 28.56 18.13 -31.40
CA THR C 203 28.56 16.90 -30.64
C THR C 203 29.44 17.08 -29.42
N VAL C 204 28.89 16.81 -28.25
CA VAL C 204 29.62 16.84 -27.00
C VAL C 204 29.54 15.43 -26.48
N SER C 205 30.69 14.81 -26.24
CA SER C 205 30.67 13.40 -25.86
C SER C 205 31.73 13.08 -24.83
N THR C 206 31.48 11.95 -24.19
CA THR C 206 32.32 11.35 -23.18
C THR C 206 32.47 9.88 -23.52
N LYS C 207 33.23 9.16 -22.71
CA LYS C 207 33.31 7.71 -22.87
C LYS C 207 31.96 7.08 -22.59
N ARG C 208 31.22 7.65 -21.62
CA ARG C 208 29.93 7.17 -21.18
C ARG C 208 28.75 7.63 -22.02
N SER C 209 28.76 8.85 -22.58
CA SER C 209 27.60 9.35 -23.30
C SER C 209 27.98 10.33 -24.41
N GLN C 210 27.00 10.64 -25.25
CA GLN C 210 27.13 11.63 -26.31
C GLN C 210 25.82 12.38 -26.50
N GLN C 211 25.93 13.66 -26.86
CA GLN C 211 24.81 14.51 -27.20
C GLN C 211 25.11 15.22 -28.51
N THR C 212 24.23 15.10 -29.50
CA THR C 212 24.39 15.78 -30.78
C THR C 212 23.20 16.69 -31.00
N VAL C 213 23.47 17.98 -31.26
CA VAL C 213 22.44 19.00 -31.47
C VAL C 213 22.73 19.74 -32.76
N SER C 214 21.72 19.87 -33.62
CA SER C 214 21.89 20.65 -34.85
C SER C 214 21.35 22.07 -34.68
N PRO C 215 22.03 23.12 -35.19
CA PRO C 215 21.40 24.44 -35.25
C PRO C 215 20.22 24.43 -36.21
N ASN C 216 19.20 25.21 -35.87
CA ASN C 216 18.00 25.35 -36.71
C ASN C 216 17.76 26.83 -36.97
N ILE C 217 18.19 27.26 -38.15
CA ILE C 217 18.13 28.67 -38.55
C ILE C 217 16.71 29.06 -38.90
N GLY C 218 16.25 30.18 -38.37
CA GLY C 218 14.93 30.70 -38.65
C GLY C 218 14.48 31.66 -37.59
N SER C 219 13.51 32.49 -37.95
CA SER C 219 13.00 33.50 -37.03
C SER C 219 12.13 32.89 -35.94
N ARG C 220 12.25 33.44 -34.74
CA ARG C 220 11.40 33.16 -33.60
C ARG C 220 10.74 34.49 -33.24
N PRO C 221 9.60 34.49 -32.56
CA PRO C 221 9.05 35.78 -32.11
C PRO C 221 10.10 36.49 -31.29
N ARG C 222 10.31 37.77 -31.55
CA ARG C 222 11.36 38.47 -30.83
C ARG C 222 11.07 38.58 -29.34
N VAL C 223 12.08 38.27 -28.54
CA VAL C 223 12.08 38.43 -27.10
C VAL C 223 13.20 39.40 -26.81
N ARG C 224 12.88 40.54 -26.20
CA ARG C 224 13.85 41.60 -25.97
C ARG C 224 14.55 41.99 -27.28
N ASN C 225 13.75 42.03 -28.36
CA ASN C 225 14.19 42.40 -29.71
C ASN C 225 15.18 41.43 -30.35
N ILE C 226 15.33 40.21 -29.85
CA ILE C 226 16.24 39.23 -30.46
C ILE C 226 15.42 38.16 -31.17
N PRO C 227 15.58 37.97 -32.49
CA PRO C 227 14.81 36.94 -33.20
C PRO C 227 15.38 35.53 -33.09
N SER C 228 16.56 35.38 -32.51
CA SER C 228 17.32 34.13 -32.41
C SER C 228 17.20 33.55 -31.01
N ARG C 229 17.65 32.30 -30.85
CA ARG C 229 17.60 31.64 -29.54
C ARG C 229 18.86 30.85 -29.26
N ILE C 230 19.16 30.66 -27.98
CA ILE C 230 20.19 29.74 -27.52
C ILE C 230 19.54 28.59 -26.76
N SER C 231 19.84 27.36 -27.16
CA SER C 231 19.35 26.17 -26.46
C SER C 231 20.46 25.72 -25.51
N ILE C 232 20.11 25.45 -24.26
CA ILE C 232 21.07 25.05 -23.25
C ILE C 232 21.04 23.54 -23.05
N TYR C 233 22.22 22.94 -23.09
CA TYR C 233 22.47 21.52 -22.92
C TYR C 233 23.51 21.39 -21.83
N TRP C 234 23.55 20.23 -21.18
CA TRP C 234 24.54 19.99 -20.14
C TRP C 234 25.03 18.56 -20.23
N THR C 235 26.24 18.35 -19.71
CA THR C 235 26.82 17.02 -19.63
C THR C 235 27.55 16.88 -18.29
N ILE C 236 27.58 15.66 -17.78
CA ILE C 236 28.25 15.32 -16.53
C ILE C 236 29.42 14.42 -16.87
N VAL C 237 30.61 14.83 -16.48
CA VAL C 237 31.84 14.13 -16.77
C VAL C 237 32.32 13.51 -15.46
N LYS C 238 32.35 12.18 -15.41
CA LYS C 238 32.75 11.45 -14.21
C LYS C 238 34.26 11.37 -14.11
N PRO C 239 34.81 11.17 -12.90
CA PRO C 239 36.26 11.02 -12.76
C PRO C 239 36.81 9.94 -13.68
N GLY C 240 37.89 10.27 -14.39
CA GLY C 240 38.47 9.31 -15.30
C GLY C 240 37.95 9.41 -16.72
N ASP C 241 36.87 10.16 -16.95
CA ASP C 241 36.30 10.30 -18.28
C ASP C 241 36.95 11.51 -18.97
N ILE C 242 36.57 11.74 -20.22
CA ILE C 242 37.12 12.81 -21.03
C ILE C 242 35.99 13.56 -21.73
N LEU C 243 35.99 14.90 -21.66
CA LEU C 243 35.01 15.70 -22.37
C LEU C 243 35.57 16.06 -23.74
N LEU C 244 34.88 15.68 -24.82
CA LEU C 244 35.30 16.03 -26.16
C LEU C 244 34.20 16.85 -26.81
N ILE C 245 34.54 18.06 -27.25
CA ILE C 245 33.61 18.97 -27.92
C ILE C 245 34.01 19.03 -29.39
N ASN C 246 33.12 18.56 -30.26
CA ASN C 246 33.30 18.46 -31.70
C ASN C 246 32.31 19.42 -32.35
N SER C 247 32.80 20.54 -32.89
CA SER C 247 31.88 21.56 -33.41
C SER C 247 32.46 22.35 -34.57
N THR C 248 31.61 22.65 -35.55
CA THR C 248 31.98 23.48 -36.69
C THR C 248 31.33 24.86 -36.65
N GLY C 249 30.60 25.19 -35.59
CA GLY C 249 29.94 26.48 -35.49
C GLY C 249 28.75 26.39 -34.57
N ASN C 250 28.18 27.55 -34.27
CA ASN C 250 26.97 27.68 -33.46
C ASN C 250 27.16 27.16 -32.04
N LEU C 251 28.39 27.10 -31.55
CA LEU C 251 28.68 26.62 -30.21
C LEU C 251 28.80 27.73 -29.21
N ILE C 252 28.01 27.64 -28.14
CA ILE C 252 28.11 28.52 -27.00
C ILE C 252 28.86 27.66 -26.00
N ALA C 253 30.16 27.87 -25.94
CA ALA C 253 31.09 27.00 -25.26
C ALA C 253 31.07 27.17 -23.74
N PRO C 254 31.42 26.12 -22.99
CA PRO C 254 31.63 26.30 -21.55
C PRO C 254 32.92 27.07 -21.30
N ARG C 255 32.94 27.84 -20.22
CA ARG C 255 34.14 28.49 -19.74
C ARG C 255 34.82 27.68 -18.66
N GLY C 256 34.25 26.53 -18.30
CA GLY C 256 34.73 25.71 -17.21
C GLY C 256 33.57 24.83 -16.78
N TYR C 257 33.63 24.39 -15.52
CA TYR C 257 32.62 23.47 -15.02
C TYR C 257 32.10 23.86 -13.65
N PHE C 258 30.88 23.39 -13.37
CA PHE C 258 30.24 23.50 -12.08
C PHE C 258 30.46 22.20 -11.34
N LYS C 259 30.67 22.25 -10.03
CA LYS C 259 30.79 21.02 -9.28
C LYS C 259 29.41 20.45 -8.98
N ILE C 260 29.30 19.12 -9.01
CA ILE C 260 28.07 18.42 -8.65
C ILE C 260 28.24 17.84 -7.26
N ARG C 261 27.34 18.23 -6.35
CA ARG C 261 27.34 17.74 -4.98
C ARG C 261 26.04 16.97 -4.81
N SER C 262 25.94 16.29 -3.68
CA SER C 262 24.74 15.54 -3.32
C SER C 262 24.50 15.89 -1.87
N GLY C 263 23.29 16.31 -1.56
CA GLY C 263 23.02 16.74 -0.21
C GLY C 263 21.62 17.25 -0.02
N LYS C 264 21.43 17.85 1.15
CA LYS C 264 20.16 18.36 1.66
C LYS C 264 19.83 19.74 1.05
N SER C 265 19.60 19.75 -0.28
CA SER C 265 19.41 21.00 -1.01
C SER C 265 18.28 20.90 -2.02
N SER C 266 17.53 21.99 -2.18
CA SER C 266 16.42 22.03 -3.15
C SER C 266 16.13 23.48 -3.56
N ILE C 267 15.07 23.65 -4.37
CA ILE C 267 14.60 24.94 -4.87
C ILE C 267 13.10 25.06 -4.64
N MET C 268 12.64 26.24 -4.21
CA MET C 268 11.23 26.51 -3.99
C MET C 268 10.85 27.82 -4.65
N ARG C 269 9.62 27.90 -5.16
CA ARG C 269 9.05 29.11 -5.72
C ARG C 269 8.22 29.78 -4.63
N SER C 270 8.57 31.02 -4.28
CA SER C 270 7.87 31.70 -3.21
C SER C 270 8.05 33.20 -3.30
N ASP C 271 6.98 33.94 -3.00
CA ASP C 271 7.02 35.40 -2.93
C ASP C 271 7.05 35.91 -1.50
N ALA C 272 7.24 35.02 -0.52
CA ALA C 272 7.30 35.46 0.86
C ALA C 272 8.61 36.19 1.12
N PRO C 273 8.60 37.24 1.96
CA PRO C 273 9.88 37.87 2.31
C PRO C 273 10.69 36.95 3.22
N ILE C 274 12.00 37.18 3.22
CA ILE C 274 12.96 36.43 4.03
C ILE C 274 13.39 37.33 5.18
N GLY C 275 13.33 36.80 6.41
CA GLY C 275 13.66 37.58 7.59
C GLY C 275 14.50 36.83 8.61
N LYS C 276 14.77 37.53 9.72
CA LYS C 276 15.63 37.10 10.81
C LYS C 276 14.89 36.26 11.83
N CYS C 277 14.70 34.98 11.50
CA CYS C 277 13.99 34.04 12.34
C CYS C 277 14.61 32.67 12.13
N ASN C 278 14.22 31.71 12.97
CA ASN C 278 14.77 30.36 12.94
C ASN C 278 13.62 29.35 12.93
N SER C 279 13.45 28.65 11.82
CA SER C 279 12.38 27.67 11.68
C SER C 279 12.81 26.58 10.71
N GLU C 280 12.67 25.32 11.14
CA GLU C 280 13.08 24.19 10.31
C GLU C 280 12.21 24.02 9.06
N CYS C 281 10.92 24.30 9.15
CA CYS C 281 10.00 24.10 8.03
C CYS C 281 9.72 25.37 7.25
N ILE C 282 10.00 25.32 5.94
CA ILE C 282 9.77 26.40 4.98
C ILE C 282 8.72 25.95 3.97
N THR C 283 7.71 26.77 3.75
CA THR C 283 6.67 26.54 2.75
C THR C 283 6.62 27.75 1.82
N PRO C 284 5.99 27.62 0.64
CA PRO C 284 5.80 28.82 -0.20
C PRO C 284 5.09 29.97 0.48
N ASN C 285 4.35 29.72 1.55
CA ASN C 285 3.66 30.75 2.31
C ASN C 285 4.53 31.33 3.42
N GLY C 286 5.77 30.86 3.54
CA GLY C 286 6.69 31.27 4.59
C GLY C 286 6.96 30.10 5.52
N SER C 287 7.82 30.34 6.50
CA SER C 287 8.12 29.27 7.44
C SER C 287 6.90 29.00 8.29
N ILE C 288 6.76 27.75 8.73
CA ILE C 288 5.68 27.37 9.65
C ILE C 288 6.26 26.64 10.84
N PRO C 289 5.56 26.62 11.98
CA PRO C 289 5.98 25.74 13.08
C PRO C 289 5.96 24.29 12.62
N ASN C 290 6.85 23.49 13.20
CA ASN C 290 6.92 22.06 12.87
C ASN C 290 6.66 21.22 14.11
N ASP C 291 5.84 21.73 15.02
CA ASP C 291 5.50 20.99 16.23
C ASP C 291 4.34 20.03 15.99
N LYS C 292 3.35 20.47 15.22
CA LYS C 292 2.17 19.67 14.95
C LYS C 292 2.50 18.57 13.94
N PRO C 293 1.91 17.38 14.06
CA PRO C 293 2.20 16.32 13.08
C PRO C 293 1.72 16.61 11.67
N PHE C 294 0.71 17.48 11.49
CA PHE C 294 0.14 17.77 10.18
C PHE C 294 0.06 19.27 9.97
N GLN C 295 -0.02 19.66 8.70
CA GLN C 295 -0.22 21.05 8.32
C GLN C 295 -1.17 21.11 7.13
N ASN C 296 -1.84 22.25 6.98
CA ASN C 296 -2.74 22.52 5.86
C ASN C 296 -2.36 23.83 5.20
N VAL C 297 -1.07 24.12 5.12
CA VAL C 297 -0.58 25.35 4.50
C VAL C 297 -0.20 25.14 3.05
N ASN C 298 0.64 24.14 2.76
CA ASN C 298 1.05 23.92 1.39
C ASN C 298 1.55 22.49 1.23
N ARG C 299 1.29 21.92 0.05
CA ARG C 299 1.84 20.61 -0.29
C ARG C 299 3.33 20.70 -0.62
N ILE C 300 3.82 21.89 -0.96
CA ILE C 300 5.22 22.11 -1.29
C ILE C 300 5.91 22.54 0.00
N THR C 301 6.86 21.74 0.46
CA THR C 301 7.54 22.02 1.71
C THR C 301 9.03 21.72 1.55
N TYR C 302 9.83 22.26 2.49
CA TYR C 302 11.24 21.95 2.59
C TYR C 302 11.63 21.83 4.05
N GLY C 303 12.39 20.79 4.38
CA GLY C 303 12.87 20.61 5.75
C GLY C 303 11.96 19.73 6.58
N ALA C 304 12.10 19.87 7.90
CA ALA C 304 11.34 19.06 8.86
C ALA C 304 9.95 19.64 8.97
N CYS C 305 9.11 19.39 7.91
CA CYS C 305 7.77 19.94 7.82
C CYS C 305 6.69 18.93 8.20
N PRO C 306 5.59 19.37 8.82
CA PRO C 306 4.44 18.47 9.01
C PRO C 306 3.91 18.02 7.66
N ARG C 307 3.30 16.85 7.64
CA ARG C 307 2.78 16.32 6.39
C ARG C 307 1.48 17.03 6.03
N TYR C 308 1.35 17.34 4.73
CA TYR C 308 0.17 18.02 4.23
C TYR C 308 -1.05 17.11 4.17
N VAL C 309 -2.16 17.60 4.74
CA VAL C 309 -3.43 16.91 4.75
C VAL C 309 -4.48 17.87 4.21
N LYS C 310 -5.62 17.32 3.80
CA LYS C 310 -6.72 18.14 3.30
C LYS C 310 -7.55 18.75 4.41
N GLN C 311 -7.57 18.15 5.58
CA GLN C 311 -8.38 18.66 6.68
C GLN C 311 -7.94 20.05 7.10
N ASN C 312 -8.91 20.93 7.30
CA ASN C 312 -8.62 22.27 7.79
C ASN C 312 -8.28 22.22 9.27
N THR C 313 -8.91 21.30 9.99
CA THR C 313 -8.69 21.17 11.43
C THR C 313 -8.83 19.70 11.81
N LEU C 314 -8.01 19.30 12.78
CA LEU C 314 -8.07 18.00 13.41
C LEU C 314 -7.76 18.26 14.87
N LYS C 315 -8.70 17.95 15.75
CA LYS C 315 -8.52 18.22 17.16
C LYS C 315 -8.34 16.91 17.90
N LEU C 316 -7.26 16.83 18.66
CA LEU C 316 -6.90 15.67 19.45
C LEU C 316 -7.35 15.94 20.88
N ALA C 317 -8.22 15.08 21.39
CA ALA C 317 -8.69 15.30 22.75
C ALA C 317 -7.52 15.20 23.71
N THR C 318 -7.47 16.12 24.66
CA THR C 318 -6.46 16.14 25.71
C THR C 318 -7.15 16.20 27.06
N GLY C 319 -8.36 15.66 27.10
CA GLY C 319 -9.17 15.65 28.31
C GLY C 319 -10.35 14.73 28.09
N MET C 320 -11.10 14.58 29.16
CA MET C 320 -12.26 13.70 29.21
C MET C 320 -13.49 14.37 28.61
N ARG C 321 -14.51 13.56 28.34
CA ARG C 321 -15.76 14.10 27.83
C ARG C 321 -16.33 15.10 28.83
N ASN C 322 -16.82 16.22 28.29
CA ASN C 322 -17.36 17.30 29.12
C ASN C 322 -18.85 17.07 29.32
N VAL C 323 -19.25 16.86 30.56
CA VAL C 323 -20.65 16.61 30.90
C VAL C 323 -21.07 17.65 31.94
N PRO C 324 -21.52 18.84 31.51
CA PRO C 324 -21.85 19.91 32.46
C PRO C 324 -22.94 19.54 33.47
N GLU C 325 -22.80 20.10 34.67
CA GLU C 325 -23.75 19.91 35.76
C GLU C 325 -24.94 20.84 35.60
N ALA C 334 -28.96 14.52 46.83
CA ALA C 334 -28.00 15.38 47.49
C ALA C 334 -26.78 15.62 46.60
N ILE C 335 -26.04 14.55 46.32
CA ILE C 335 -24.82 14.59 45.52
C ILE C 335 -24.95 13.48 44.47
N ALA C 336 -24.43 13.73 43.26
CA ALA C 336 -24.36 12.73 42.20
C ALA C 336 -22.95 12.69 41.62
N GLY C 337 -22.55 11.50 41.17
CA GLY C 337 -21.24 11.28 40.61
C GLY C 337 -21.17 11.21 39.09
N PHE C 338 -20.08 10.62 38.61
CA PHE C 338 -19.76 10.53 37.18
C PHE C 338 -20.81 9.83 36.31
N ILE C 339 -21.66 8.97 36.87
CA ILE C 339 -22.69 8.33 36.05
C ILE C 339 -23.72 9.35 35.57
N GLU C 340 -24.06 10.32 36.41
CA GLU C 340 -25.06 11.32 36.04
C GLU C 340 -24.44 12.59 35.46
N ASN C 341 -23.33 13.06 36.00
CA ASN C 341 -22.74 14.28 35.46
C ASN C 341 -21.30 14.46 35.94
N GLY C 342 -20.66 15.49 35.37
CA GLY C 342 -19.35 15.92 35.83
C GLY C 342 -19.52 17.02 36.86
N TRP C 343 -18.41 17.42 37.47
CA TRP C 343 -18.42 18.47 38.50
C TRP C 343 -17.73 19.72 37.94
N GLU C 344 -18.52 20.78 37.75
CA GLU C 344 -17.93 22.02 37.23
C GLU C 344 -17.07 22.69 38.30
N GLY C 345 -17.48 22.59 39.55
CA GLY C 345 -16.79 23.22 40.67
C GLY C 345 -15.61 22.45 41.23
N MET C 346 -14.68 22.03 40.38
CA MET C 346 -13.48 21.33 40.83
C MET C 346 -12.32 21.81 39.97
N VAL C 347 -11.32 22.40 40.62
CA VAL C 347 -10.17 23.00 39.94
C VAL C 347 -8.85 22.39 40.37
N ASP C 348 -8.83 21.52 41.39
CA ASP C 348 -7.58 20.97 41.88
C ASP C 348 -7.09 19.82 41.01
N GLY C 349 -7.99 19.15 40.29
CA GLY C 349 -7.61 18.01 39.50
C GLY C 349 -8.74 17.60 38.57
N TRP C 350 -8.57 16.44 37.94
CA TRP C 350 -9.53 15.94 36.97
C TRP C 350 -10.53 14.98 37.59
N TYR C 351 -10.10 14.20 38.58
CA TYR C 351 -10.91 13.19 39.23
C TYR C 351 -10.95 13.52 40.72
N GLY C 352 -12.04 13.17 41.38
CA GLY C 352 -12.08 13.45 42.80
C GLY C 352 -13.32 12.91 43.47
N PHE C 353 -13.50 13.39 44.69
CA PHE C 353 -14.54 12.97 45.60
C PHE C 353 -15.30 14.18 46.13
N ARG C 354 -16.56 13.94 46.42
CA ARG C 354 -17.44 14.85 47.16
C ARG C 354 -18.07 14.00 48.23
N HIS C 355 -18.39 14.60 49.37
CA HIS C 355 -19.04 13.82 50.40
C HIS C 355 -20.03 14.65 51.19
N GLN C 356 -20.94 13.92 51.84
CA GLN C 356 -21.86 14.44 52.83
C GLN C 356 -21.80 13.50 54.01
N ASN C 357 -21.38 14.00 55.17
CA ASN C 357 -21.21 13.18 56.36
C ASN C 357 -21.79 13.95 57.56
N SER C 358 -21.39 13.54 58.76
CA SER C 358 -21.93 14.11 59.99
C SER C 358 -21.47 15.55 60.22
N GLU C 359 -20.44 16.01 59.50
CA GLU C 359 -19.91 17.36 59.66
C GLU C 359 -20.44 18.31 58.59
N GLY C 360 -20.74 17.82 57.40
CA GLY C 360 -21.24 18.66 56.33
C GLY C 360 -20.76 18.17 54.98
N ARG C 361 -20.89 19.06 54.00
CA ARG C 361 -20.48 18.79 52.63
C ARG C 361 -18.99 19.07 52.44
N GLY C 362 -18.42 18.42 51.44
CA GLY C 362 -17.05 18.77 51.09
C GLY C 362 -16.64 18.14 49.78
N GLN C 363 -15.44 18.52 49.35
CA GLN C 363 -14.87 18.09 48.07
C GLN C 363 -13.36 18.05 48.15
N ALA C 364 -12.77 17.06 47.48
CA ALA C 364 -11.32 16.95 47.35
C ALA C 364 -11.03 16.28 46.02
N ALA C 365 -9.92 16.64 45.39
CA ALA C 365 -9.54 15.99 44.14
C ALA C 365 -8.64 14.79 44.42
N ASP C 366 -8.74 13.78 43.54
CA ASP C 366 -7.85 12.62 43.59
C ASP C 366 -6.74 12.91 42.59
N LEU C 367 -5.57 13.28 43.11
CA LEU C 367 -4.51 13.77 42.26
C LEU C 367 -3.74 12.66 41.56
N LYS C 368 -3.73 11.45 42.12
CA LYS C 368 -3.00 10.36 41.50
C LYS C 368 -3.71 9.87 40.23
N SER C 369 -5.04 9.81 40.23
CA SER C 369 -5.77 9.37 39.04
C SER C 369 -5.65 10.42 37.95
N THR C 370 -5.70 11.68 38.37
CA THR C 370 -5.56 12.80 37.44
C THR C 370 -4.21 12.73 36.77
N GLN C 371 -3.15 12.51 37.55
CA GLN C 371 -1.84 12.47 36.94
C GLN C 371 -1.68 11.25 36.04
N ALA C 372 -2.26 10.10 36.42
CA ALA C 372 -2.15 8.94 35.55
C ALA C 372 -2.77 9.22 34.18
N ALA C 373 -3.96 9.85 34.19
CA ALA C 373 -4.63 10.18 32.94
C ALA C 373 -3.81 11.18 32.14
N ILE C 374 -3.22 12.16 32.83
CA ILE C 374 -2.42 13.18 32.17
C ILE C 374 -1.17 12.55 31.58
N ASP C 375 -0.51 11.66 32.32
CA ASP C 375 0.69 11.02 31.81
C ASP C 375 0.39 10.23 30.54
N GLN C 376 -0.76 9.54 30.50
CA GLN C 376 -1.09 8.78 29.28
C GLN C 376 -1.36 9.73 28.11
N ILE C 377 -2.01 10.86 28.39
CA ILE C 377 -2.27 11.85 27.35
C ILE C 377 -0.95 12.48 26.89
N ASN C 378 -0.07 12.80 27.84
CA ASN C 378 1.21 13.40 27.47
C ASN C 378 2.04 12.41 26.67
N GLY C 379 1.89 11.11 26.96
CA GLY C 379 2.57 10.10 26.15
C GLY C 379 2.13 10.20 24.70
N LYS C 380 0.81 10.22 24.49
CA LYS C 380 0.29 10.34 23.14
C LYS C 380 0.74 11.64 22.48
N LEU C 381 0.75 12.73 23.25
CA LEU C 381 1.16 14.02 22.69
C LEU C 381 2.63 13.98 22.28
N ASN C 382 3.47 13.35 23.09
CA ASN C 382 4.89 13.28 22.75
C ASN C 382 5.07 12.40 21.53
N ARG C 383 4.21 11.39 21.35
CA ARG C 383 4.29 10.56 20.15
C ARG C 383 3.94 11.38 18.91
N LEU C 384 2.94 12.26 19.04
CA LEU C 384 2.47 13.02 17.89
C LEU C 384 3.20 14.34 17.67
N ILE C 385 3.63 15.01 18.74
CA ILE C 385 4.20 16.35 18.67
C ILE C 385 5.72 16.29 18.67
N GLY C 386 6.33 16.99 17.72
CA GLY C 386 7.77 17.05 17.57
C GLY C 386 8.48 15.85 16.98
N LYS C 387 7.79 15.05 16.16
CA LYS C 387 8.36 13.84 15.56
C LYS C 387 8.41 13.98 14.03
N THR C 388 8.36 15.23 13.56
CA THR C 388 8.32 15.55 12.13
C THR C 388 9.50 15.00 11.35
N ASN C 389 9.21 14.36 10.21
CA ASN C 389 10.24 13.78 9.37
C ASN C 389 10.74 14.85 8.40
N GLU C 390 12.03 14.81 8.12
CA GLU C 390 12.71 15.80 7.29
C GLU C 390 12.90 15.37 5.83
N LYS C 391 12.37 16.17 4.90
CA LYS C 391 12.47 15.91 3.47
C LYS C 391 13.01 17.16 2.78
N PHE C 392 13.78 16.97 1.70
CA PHE C 392 14.40 18.07 0.99
C PHE C 392 13.96 18.18 -0.47
N HIS C 393 14.79 17.73 -1.41
CA HIS C 393 14.39 17.78 -2.81
C HIS C 393 13.33 16.71 -3.05
N GLN C 394 12.23 17.10 -3.69
CA GLN C 394 11.13 16.18 -3.94
C GLN C 394 10.73 16.24 -5.42
N ILE C 395 9.48 16.58 -5.71
CA ILE C 395 8.97 16.72 -7.08
C ILE C 395 8.23 18.06 -7.16
N GLU C 396 7.97 18.50 -8.38
CA GLU C 396 7.17 19.69 -8.56
C GLU C 396 5.71 19.31 -8.31
N LYS C 397 5.01 20.18 -7.56
CA LYS C 397 3.62 19.95 -7.21
C LYS C 397 2.67 20.96 -7.84
N GLU C 398 3.19 22.09 -8.33
CA GLU C 398 2.42 23.12 -8.99
C GLU C 398 3.09 23.36 -10.33
N PHE C 399 2.28 23.57 -11.37
CA PHE C 399 2.79 23.72 -12.73
C PHE C 399 2.18 24.96 -13.39
N SER C 400 2.98 25.61 -14.22
CA SER C 400 2.51 26.78 -14.97
C SER C 400 2.07 26.45 -16.39
N GLU C 401 2.48 25.30 -16.93
CA GLU C 401 2.18 24.91 -18.30
C GLU C 401 1.56 23.53 -18.34
N VAL C 402 0.78 23.28 -19.40
CA VAL C 402 0.18 21.98 -19.64
C VAL C 402 1.21 21.13 -20.38
N GLU C 403 1.69 20.06 -19.74
CA GLU C 403 2.76 19.23 -20.28
C GLU C 403 2.32 17.85 -20.73
N GLY C 404 1.26 17.27 -20.15
CA GLY C 404 0.88 15.91 -20.50
C GLY C 404 1.17 14.83 -19.48
N ARG C 405 1.58 13.67 -20.00
CA ARG C 405 1.63 12.42 -19.23
C ARG C 405 2.49 12.53 -17.98
N ILE C 406 3.65 13.17 -18.06
CA ILE C 406 4.53 13.20 -16.88
C ILE C 406 3.94 14.12 -15.82
N GLN C 407 3.42 15.27 -16.22
CA GLN C 407 2.81 16.17 -15.24
C GLN C 407 1.60 15.50 -14.59
N ASP C 408 0.81 14.77 -15.38
CA ASP C 408 -0.34 14.05 -14.84
C ASP C 408 0.10 13.00 -13.85
N LEU C 409 1.19 12.30 -14.13
CA LEU C 409 1.67 11.30 -13.19
C LEU C 409 2.16 11.95 -11.90
N GLU C 410 2.87 13.08 -12.02
CA GLU C 410 3.34 13.77 -10.82
C GLU C 410 2.17 14.26 -9.97
N LYS C 411 1.12 14.76 -10.62
CA LYS C 411 -0.07 15.21 -9.89
C LYS C 411 -0.77 14.02 -9.25
N TYR C 412 -0.86 12.89 -9.97
CA TYR C 412 -1.52 11.72 -9.44
C TYR C 412 -0.77 11.21 -8.22
N VAL C 413 0.56 11.15 -8.30
CA VAL C 413 1.37 10.68 -7.18
C VAL C 413 1.18 11.58 -5.96
N GLU C 414 1.16 12.91 -6.17
CA GLU C 414 0.99 13.80 -5.04
C GLU C 414 -0.43 13.70 -4.47
N ASP C 415 -1.44 13.59 -5.33
CA ASP C 415 -2.80 13.49 -4.81
C ASP C 415 -3.00 12.18 -4.07
N THR C 416 -2.37 11.10 -4.55
CA THR C 416 -2.46 9.82 -3.87
C THR C 416 -1.83 9.91 -2.49
N LYS C 417 -0.63 10.51 -2.43
CA LYS C 417 0.04 10.69 -1.14
C LYS C 417 -0.81 11.53 -0.20
N ILE C 418 -1.42 12.60 -0.70
CA ILE C 418 -2.21 13.46 0.17
C ILE C 418 -3.45 12.73 0.66
N ASP C 419 -4.14 12.01 -0.23
CA ASP C 419 -5.32 11.27 0.19
C ASP C 419 -4.99 10.21 1.23
N LEU C 420 -3.86 9.52 1.05
CA LEU C 420 -3.46 8.50 2.01
C LEU C 420 -3.04 9.09 3.34
N TRP C 421 -2.32 10.21 3.34
CA TRP C 421 -1.97 10.83 4.62
C TRP C 421 -3.16 11.51 5.26
N SER C 422 -4.11 11.99 4.47
CA SER C 422 -5.32 12.58 5.04
C SER C 422 -6.14 11.49 5.71
N TYR C 423 -6.22 10.32 5.06
CA TYR C 423 -6.89 9.18 5.66
C TYR C 423 -6.19 8.78 6.96
N ASN C 424 -4.86 8.69 6.92
CA ASN C 424 -4.12 8.29 8.11
C ASN C 424 -4.34 9.30 9.23
N ALA C 425 -4.36 10.59 8.90
CA ALA C 425 -4.58 11.62 9.92
C ALA C 425 -5.99 11.53 10.50
N GLU C 426 -6.98 11.25 9.66
CA GLU C 426 -8.35 11.17 10.15
C GLU C 426 -8.54 9.93 11.01
N LEU C 427 -8.01 8.80 10.58
CA LEU C 427 -8.13 7.58 11.35
C LEU C 427 -7.33 7.68 12.64
N LEU C 428 -6.14 8.27 12.56
CA LEU C 428 -5.30 8.40 13.74
C LEU C 428 -5.97 9.27 14.79
N VAL C 429 -6.54 10.40 14.36
CA VAL C 429 -7.20 11.27 15.34
C VAL C 429 -8.45 10.61 15.90
N ALA C 430 -9.26 9.97 15.06
CA ALA C 430 -10.45 9.31 15.59
C ALA C 430 -10.09 8.18 16.56
N LEU C 431 -9.05 7.41 16.25
CA LEU C 431 -8.62 6.33 17.14
C LEU C 431 -8.03 6.87 18.42
N GLU C 432 -7.24 7.94 18.32
CA GLU C 432 -6.61 8.50 19.49
C GLU C 432 -7.64 9.18 20.39
N ASN C 433 -8.67 9.79 19.80
CA ASN C 433 -9.70 10.43 20.60
C ASN C 433 -10.58 9.38 21.26
N GLN C 434 -10.85 8.27 20.55
CA GLN C 434 -11.65 7.22 21.15
C GLN C 434 -10.88 6.62 22.32
N HIS C 435 -9.56 6.44 22.13
CA HIS C 435 -8.71 5.91 23.18
C HIS C 435 -8.65 6.89 24.35
N THR C 436 -8.56 8.19 24.07
CA THR C 436 -8.51 9.19 25.14
C THR C 436 -9.78 9.13 25.98
N ILE C 437 -10.93 9.01 25.33
CA ILE C 437 -12.17 8.91 26.08
C ILE C 437 -12.16 7.63 26.90
N ASP C 438 -11.72 6.52 26.28
CA ASP C 438 -11.68 5.25 27.01
C ASP C 438 -10.72 5.31 28.18
N LEU C 439 -9.57 5.98 28.05
CA LEU C 439 -8.64 6.06 29.18
C LEU C 439 -9.22 6.90 30.30
N THR C 440 -9.89 8.01 29.98
CA THR C 440 -10.41 8.82 31.06
C THR C 440 -11.61 8.15 31.73
N ASP C 441 -12.36 7.36 30.97
CA ASP C 441 -13.46 6.63 31.57
C ASP C 441 -12.91 5.47 32.39
N SER C 442 -11.81 4.88 31.93
CA SER C 442 -11.18 3.80 32.67
C SER C 442 -10.60 4.31 33.97
N GLU C 443 -10.00 5.51 33.97
CA GLU C 443 -9.46 6.03 35.22
C GLU C 443 -10.58 6.36 36.20
N MET C 444 -11.70 6.89 35.70
CA MET C 444 -12.83 7.15 36.60
C MET C 444 -13.38 5.84 37.16
N ASN C 445 -13.46 4.82 36.30
CA ASN C 445 -13.98 3.53 36.73
C ASN C 445 -13.01 2.83 37.67
N LYS C 446 -11.71 2.99 37.44
CA LYS C 446 -10.73 2.38 38.32
C LYS C 446 -10.78 3.03 39.69
N LEU C 447 -10.98 4.34 39.75
CA LEU C 447 -11.07 4.99 41.05
C LEU C 447 -12.32 4.49 41.78
N PHE C 448 -13.41 4.28 41.02
CA PHE C 448 -14.64 3.77 41.63
C PHE C 448 -14.47 2.34 42.14
N GLU C 449 -13.86 1.47 41.33
CA GLU C 449 -13.64 0.09 41.78
C GLU C 449 -12.67 0.04 42.96
N LYS C 450 -11.65 0.89 42.95
CA LYS C 450 -10.72 0.93 44.07
C LYS C 450 -11.46 1.32 45.34
N THR C 451 -12.32 2.34 45.26
CA THR C 451 -13.07 2.76 46.44
C THR C 451 -14.00 1.64 46.91
N LYS C 452 -14.67 0.98 45.96
CA LYS C 452 -15.59 -0.10 46.31
C LYS C 452 -14.85 -1.22 47.03
N LYS C 453 -13.68 -1.59 46.52
CA LYS C 453 -12.90 -2.66 47.13
C LYS C 453 -12.42 -2.25 48.51
N GLN C 454 -12.05 -0.98 48.70
CA GLN C 454 -11.63 -0.53 50.02
C GLN C 454 -12.78 -0.60 51.01
N LEU C 455 -13.98 -0.28 50.55
CA LEU C 455 -15.16 -0.28 51.41
C LEU C 455 -15.67 -1.67 51.73
N ARG C 456 -15.39 -2.67 50.87
CA ARG C 456 -15.84 -4.04 51.08
C ARG C 456 -17.36 -4.11 51.26
N GLU C 457 -17.85 -4.55 52.43
CA GLU C 457 -19.26 -4.71 52.71
C GLU C 457 -19.83 -3.54 53.48
N ASN C 458 -19.05 -2.47 53.67
CA ASN C 458 -19.48 -1.33 54.45
C ASN C 458 -20.17 -0.25 53.61
N ALA C 459 -20.35 -0.49 52.32
CA ALA C 459 -20.99 0.51 51.47
C ALA C 459 -21.71 -0.16 50.30
N GLU C 460 -22.70 0.56 49.76
CA GLU C 460 -23.45 0.13 48.59
C GLU C 460 -23.36 1.15 47.46
N ASP C 461 -23.35 0.63 46.24
CA ASP C 461 -23.35 1.44 45.02
C ASP C 461 -24.76 1.94 44.77
N MET C 462 -24.95 3.26 44.82
CA MET C 462 -26.28 3.85 44.67
C MET C 462 -26.70 4.06 43.22
N GLY C 463 -25.84 3.73 42.26
CA GLY C 463 -26.15 3.83 40.86
C GLY C 463 -25.98 5.21 40.26
N ASN C 464 -25.57 6.20 41.06
CA ASN C 464 -25.36 7.58 40.63
C ASN C 464 -23.89 7.96 40.79
N GLY C 465 -23.00 6.98 40.88
CA GLY C 465 -21.58 7.22 41.06
C GLY C 465 -21.19 7.44 42.49
N CYS C 466 -22.12 7.23 43.42
CA CYS C 466 -21.89 7.45 44.83
C CYS C 466 -22.01 6.14 45.59
N PHE C 467 -21.29 6.07 46.69
CA PHE C 467 -21.38 4.98 47.63
C PHE C 467 -22.15 5.48 48.83
N LYS C 468 -23.08 4.68 49.33
CA LYS C 468 -23.73 4.95 50.59
C LYS C 468 -22.95 4.16 51.61
N ILE C 469 -22.38 4.85 52.60
CA ILE C 469 -21.57 4.24 53.63
C ILE C 469 -22.49 4.10 54.83
N TYR C 470 -22.57 2.89 55.39
CA TYR C 470 -23.55 2.57 56.41
C TYR C 470 -23.02 2.75 57.83
N HIS C 471 -21.96 3.53 58.00
CA HIS C 471 -21.44 3.86 59.32
C HIS C 471 -21.15 5.34 59.32
N LYS C 472 -21.12 5.91 60.52
CA LYS C 472 -20.84 7.33 60.65
C LYS C 472 -19.43 7.63 60.17
N CYS C 473 -19.31 8.69 59.38
CA CYS C 473 -18.02 9.18 58.88
C CYS C 473 -17.77 10.61 59.31
N ASP C 474 -16.52 10.88 59.64
CA ASP C 474 -16.02 12.21 59.94
C ASP C 474 -15.13 12.62 58.76
N ASN C 475 -14.52 13.80 58.83
CA ASN C 475 -13.69 14.20 57.70
C ASN C 475 -12.42 13.35 57.63
N ALA C 476 -11.91 12.91 58.77
CA ALA C 476 -10.71 12.09 58.78
C ALA C 476 -10.95 10.75 58.09
N CYS C 477 -12.12 10.15 58.33
CA CYS C 477 -12.44 8.87 57.69
C CYS C 477 -12.53 9.02 56.18
N ILE C 478 -13.22 10.06 55.71
CA ILE C 478 -13.33 10.25 54.26
C ILE C 478 -11.96 10.49 53.68
N GLY C 479 -11.13 11.28 54.38
CA GLY C 479 -9.76 11.49 53.92
C GLY C 479 -8.98 10.19 53.87
N SER C 480 -9.20 9.31 54.85
CA SER C 480 -8.54 8.01 54.87
C SER C 480 -8.95 7.20 53.65
N ILE C 481 -10.22 7.27 53.29
CA ILE C 481 -10.71 6.55 52.11
C ILE C 481 -10.03 7.10 50.87
N ARG C 482 -9.92 8.43 50.76
CA ARG C 482 -9.24 9.02 49.61
C ARG C 482 -7.77 8.62 49.55
N ASN C 483 -7.11 8.56 50.71
CA ASN C 483 -5.70 8.17 50.78
C ASN C 483 -5.49 6.72 50.44
N GLY C 484 -6.48 5.87 50.72
CA GLY C 484 -6.34 4.44 50.55
C GLY C 484 -5.85 3.74 51.79
N THR C 485 -6.10 4.33 52.96
CA THR C 485 -5.71 3.82 54.26
C THR C 485 -6.92 3.38 55.07
N TYR C 486 -8.11 3.33 54.45
CA TYR C 486 -9.32 2.96 55.15
C TYR C 486 -9.28 1.49 55.58
N ASP C 487 -9.56 1.27 56.86
CA ASP C 487 -9.59 -0.06 57.48
C ASP C 487 -11.06 -0.44 57.63
N HIS C 488 -11.52 -1.38 56.80
CA HIS C 488 -12.93 -1.74 56.81
C HIS C 488 -13.32 -2.55 58.03
N ASP C 489 -12.37 -3.06 58.81
CA ASP C 489 -12.73 -3.95 59.91
C ASP C 489 -13.21 -3.17 61.13
N VAL C 490 -12.66 -1.98 61.39
CA VAL C 490 -13.05 -1.25 62.58
C VAL C 490 -14.47 -0.72 62.42
N TYR C 491 -14.97 -0.61 61.18
CA TYR C 491 -16.30 -0.12 60.88
C TYR C 491 -17.22 -1.24 60.40
N ARG C 492 -16.76 -2.51 60.41
CA ARG C 492 -17.53 -3.56 59.79
C ARG C 492 -18.78 -3.90 60.59
N ASP C 493 -18.70 -3.86 61.93
CA ASP C 493 -19.87 -4.26 62.70
C ASP C 493 -20.95 -3.18 62.61
N GLU C 494 -20.56 -1.92 62.64
CA GLU C 494 -21.57 -0.86 62.56
C GLU C 494 -22.22 -0.88 61.18
N ALA C 495 -21.40 -0.97 60.14
CA ALA C 495 -21.91 -0.95 58.78
C ALA C 495 -22.78 -2.17 58.49
N LEU C 496 -22.42 -3.36 59.00
CA LEU C 496 -23.28 -4.51 58.72
C LEU C 496 -24.58 -4.43 59.53
N ASN C 497 -24.53 -3.93 60.77
CA ASN C 497 -25.75 -3.81 61.56
C ASN C 497 -26.73 -2.83 60.94
N ASN C 498 -26.21 -1.78 60.28
CA ASN C 498 -27.09 -0.82 59.63
C ASN C 498 -27.50 -1.24 58.22
N ARG C 499 -26.54 -1.75 57.44
CA ARG C 499 -26.76 -2.10 56.04
C ARG C 499 -27.79 -3.22 55.88
N PHE C 500 -27.79 -4.20 56.78
CA PHE C 500 -28.71 -5.34 56.72
C PHE C 500 -29.78 -5.29 57.81
N GLN C 501 -30.11 -4.09 58.29
CA GLN C 501 -31.16 -3.97 59.28
C GLN C 501 -32.50 -4.32 58.64
N ILE C 502 -33.33 -5.06 59.38
CA ILE C 502 -34.67 -5.44 58.92
C ILE C 502 -35.68 -4.56 59.65
N ASN D 8 -7.64 -22.19 60.02
CA ASN D 8 -8.73 -21.59 60.77
C ASN D 8 -10.04 -22.10 60.14
N SER D 9 -11.03 -21.22 59.94
CA SER D 9 -12.31 -21.57 59.35
C SER D 9 -12.52 -20.87 58.01
N THR D 10 -11.46 -20.30 57.45
CA THR D 10 -11.48 -19.55 56.19
C THR D 10 -10.31 -20.04 55.34
N ALA D 11 -10.28 -19.58 54.09
CA ALA D 11 -9.21 -19.93 53.18
C ALA D 11 -9.00 -18.76 52.23
N THR D 12 -7.81 -18.70 51.62
CA THR D 12 -7.52 -17.66 50.65
C THR D 12 -7.28 -18.28 49.28
N LEU D 13 -7.99 -17.79 48.27
CA LEU D 13 -7.80 -18.22 46.88
C LEU D 13 -7.38 -17.02 46.07
N CYS D 14 -6.14 -17.00 45.63
CA CYS D 14 -5.57 -15.90 44.87
C CYS D 14 -5.46 -16.32 43.42
N LEU D 15 -5.82 -15.40 42.54
CA LEU D 15 -5.75 -15.63 41.11
C LEU D 15 -4.64 -14.76 40.57
N GLY D 16 -3.95 -15.26 39.56
CA GLY D 16 -2.86 -14.49 39.02
C GLY D 16 -2.36 -15.06 37.73
N HIS D 17 -1.23 -14.53 37.30
CA HIS D 17 -0.65 -14.88 36.02
C HIS D 17 0.86 -14.96 36.14
N HIS D 18 1.47 -15.61 35.16
CA HIS D 18 2.90 -15.83 35.19
C HIS D 18 3.68 -14.56 34.88
N ALA D 19 4.96 -14.60 35.21
CA ALA D 19 5.92 -13.53 34.94
C ALA D 19 7.24 -14.20 34.62
N VAL D 20 8.15 -13.45 33.97
CA VAL D 20 9.46 -13.99 33.61
C VAL D 20 10.55 -13.05 34.13
N PRO D 21 11.75 -13.55 34.45
CA PRO D 21 12.82 -12.65 34.89
C PRO D 21 13.37 -11.74 33.81
N ASN D 22 13.19 -12.07 32.52
CA ASN D 22 13.75 -11.28 31.41
C ASN D 22 12.75 -11.16 30.28
N GLY D 23 11.95 -10.10 30.29
CA GLY D 23 10.93 -9.89 29.29
C GLY D 23 11.45 -9.06 28.15
N THR D 24 10.52 -8.58 27.31
CA THR D 24 10.84 -7.81 26.12
C THR D 24 10.09 -6.49 26.15
N ILE D 25 10.72 -5.43 25.67
CA ILE D 25 10.11 -4.11 25.64
C ILE D 25 9.43 -3.92 24.29
N VAL D 26 8.14 -3.59 24.31
CA VAL D 26 7.34 -3.38 23.12
C VAL D 26 6.66 -2.02 23.23
N LYS D 27 6.18 -1.53 22.09
CA LYS D 27 5.44 -0.28 22.02
C LYS D 27 3.94 -0.54 21.98
N THR D 28 3.18 0.38 22.57
CA THR D 28 1.72 0.37 22.54
C THR D 28 1.22 1.80 22.28
N ILE D 29 -0.10 1.95 22.26
CA ILE D 29 -0.69 3.26 22.13
C ILE D 29 -0.55 4.02 23.44
N THR D 30 -0.81 3.33 24.56
CA THR D 30 -0.72 3.97 25.88
C THR D 30 0.71 4.35 26.24
N ASN D 31 1.69 3.49 25.91
CA ASN D 31 3.07 3.71 26.32
C ASN D 31 4.01 3.27 25.20
N ASP D 32 5.22 3.83 25.22
CA ASP D 32 6.25 3.49 24.24
C ASP D 32 7.19 2.38 24.69
N GLN D 33 7.40 2.19 26.00
CA GLN D 33 8.35 1.21 26.53
C GLN D 33 7.67 0.37 27.60
N ILE D 34 6.87 -0.61 27.17
CA ILE D 34 6.14 -1.48 28.09
C ILE D 34 6.68 -2.89 27.97
N GLU D 35 6.99 -3.50 29.13
CA GLU D 35 7.56 -4.84 29.14
C GLU D 35 6.48 -5.91 29.07
N VAL D 36 6.69 -6.91 28.21
CA VAL D 36 5.81 -8.06 28.04
C VAL D 36 6.62 -9.33 28.29
N THR D 37 5.91 -10.41 28.62
CA THR D 37 6.60 -11.65 28.94
C THR D 37 7.29 -12.24 27.71
N ASN D 38 6.73 -12.06 26.52
CA ASN D 38 7.33 -12.59 25.31
C ASN D 38 6.97 -11.69 24.13
N ALA D 39 7.80 -11.73 23.09
CA ALA D 39 7.54 -10.97 21.88
C ALA D 39 8.29 -11.61 20.72
N THR D 40 7.77 -11.42 19.51
CA THR D 40 8.39 -11.88 18.29
C THR D 40 8.79 -10.69 17.41
N GLU D 41 9.90 -10.85 16.69
CA GLU D 41 10.39 -9.82 15.79
C GLU D 41 9.66 -9.90 14.45
N LEU D 42 9.07 -8.78 14.02
CA LEU D 42 8.34 -8.72 12.76
C LEU D 42 9.14 -8.09 11.62
N VAL D 43 10.36 -7.63 11.87
CA VAL D 43 11.21 -7.04 10.82
C VAL D 43 12.40 -7.96 10.59
N GLN D 44 12.55 -8.43 9.35
CA GLN D 44 13.68 -9.27 8.98
C GLN D 44 14.84 -8.32 8.74
N SER D 45 15.87 -8.39 9.58
CA SER D 45 16.98 -7.44 9.54
C SER D 45 18.28 -8.03 9.00
N SER D 46 18.27 -9.28 8.54
CA SER D 46 19.49 -9.89 8.02
C SER D 46 19.14 -10.86 6.91
N SER D 47 20.12 -11.07 6.03
CA SER D 47 20.04 -12.02 4.93
C SER D 47 21.02 -13.17 5.16
N THR D 48 20.89 -14.19 4.32
CA THR D 48 21.79 -15.32 4.38
C THR D 48 23.10 -15.04 3.66
N GLY D 49 23.14 -13.98 2.85
CA GLY D 49 24.31 -13.59 2.09
C GLY D 49 24.45 -14.25 0.74
N GLU D 50 23.54 -15.15 0.37
CA GLU D 50 23.58 -15.86 -0.90
C GLU D 50 22.22 -15.80 -1.58
N ILE D 51 22.22 -15.81 -2.91
CA ILE D 51 20.96 -15.92 -3.65
C ILE D 51 20.75 -17.41 -3.87
N CYS D 52 19.58 -17.89 -3.55
CA CYS D 52 19.27 -19.30 -3.67
C CYS D 52 18.72 -19.65 -5.06
N ASP D 53 19.15 -20.81 -5.61
CA ASP D 53 18.62 -21.31 -6.89
C ASP D 53 17.14 -21.67 -6.89
N SER D 54 16.53 -22.01 -5.75
CA SER D 54 15.11 -22.34 -5.74
C SER D 54 14.31 -21.38 -4.88
N PRO D 55 12.99 -21.22 -5.15
CA PRO D 55 12.17 -21.79 -6.24
C PRO D 55 12.29 -21.03 -7.56
N HIS D 56 12.94 -19.88 -7.60
CA HIS D 56 12.98 -19.05 -8.79
C HIS D 56 14.18 -19.44 -9.65
N GLN D 57 14.03 -19.30 -10.97
CA GLN D 57 15.14 -19.56 -11.87
C GLN D 57 16.04 -18.35 -11.91
N ILE D 58 17.30 -18.53 -11.51
CA ILE D 58 18.28 -17.45 -11.41
C ILE D 58 19.31 -17.61 -12.51
N LEU D 59 19.52 -16.56 -13.29
CA LEU D 59 20.51 -16.54 -14.35
C LEU D 59 21.63 -15.59 -13.88
N ASP D 60 22.80 -16.16 -13.63
CA ASP D 60 23.93 -15.40 -13.10
C ASP D 60 24.61 -14.67 -14.25
N GLY D 61 24.59 -13.34 -14.21
CA GLY D 61 25.16 -12.58 -15.31
C GLY D 61 26.67 -12.66 -15.42
N LYS D 62 27.36 -13.17 -14.40
CA LYS D 62 28.82 -13.30 -14.40
C LYS D 62 29.44 -11.94 -14.74
N ASN D 63 30.19 -11.84 -15.85
CA ASN D 63 30.83 -10.61 -16.27
C ASN D 63 29.96 -9.82 -17.25
N CYS D 64 28.74 -10.29 -17.50
CA CYS D 64 27.83 -9.71 -18.48
C CYS D 64 26.72 -8.90 -17.84
N THR D 65 26.29 -7.87 -18.54
CA THR D 65 25.07 -7.17 -18.23
C THR D 65 23.96 -7.79 -19.06
N LEU D 66 22.70 -7.47 -18.72
CA LEU D 66 21.61 -8.02 -19.51
C LEU D 66 21.65 -7.54 -20.95
N ILE D 67 22.00 -6.27 -21.17
CA ILE D 67 22.08 -5.76 -22.52
C ILE D 67 23.21 -6.43 -23.28
N ASP D 68 24.37 -6.64 -22.63
CA ASP D 68 25.45 -7.35 -23.30
C ASP D 68 25.02 -8.74 -23.73
N ALA D 69 24.26 -9.41 -22.87
CA ALA D 69 23.74 -10.74 -23.19
C ALA D 69 22.75 -10.66 -24.34
N LEU D 70 21.96 -9.59 -24.36
CA LEU D 70 20.99 -9.37 -25.43
C LEU D 70 21.66 -9.15 -26.77
N LEU D 71 22.72 -8.34 -26.81
CA LEU D 71 23.35 -8.01 -28.07
C LEU D 71 24.23 -9.14 -28.59
N GLY D 72 24.82 -9.95 -27.71
CA GLY D 72 25.69 -11.02 -28.15
C GLY D 72 27.16 -10.72 -27.96
N ASP D 73 27.47 -10.01 -26.88
CA ASP D 73 28.86 -9.71 -26.54
C ASP D 73 29.64 -11.02 -26.46
N PRO D 74 30.82 -11.13 -27.10
CA PRO D 74 31.55 -12.42 -27.11
C PRO D 74 31.75 -13.09 -25.76
N GLN D 75 31.81 -12.37 -24.63
CA GLN D 75 31.97 -13.08 -23.36
C GLN D 75 30.65 -13.67 -22.87
N CYS D 76 29.54 -13.36 -23.54
CA CYS D 76 28.21 -13.72 -23.07
C CYS D 76 27.59 -14.85 -23.89
N ASP D 77 28.43 -15.64 -24.57
CA ASP D 77 27.92 -16.73 -25.40
C ASP D 77 27.12 -17.74 -24.57
N GLY D 78 27.44 -17.85 -23.29
CA GLY D 78 26.73 -18.78 -22.43
C GLY D 78 25.33 -18.34 -22.07
N PHE D 79 24.93 -17.13 -22.48
CA PHE D 79 23.61 -16.59 -22.20
C PHE D 79 22.67 -16.67 -23.39
N GLN D 80 23.08 -17.26 -24.51
CA GLN D 80 22.21 -17.35 -25.67
C GLN D 80 21.02 -18.28 -25.40
N ASN D 81 19.83 -17.79 -25.72
CA ASN D 81 18.57 -18.52 -25.57
C ASN D 81 18.29 -18.97 -24.13
N LYS D 82 18.70 -18.20 -23.13
CA LYS D 82 18.43 -18.54 -21.74
C LYS D 82 17.14 -17.92 -21.26
N LYS D 83 16.60 -18.50 -20.19
CA LYS D 83 15.39 -18.05 -19.52
C LYS D 83 15.74 -17.76 -18.08
N TRP D 84 14.97 -16.87 -17.44
CA TRP D 84 15.20 -16.59 -16.04
C TRP D 84 13.92 -16.07 -15.40
N ASP D 85 13.87 -16.22 -14.08
CA ASP D 85 12.89 -15.53 -13.27
C ASP D 85 13.50 -14.27 -12.69
N LEU D 86 14.78 -14.32 -12.34
CA LEU D 86 15.51 -13.16 -11.85
C LEU D 86 16.88 -13.16 -12.51
N PHE D 87 17.22 -12.07 -13.20
CA PHE D 87 18.54 -11.92 -13.80
C PHE D 87 19.39 -11.17 -12.79
N VAL D 88 20.55 -11.73 -12.44
CA VAL D 88 21.43 -11.12 -11.45
C VAL D 88 22.60 -10.49 -12.18
N GLU D 89 22.67 -9.16 -12.11
CA GLU D 89 23.64 -8.36 -12.84
C GLU D 89 24.72 -7.97 -11.85
N ARG D 90 25.98 -8.28 -12.17
CA ARG D 90 27.06 -8.07 -11.23
C ARG D 90 27.69 -6.70 -11.40
N SER D 91 28.22 -6.16 -10.29
CA SER D 91 28.89 -4.87 -10.35
C SER D 91 30.20 -4.98 -11.12
N LYS D 92 30.93 -6.08 -10.93
CA LYS D 92 32.18 -6.31 -11.65
C LYS D 92 31.87 -6.99 -12.98
N ALA D 93 31.21 -6.20 -13.83
CA ALA D 93 30.77 -6.62 -15.14
C ALA D 93 31.15 -5.48 -16.07
N TYR D 94 31.51 -5.82 -17.29
CA TYR D 94 31.96 -4.82 -18.23
C TYR D 94 31.73 -5.31 -19.65
N SER D 95 31.64 -4.35 -20.56
CA SER D 95 31.56 -4.69 -21.97
C SER D 95 32.97 -4.94 -22.47
N ASN D 96 33.12 -5.90 -23.37
CA ASN D 96 34.41 -6.21 -23.98
C ASN D 96 34.19 -6.44 -25.46
N CYS D 97 33.53 -5.48 -26.08
CA CYS D 97 33.12 -5.57 -27.47
C CYS D 97 33.06 -4.14 -27.98
N PHE D 98 32.42 -3.95 -29.12
CA PHE D 98 32.43 -2.62 -29.73
C PHE D 98 31.74 -1.63 -28.78
N PRO D 99 32.31 -0.44 -28.55
CA PRO D 99 31.61 0.54 -27.70
C PRO D 99 30.23 0.86 -28.24
N TYR D 100 29.27 0.97 -27.33
CA TYR D 100 27.91 1.23 -27.72
C TYR D 100 27.21 2.01 -26.62
N ASP D 101 26.06 2.58 -26.97
CA ASP D 101 25.17 3.22 -26.02
C ASP D 101 23.75 2.85 -26.43
N VAL D 102 22.80 3.13 -25.54
CA VAL D 102 21.42 2.81 -25.82
C VAL D 102 20.57 4.01 -25.42
N PRO D 103 20.01 4.79 -26.35
CA PRO D 103 19.05 5.81 -25.92
C PRO D 103 17.92 5.13 -25.18
N ASP D 104 17.55 5.70 -24.03
CA ASP D 104 16.53 5.08 -23.17
C ASP D 104 16.96 3.66 -22.82
N TYR D 105 18.21 3.55 -22.33
CA TYR D 105 18.78 2.27 -21.88
C TYR D 105 17.88 1.59 -20.87
N ALA D 106 17.39 2.35 -19.90
CA ALA D 106 16.59 1.79 -18.81
C ALA D 106 15.35 1.10 -19.35
N SER D 107 14.76 1.63 -20.43
CA SER D 107 13.57 1.00 -20.98
C SER D 107 13.89 -0.32 -21.67
N LEU D 108 14.98 -0.40 -22.44
CA LEU D 108 15.29 -1.67 -23.09
C LEU D 108 15.64 -2.73 -22.05
N ARG D 109 16.40 -2.32 -21.04
CA ARG D 109 16.78 -3.23 -19.97
C ARG D 109 15.53 -3.74 -19.26
N SER D 110 14.57 -2.83 -19.00
CA SER D 110 13.31 -3.22 -18.39
C SER D 110 12.50 -4.15 -19.28
N LEU D 111 12.45 -3.86 -20.58
CA LEU D 111 11.70 -4.72 -21.51
C LEU D 111 12.22 -6.15 -21.47
N VAL D 112 13.54 -6.31 -21.51
CA VAL D 112 14.09 -7.66 -21.57
C VAL D 112 13.96 -8.33 -20.21
N ALA D 113 14.25 -7.61 -19.13
CA ALA D 113 14.14 -8.19 -17.80
C ALA D 113 12.71 -8.66 -17.52
N SER D 114 11.73 -7.85 -17.92
CA SER D 114 10.33 -8.22 -17.74
C SER D 114 9.95 -9.40 -18.62
N SER D 115 10.44 -9.40 -19.86
CA SER D 115 10.14 -10.51 -20.76
C SER D 115 10.64 -11.84 -20.20
N GLY D 116 11.86 -11.87 -19.68
CA GLY D 116 12.36 -13.06 -19.03
C GLY D 116 13.08 -14.04 -19.90
N THR D 117 13.34 -13.71 -21.17
CA THR D 117 14.01 -14.65 -22.05
C THR D 117 14.87 -13.92 -23.07
N LEU D 118 15.94 -14.61 -23.48
CA LEU D 118 16.79 -14.25 -24.59
C LEU D 118 16.58 -15.18 -25.77
N GLU D 119 15.47 -15.92 -25.77
CA GLU D 119 15.17 -16.83 -26.87
C GLU D 119 15.18 -16.01 -28.15
N PHE D 120 15.98 -16.44 -29.10
CA PHE D 120 16.16 -15.71 -30.34
C PHE D 120 15.96 -16.65 -31.51
N ASN D 121 15.21 -16.17 -32.50
CA ASN D 121 14.96 -16.91 -33.72
C ASN D 121 15.58 -16.15 -34.87
N ASN D 122 16.51 -16.79 -35.57
CA ASN D 122 17.16 -16.16 -36.70
C ASN D 122 16.14 -16.04 -37.82
N GLU D 123 16.24 -14.96 -38.59
CA GLU D 123 15.40 -14.76 -39.76
C GLU D 123 16.29 -14.40 -40.94
N SER D 124 15.85 -14.83 -42.11
CA SER D 124 16.57 -14.56 -43.34
C SER D 124 16.08 -13.24 -43.91
N PHE D 125 16.93 -12.22 -43.83
CA PHE D 125 16.63 -10.89 -44.31
C PHE D 125 17.31 -10.77 -45.66
N ASN D 126 16.68 -10.04 -46.58
CA ASN D 126 17.25 -9.91 -47.92
C ASN D 126 18.30 -8.80 -47.93
N TRP D 127 19.42 -9.09 -47.25
CA TRP D 127 20.51 -8.12 -47.16
C TRP D 127 21.39 -8.32 -48.40
N THR D 128 20.87 -7.86 -49.53
CA THR D 128 21.54 -8.07 -50.81
C THR D 128 22.18 -6.75 -51.23
N GLY D 129 23.34 -6.85 -51.85
CA GLY D 129 24.09 -5.71 -52.31
C GLY D 129 25.04 -5.15 -51.28
N VAL D 130 25.10 -5.75 -50.09
CA VAL D 130 25.96 -5.33 -48.99
C VAL D 130 26.74 -6.55 -48.51
N THR D 131 27.82 -6.27 -47.77
CA THR D 131 28.65 -7.30 -47.18
C THR D 131 28.19 -7.53 -45.75
N GLN D 132 27.88 -8.78 -45.43
CA GLN D 132 27.37 -9.17 -44.12
C GLN D 132 28.51 -9.62 -43.20
N ASN D 133 28.19 -9.66 -41.91
CA ASN D 133 29.11 -10.14 -40.87
C ASN D 133 30.39 -9.30 -40.77
N GLY D 134 30.21 -7.99 -40.66
CA GLY D 134 31.36 -7.14 -40.39
C GLY D 134 31.87 -7.38 -38.98
N THR D 135 33.19 -7.28 -38.82
CA THR D 135 33.83 -7.50 -37.53
C THR D 135 34.85 -6.40 -37.26
N SER D 136 35.36 -6.40 -36.02
CA SER D 136 36.41 -5.48 -35.63
C SER D 136 37.26 -6.10 -34.54
N SER D 137 38.44 -5.51 -34.31
CA SER D 137 39.35 -5.97 -33.29
C SER D 137 38.82 -5.72 -31.87
N ALA D 138 37.77 -4.91 -31.73
CA ALA D 138 37.19 -4.65 -30.42
C ALA D 138 36.49 -5.87 -29.84
N CYS D 139 35.94 -6.73 -30.69
CA CYS D 139 35.11 -7.87 -30.27
C CYS D 139 35.84 -9.14 -30.70
N ILE D 140 36.55 -9.78 -29.78
CA ILE D 140 37.31 -10.99 -30.06
C ILE D 140 36.53 -12.15 -29.45
N ARG D 141 36.18 -13.14 -30.27
CA ARG D 141 35.34 -14.24 -29.84
C ARG D 141 36.11 -15.53 -29.62
N ARG D 142 36.95 -15.93 -30.58
CA ARG D 142 37.78 -17.12 -30.47
C ARG D 142 39.20 -16.80 -30.93
N SER D 143 39.79 -15.75 -30.36
CA SER D 143 41.09 -15.20 -30.75
C SER D 143 41.04 -14.57 -32.14
N LYS D 144 39.85 -14.39 -32.71
CA LYS D 144 39.64 -13.80 -34.02
C LYS D 144 38.69 -12.62 -33.90
N ASN D 145 38.81 -11.66 -34.84
CA ASN D 145 37.93 -10.51 -34.83
C ASN D 145 36.49 -10.98 -35.01
N SER D 146 35.59 -10.44 -34.19
CA SER D 146 34.18 -10.80 -34.25
C SER D 146 33.35 -9.54 -34.09
N PHE D 147 32.06 -9.73 -33.77
CA PHE D 147 31.10 -8.67 -33.56
C PHE D 147 30.02 -9.28 -32.67
N PHE D 148 29.00 -8.49 -32.32
CA PHE D 148 27.91 -9.01 -31.50
C PHE D 148 27.23 -10.15 -32.25
N SER D 149 26.96 -11.25 -31.53
CA SER D 149 26.38 -12.43 -32.16
C SER D 149 24.95 -12.24 -32.65
N ARG D 150 24.22 -11.24 -32.16
CA ARG D 150 22.84 -11.03 -32.55
C ARG D 150 22.67 -9.85 -33.50
N LEU D 151 23.77 -9.23 -33.91
CA LEU D 151 23.77 -8.07 -34.79
C LEU D 151 24.60 -8.41 -36.02
N ASN D 152 24.22 -7.82 -37.15
CA ASN D 152 24.89 -8.04 -38.43
C ASN D 152 25.39 -6.69 -38.91
N TRP D 153 26.71 -6.47 -38.85
CA TRP D 153 27.26 -5.19 -39.24
C TRP D 153 27.38 -5.21 -40.76
N LEU D 154 26.53 -4.45 -41.44
CA LEU D 154 26.51 -4.44 -42.89
C LEU D 154 27.45 -3.35 -43.38
N THR D 155 28.23 -3.67 -44.40
CA THR D 155 29.16 -2.74 -45.03
C THR D 155 28.94 -2.79 -46.54
N HIS D 156 29.66 -1.93 -47.25
CA HIS D 156 29.53 -1.90 -48.70
C HIS D 156 29.99 -3.21 -49.32
N LEU D 157 29.49 -3.47 -50.53
CA LEU D 157 29.92 -4.58 -51.37
C LEU D 157 30.50 -3.98 -52.65
N ASN D 158 31.77 -4.27 -52.92
CA ASN D 158 32.46 -3.73 -54.10
C ASN D 158 32.35 -2.22 -54.17
N PHE D 159 32.48 -1.58 -53.01
CA PHE D 159 32.44 -0.13 -52.83
C PHE D 159 31.07 0.48 -53.12
N LYS D 160 30.01 -0.33 -53.06
CA LYS D 160 28.64 0.16 -53.15
C LYS D 160 27.85 -0.39 -51.99
N TYR D 161 26.93 0.45 -51.48
CA TYR D 161 26.01 0.08 -50.42
C TYR D 161 24.63 0.53 -50.90
N PRO D 162 23.93 -0.29 -51.70
CA PRO D 162 22.68 0.17 -52.29
C PRO D 162 21.66 0.35 -51.19
N ALA D 163 20.71 1.25 -51.40
CA ALA D 163 19.71 1.42 -50.36
C ALA D 163 18.98 0.11 -50.14
N LEU D 164 18.85 -0.24 -48.87
CA LEU D 164 18.14 -1.42 -48.42
C LEU D 164 16.70 -1.03 -48.11
N ASN D 165 15.75 -1.84 -48.61
CA ASN D 165 14.31 -1.68 -48.34
C ASN D 165 13.83 -3.10 -48.03
N VAL D 166 14.08 -3.53 -46.80
CA VAL D 166 13.95 -4.94 -46.41
C VAL D 166 12.72 -5.12 -45.53
N THR D 167 11.86 -6.03 -45.97
CA THR D 167 10.56 -6.30 -45.36
C THR D 167 10.61 -7.62 -44.61
N MET D 168 10.12 -7.62 -43.36
CA MET D 168 10.05 -8.82 -42.53
C MET D 168 8.67 -8.94 -41.89
N PRO D 169 7.72 -9.64 -42.53
CA PRO D 169 6.37 -9.68 -41.98
C PRO D 169 6.33 -10.52 -40.70
N ASN D 170 5.42 -10.15 -39.79
CA ASN D 170 5.20 -10.92 -38.56
C ASN D 170 3.94 -11.75 -38.74
N ASN D 171 4.13 -13.01 -39.09
CA ASN D 171 3.04 -13.94 -39.37
C ASN D 171 2.79 -14.90 -38.22
N GLU D 172 3.32 -14.59 -37.03
CA GLU D 172 3.19 -15.42 -35.84
C GLU D 172 2.08 -14.85 -34.96
N GLN D 173 1.80 -15.54 -33.86
CA GLN D 173 0.78 -15.15 -32.89
C GLN D 173 1.35 -14.39 -31.70
N PHE D 174 2.65 -14.11 -31.69
CA PHE D 174 3.35 -13.42 -30.61
C PHE D 174 4.07 -12.17 -31.11
N ASP D 175 4.34 -11.27 -30.16
CA ASP D 175 5.10 -10.06 -30.46
C ASP D 175 6.56 -10.43 -30.70
N LYS D 176 7.18 -9.77 -31.70
CA LYS D 176 8.59 -9.98 -32.01
C LYS D 176 9.39 -8.74 -31.62
N LEU D 177 10.47 -8.94 -30.88
CA LEU D 177 11.36 -7.85 -30.48
C LEU D 177 12.58 -7.85 -31.39
N TYR D 178 12.77 -6.75 -32.12
CA TYR D 178 13.91 -6.60 -33.02
C TYR D 178 14.86 -5.59 -32.42
N ILE D 179 16.13 -5.96 -32.33
CA ILE D 179 17.21 -5.12 -31.83
C ILE D 179 18.08 -4.76 -33.02
N TRP D 180 18.35 -3.48 -33.19
CA TRP D 180 19.13 -2.97 -34.31
C TRP D 180 19.87 -1.76 -33.81
N GLY D 181 20.83 -1.28 -34.61
CA GLY D 181 21.51 -0.07 -34.19
C GLY D 181 22.01 0.74 -35.36
N VAL D 182 22.69 1.83 -35.01
CA VAL D 182 23.26 2.78 -35.95
C VAL D 182 24.72 2.97 -35.60
N HIS D 183 25.59 2.87 -36.60
CA HIS D 183 27.01 3.07 -36.40
C HIS D 183 27.32 4.56 -36.56
N HIS D 184 28.10 5.11 -35.63
CA HIS D 184 28.52 6.51 -35.65
C HIS D 184 30.04 6.49 -35.81
N PRO D 185 30.55 6.56 -37.05
CA PRO D 185 32.00 6.49 -37.28
C PRO D 185 32.73 7.63 -36.61
N GLY D 186 34.02 7.41 -36.35
CA GLY D 186 34.79 8.44 -35.69
C GLY D 186 35.40 9.46 -36.63
N THR D 187 35.23 9.28 -37.94
CA THR D 187 35.80 10.17 -38.94
C THR D 187 35.13 9.87 -40.27
N ASP D 188 35.14 10.85 -41.18
CA ASP D 188 34.59 10.66 -42.52
C ASP D 188 35.30 9.52 -43.26
N LYS D 189 36.60 9.35 -43.00
CA LYS D 189 37.36 8.27 -43.63
C LYS D 189 36.73 6.92 -43.32
N ASP D 190 36.21 6.78 -42.10
CA ASP D 190 35.59 5.52 -41.71
C ASP D 190 34.25 5.36 -42.42
N GLN D 191 33.53 6.48 -42.59
CA GLN D 191 32.23 6.42 -43.26
C GLN D 191 32.39 5.96 -44.69
N ILE D 192 33.43 6.44 -45.38
CA ILE D 192 33.62 6.01 -46.75
C ILE D 192 34.18 4.59 -46.80
N PHE D 193 35.16 4.29 -45.96
CA PHE D 193 35.75 2.96 -45.91
C PHE D 193 34.70 1.88 -45.68
N LEU D 194 33.80 2.09 -44.71
CA LEU D 194 32.80 1.08 -44.39
C LEU D 194 31.56 1.13 -45.28
N TYR D 195 31.06 2.33 -45.63
CA TYR D 195 29.81 2.44 -46.36
C TYR D 195 29.93 3.03 -47.76
N ALA D 196 31.05 3.67 -48.09
CA ALA D 196 31.29 4.26 -49.41
C ALA D 196 30.31 5.39 -49.77
N GLN D 197 29.66 6.02 -48.80
CA GLN D 197 28.78 7.15 -49.10
C GLN D 197 28.44 7.89 -47.81
N ALA D 198 27.83 9.05 -47.97
CA ALA D 198 27.44 9.90 -46.86
C ALA D 198 26.41 9.21 -45.95
N SER D 199 26.36 9.69 -44.71
CA SER D 199 25.58 9.07 -43.64
C SER D 199 24.11 8.87 -43.99
N GLY D 200 23.48 9.87 -44.59
CA GLY D 200 22.06 9.74 -44.87
C GLY D 200 21.30 9.54 -43.57
N ARG D 201 20.40 8.56 -43.54
CA ARG D 201 19.63 8.24 -42.35
C ARG D 201 19.10 6.83 -42.45
N ILE D 202 18.76 6.26 -41.29
CA ILE D 202 18.15 4.93 -41.19
C ILE D 202 16.75 5.07 -40.62
N THR D 203 15.75 4.54 -41.34
CA THR D 203 14.37 4.54 -40.88
C THR D 203 13.89 3.10 -40.72
N VAL D 204 13.38 2.77 -39.53
CA VAL D 204 12.81 1.46 -39.23
C VAL D 204 11.36 1.73 -38.84
N SER D 205 10.42 1.10 -39.52
CA SER D 205 9.01 1.39 -39.25
C SER D 205 8.12 0.17 -39.34
N THR D 206 6.96 0.31 -38.72
CA THR D 206 5.89 -0.67 -38.66
C THR D 206 4.60 0.06 -39.04
N LYS D 207 3.49 -0.67 -39.05
CA LYS D 207 2.22 -0.02 -39.30
C LYS D 207 1.85 0.92 -38.15
N ARG D 208 2.27 0.59 -36.93
CA ARG D 208 1.94 1.37 -35.74
C ARG D 208 2.95 2.46 -35.40
N SER D 209 4.22 2.32 -35.77
CA SER D 209 5.22 3.30 -35.36
C SER D 209 6.35 3.40 -36.37
N GLN D 210 7.17 4.44 -36.20
CA GLN D 210 8.35 4.69 -37.01
C GLN D 210 9.46 5.24 -36.12
N GLN D 211 10.70 4.91 -36.47
CA GLN D 211 11.89 5.47 -35.83
C GLN D 211 12.90 5.85 -36.90
N THR D 212 13.37 7.10 -36.89
CA THR D 212 14.39 7.56 -37.83
C THR D 212 15.59 8.05 -37.03
N VAL D 213 16.76 7.51 -37.35
CA VAL D 213 18.01 7.84 -36.69
C VAL D 213 19.06 8.24 -37.72
N SER D 214 19.70 9.39 -37.50
CA SER D 214 20.77 9.83 -38.39
C SER D 214 22.14 9.47 -37.82
N PRO D 215 23.11 8.97 -38.61
CA PRO D 215 24.48 8.86 -38.10
C PRO D 215 25.10 10.23 -37.84
N ASN D 216 25.96 10.29 -36.83
CA ASN D 216 26.68 11.52 -36.46
C ASN D 216 28.18 11.24 -36.43
N ILE D 217 28.84 11.54 -37.54
CA ILE D 217 30.26 11.26 -37.74
C ILE D 217 31.12 12.27 -36.98
N GLY D 218 32.04 11.76 -36.18
CA GLY D 218 32.95 12.59 -35.43
C GLY D 218 33.63 11.80 -34.34
N SER D 219 34.75 12.33 -33.88
CA SER D 219 35.52 11.63 -32.87
C SER D 219 34.81 11.66 -31.53
N ARG D 220 34.93 10.57 -30.80
CA ARG D 220 34.46 10.42 -29.44
C ARG D 220 35.64 9.91 -28.64
N PRO D 221 35.69 10.13 -27.32
CA PRO D 221 36.80 9.58 -26.55
C PRO D 221 36.90 8.08 -26.76
N ARG D 222 38.12 7.60 -26.96
CA ARG D 222 38.28 6.17 -27.23
C ARG D 222 37.95 5.32 -26.02
N VAL D 223 37.16 4.27 -26.28
CA VAL D 223 36.82 3.24 -25.31
C VAL D 223 37.36 1.96 -25.92
N ARG D 224 38.27 1.30 -25.22
CA ARG D 224 38.94 0.12 -25.74
C ARG D 224 39.57 0.41 -27.11
N ASN D 225 40.15 1.61 -27.24
CA ASN D 225 40.82 2.10 -28.45
C ASN D 225 39.91 2.30 -29.65
N ILE D 226 38.59 2.35 -29.49
CA ILE D 226 37.66 2.59 -30.61
C ILE D 226 37.10 4.01 -30.47
N PRO D 227 37.29 4.90 -31.46
CA PRO D 227 36.77 6.27 -31.36
C PRO D 227 35.32 6.44 -31.81
N SER D 228 34.65 5.38 -32.23
CA SER D 228 33.32 5.36 -32.81
C SER D 228 32.34 4.68 -31.85
N ARG D 229 31.04 4.82 -32.13
CA ARG D 229 30.02 4.22 -31.27
C ARG D 229 28.90 3.59 -32.08
N ILE D 230 28.23 2.61 -31.48
CA ILE D 230 26.97 2.07 -32.02
C ILE D 230 25.84 2.39 -31.06
N SER D 231 24.77 3.01 -31.58
CA SER D 231 23.59 3.32 -30.80
C SER D 231 22.60 2.17 -31.00
N ILE D 232 22.02 1.68 -29.91
CA ILE D 232 21.09 0.55 -29.95
C ILE D 232 19.65 1.06 -29.86
N TYR D 233 18.83 0.60 -30.81
CA TYR D 233 17.43 0.92 -30.95
C TYR D 233 16.68 -0.40 -31.00
N TRP D 234 15.40 -0.38 -30.65
CA TRP D 234 14.59 -1.58 -30.71
C TRP D 234 13.19 -1.25 -31.18
N THR D 235 12.51 -2.25 -31.71
CA THR D 235 11.12 -2.12 -32.11
C THR D 235 10.38 -3.42 -31.81
N ILE D 236 9.07 -3.28 -31.53
CA ILE D 236 8.21 -4.42 -31.24
C ILE D 236 7.21 -4.53 -32.37
N VAL D 237 7.15 -5.70 -32.99
CA VAL D 237 6.27 -5.96 -34.11
C VAL D 237 5.13 -6.82 -33.61
N LYS D 238 3.91 -6.33 -33.74
CA LYS D 238 2.72 -7.03 -33.28
C LYS D 238 2.30 -8.08 -34.31
N PRO D 239 1.60 -9.14 -33.90
CA PRO D 239 1.09 -10.11 -34.88
C PRO D 239 0.27 -9.42 -35.95
N GLY D 240 0.53 -9.77 -37.21
CA GLY D 240 -0.17 -9.18 -38.32
C GLY D 240 0.51 -7.94 -38.87
N ASP D 241 1.52 -7.42 -38.17
CA ASP D 241 2.22 -6.23 -38.62
C ASP D 241 3.41 -6.64 -39.49
N ILE D 242 4.13 -5.65 -40.01
CA ILE D 242 5.29 -5.84 -40.88
C ILE D 242 6.42 -4.92 -40.46
N LEU D 243 7.64 -5.46 -40.35
CA LEU D 243 8.81 -4.65 -40.05
C LEU D 243 9.45 -4.23 -41.36
N LEU D 244 9.61 -2.92 -41.57
CA LEU D 244 10.25 -2.40 -42.77
C LEU D 244 11.47 -1.60 -42.37
N ILE D 245 12.64 -2.01 -42.88
CA ILE D 245 13.90 -1.33 -42.62
C ILE D 245 14.39 -0.67 -43.90
N ASN D 246 14.52 0.67 -43.88
CA ASN D 246 15.04 1.44 -45.01
C ASN D 246 16.33 2.11 -44.59
N SER D 247 17.44 1.72 -45.22
CA SER D 247 18.74 2.24 -44.83
C SER D 247 19.68 2.43 -46.01
N THR D 248 20.43 3.53 -46.00
CA THR D 248 21.44 3.81 -47.01
C THR D 248 22.85 3.61 -46.47
N GLY D 249 23.00 3.20 -45.22
CA GLY D 249 24.30 3.01 -44.63
C GLY D 249 24.20 3.13 -43.11
N ASN D 250 25.30 2.76 -42.45
CA ASN D 250 25.44 2.89 -41.00
C ASN D 250 24.45 2.04 -40.22
N LEU D 251 23.92 0.97 -40.83
CA LEU D 251 22.96 0.09 -40.16
C LEU D 251 23.63 -1.12 -39.56
N ILE D 252 23.36 -1.35 -38.28
CA ILE D 252 23.76 -2.55 -37.58
C ILE D 252 22.47 -3.35 -37.55
N ALA D 253 22.34 -4.29 -38.47
CA ALA D 253 21.10 -4.96 -38.78
C ALA D 253 20.74 -6.06 -37.77
N PRO D 254 19.46 -6.34 -37.59
CA PRO D 254 19.08 -7.51 -36.79
C PRO D 254 19.36 -8.79 -37.56
N ARG D 255 19.70 -9.84 -36.83
CA ARG D 255 19.84 -11.18 -37.39
C ARG D 255 18.58 -12.03 -37.18
N GLY D 256 17.57 -11.47 -36.54
CA GLY D 256 16.37 -12.20 -36.17
C GLY D 256 15.68 -11.44 -35.06
N TYR D 257 14.80 -12.14 -34.36
CA TYR D 257 14.00 -11.49 -33.32
C TYR D 257 14.08 -12.23 -32.00
N PHE D 258 13.82 -11.48 -30.93
CA PHE D 258 13.69 -12.01 -29.59
C PHE D 258 12.21 -12.11 -29.28
N LYS D 259 11.81 -13.14 -28.55
CA LYS D 259 10.42 -13.25 -28.14
C LYS D 259 10.13 -12.37 -26.94
N ILE D 260 8.93 -11.77 -26.92
CA ILE D 260 8.45 -11.01 -25.77
C ILE D 260 7.40 -11.87 -25.09
N ARG D 261 7.60 -12.11 -23.79
CA ARG D 261 6.66 -12.89 -23.00
C ARG D 261 6.13 -12.04 -21.88
N SER D 262 4.94 -12.38 -21.40
CA SER D 262 4.43 -11.76 -20.19
C SER D 262 4.85 -12.71 -19.09
N GLY D 263 5.13 -12.19 -17.90
CA GLY D 263 5.55 -13.09 -16.85
C GLY D 263 5.97 -12.38 -15.60
N LYS D 264 6.63 -13.15 -14.75
CA LYS D 264 7.10 -12.75 -13.45
C LYS D 264 8.59 -12.40 -13.44
N SER D 265 9.23 -12.31 -14.61
CA SER D 265 10.66 -12.09 -14.67
C SER D 265 11.05 -10.65 -14.34
N SER D 266 12.24 -10.48 -13.78
CA SER D 266 12.81 -9.16 -13.50
C SER D 266 14.33 -9.27 -13.47
N ILE D 267 14.98 -8.12 -13.26
CA ILE D 267 16.43 -8.01 -13.15
C ILE D 267 16.79 -7.32 -11.85
N MET D 268 17.86 -7.80 -11.21
CA MET D 268 18.37 -7.24 -9.96
C MET D 268 19.88 -7.09 -10.06
N ARG D 269 20.41 -6.02 -9.46
CA ARG D 269 21.85 -5.78 -9.40
C ARG D 269 22.34 -6.30 -8.06
N SER D 270 23.24 -7.28 -8.08
CA SER D 270 23.70 -7.86 -6.83
C SER D 270 25.03 -8.58 -7.04
N ASP D 271 25.92 -8.45 -6.06
CA ASP D 271 27.20 -9.18 -6.05
C ASP D 271 27.17 -10.39 -5.14
N ALA D 272 26.00 -10.75 -4.62
CA ALA D 272 25.90 -11.90 -3.73
C ALA D 272 26.15 -13.19 -4.51
N PRO D 273 26.82 -14.18 -3.92
CA PRO D 273 26.97 -15.47 -4.60
C PRO D 273 25.63 -16.18 -4.66
N ILE D 274 25.50 -17.10 -5.62
CA ILE D 274 24.29 -17.89 -5.78
C ILE D 274 24.53 -19.29 -5.24
N GLY D 275 23.68 -19.71 -4.29
CA GLY D 275 23.82 -20.98 -3.60
C GLY D 275 22.65 -21.94 -3.70
N LYS D 276 22.81 -23.15 -3.15
CA LYS D 276 21.75 -24.19 -3.31
C LYS D 276 20.82 -24.18 -2.09
N CYS D 277 19.82 -23.30 -2.09
CA CYS D 277 18.85 -23.22 -0.97
C CYS D 277 17.46 -22.86 -1.51
N ASN D 278 16.40 -23.15 -0.74
CA ASN D 278 15.03 -22.76 -1.17
C ASN D 278 14.59 -21.52 -0.39
N SER D 279 14.25 -20.43 -1.08
CA SER D 279 13.78 -19.21 -0.44
C SER D 279 12.96 -18.44 -1.47
N GLU D 280 11.72 -18.15 -1.11
CA GLU D 280 10.82 -17.41 -1.99
C GLU D 280 11.22 -15.96 -2.25
N CYS D 281 11.82 -15.28 -1.26
CA CYS D 281 12.25 -13.89 -1.39
C CYS D 281 13.72 -13.75 -1.75
N ILE D 282 14.02 -12.86 -2.70
CA ILE D 282 15.39 -12.51 -3.10
C ILE D 282 15.57 -11.00 -3.00
N THR D 283 16.68 -10.58 -2.38
CA THR D 283 17.08 -9.18 -2.29
C THR D 283 18.50 -9.04 -2.81
N PRO D 284 18.95 -7.80 -3.09
CA PRO D 284 20.36 -7.61 -3.47
C PRO D 284 21.37 -8.08 -2.42
N ASN D 285 20.95 -8.27 -1.18
CA ASN D 285 21.81 -8.75 -0.10
C ASN D 285 21.75 -10.27 0.02
N GLY D 286 21.02 -10.93 -0.86
CA GLY D 286 20.76 -12.36 -0.81
C GLY D 286 19.34 -12.64 -0.37
N SER D 287 18.97 -13.91 -0.42
CA SER D 287 17.61 -14.27 -0.05
C SER D 287 17.38 -14.05 1.45
N ILE D 288 16.13 -13.75 1.79
CA ILE D 288 15.73 -13.58 3.18
C ILE D 288 14.51 -14.46 3.48
N PRO D 289 14.29 -14.88 4.72
CA PRO D 289 13.02 -15.52 5.07
C PRO D 289 11.85 -14.58 4.83
N ASN D 290 10.71 -15.14 4.43
CA ASN D 290 9.51 -14.32 4.21
C ASN D 290 8.42 -14.62 5.24
N ASP D 291 8.83 -15.04 6.44
CA ASP D 291 7.84 -15.32 7.48
C ASP D 291 7.40 -14.01 8.11
N LYS D 292 8.34 -13.15 8.45
CA LYS D 292 8.02 -11.89 9.08
C LYS D 292 7.25 -11.00 8.11
N PRO D 293 6.27 -10.21 8.57
CA PRO D 293 5.56 -9.32 7.64
C PRO D 293 6.39 -8.18 7.09
N PHE D 294 7.47 -7.79 7.75
CA PHE D 294 8.28 -6.64 7.34
C PHE D 294 9.75 -7.04 7.26
N GLN D 295 10.49 -6.25 6.49
CA GLN D 295 11.94 -6.40 6.35
C GLN D 295 12.62 -5.04 6.35
N ASN D 296 13.88 -5.02 6.78
CA ASN D 296 14.75 -3.85 6.72
C ASN D 296 16.06 -4.16 5.99
N VAL D 297 16.05 -5.13 5.08
CA VAL D 297 17.26 -5.50 4.36
C VAL D 297 17.46 -4.65 3.12
N ASN D 298 16.44 -4.55 2.27
CA ASN D 298 16.58 -3.75 1.06
C ASN D 298 15.19 -3.35 0.58
N ARG D 299 15.11 -2.20 -0.07
CA ARG D 299 13.89 -1.77 -0.74
C ARG D 299 13.69 -2.51 -2.06
N ILE D 300 14.76 -3.07 -2.62
CA ILE D 300 14.71 -3.79 -3.89
C ILE D 300 14.49 -5.26 -3.56
N THR D 301 13.36 -5.81 -4.00
CA THR D 301 13.00 -7.18 -3.69
C THR D 301 12.45 -7.87 -4.93
N TYR D 302 12.48 -9.21 -4.90
CA TYR D 302 11.85 -10.03 -5.92
C TYR D 302 11.20 -11.24 -5.25
N GLY D 303 9.98 -11.57 -5.67
CA GLY D 303 9.28 -12.74 -5.17
C GLY D 303 8.34 -12.39 -4.03
N ALA D 304 7.98 -13.42 -3.25
CA ALA D 304 6.98 -13.33 -2.19
C ALA D 304 7.65 -12.78 -0.93
N CYS D 305 7.98 -11.51 -1.02
CA CYS D 305 8.76 -10.85 0.03
C CYS D 305 7.91 -10.12 1.07
N PRO D 306 8.50 -9.91 2.25
CA PRO D 306 7.96 -8.93 3.21
C PRO D 306 8.08 -7.52 2.66
N ARG D 307 7.26 -6.62 3.19
CA ARG D 307 7.32 -5.23 2.77
C ARG D 307 8.45 -4.50 3.51
N TYR D 308 9.15 -3.62 2.78
CA TYR D 308 10.24 -2.84 3.32
C TYR D 308 9.77 -1.65 4.15
N VAL D 309 10.34 -1.52 5.35
CA VAL D 309 10.06 -0.44 6.27
C VAL D 309 11.38 0.18 6.70
N LYS D 310 11.30 1.40 7.24
CA LYS D 310 12.49 2.07 7.75
C LYS D 310 12.92 1.54 9.11
N GLN D 311 11.98 1.07 9.91
CA GLN D 311 12.29 0.60 11.25
C GLN D 311 13.24 -0.59 11.20
N ASN D 312 14.25 -0.57 12.07
CA ASN D 312 15.17 -1.70 12.13
C ASN D 312 14.55 -2.84 12.94
N THR D 313 13.72 -2.52 13.93
CA THR D 313 13.09 -3.54 14.76
C THR D 313 11.66 -3.12 15.06
N LEU D 314 10.77 -4.11 15.03
CA LEU D 314 9.38 -3.95 15.46
C LEU D 314 9.06 -5.26 16.16
N LYS D 315 8.72 -5.21 17.43
CA LYS D 315 8.44 -6.43 18.18
C LYS D 315 6.98 -6.46 18.60
N LEU D 316 6.34 -7.57 18.25
CA LEU D 316 4.95 -7.83 18.50
C LEU D 316 4.82 -8.69 19.73
N ALA D 317 4.09 -8.20 20.73
CA ALA D 317 3.95 -8.94 21.96
C ALA D 317 3.23 -10.25 21.67
N THR D 318 3.73 -11.32 22.29
CA THR D 318 3.18 -12.66 22.18
C THR D 318 2.92 -13.18 23.59
N GLY D 319 2.66 -12.26 24.50
CA GLY D 319 2.40 -12.56 25.89
C GLY D 319 1.90 -11.31 26.57
N MET D 320 1.61 -11.48 27.84
CA MET D 320 1.06 -10.45 28.71
C MET D 320 2.14 -9.59 29.32
N ARG D 321 1.71 -8.53 30.02
CA ARG D 321 2.64 -7.64 30.69
C ARG D 321 3.47 -8.42 31.70
N ASN D 322 4.78 -8.14 31.72
CA ASN D 322 5.69 -8.78 32.65
C ASN D 322 5.76 -7.90 33.89
N VAL D 323 5.31 -8.44 35.02
CA VAL D 323 5.29 -7.70 36.27
C VAL D 323 6.06 -8.52 37.30
N PRO D 324 7.39 -8.36 37.38
CA PRO D 324 8.20 -9.23 38.25
C PRO D 324 7.77 -9.23 39.71
N GLU D 325 7.95 -10.41 40.34
CA GLU D 325 7.62 -10.79 41.72
C GLU D 325 6.58 -11.90 41.68
N ALA D 334 2.08 -14.14 53.18
CA ALA D 334 0.86 -13.71 52.50
C ALA D 334 0.95 -14.00 51.01
N ILE D 335 -0.21 -14.05 50.37
CA ILE D 335 -0.34 -14.32 48.93
C ILE D 335 -1.07 -13.14 48.31
N ALA D 336 -0.64 -12.74 47.12
CA ALA D 336 -1.29 -11.69 46.36
C ALA D 336 -1.36 -12.11 44.91
N GLY D 337 -2.39 -11.62 44.21
CA GLY D 337 -2.63 -11.94 42.82
C GLY D 337 -2.23 -10.89 41.82
N PHE D 338 -2.89 -10.96 40.66
CA PHE D 338 -2.62 -10.11 39.49
C PHE D 338 -2.73 -8.62 39.74
N ILE D 339 -3.47 -8.17 40.75
CA ILE D 339 -3.54 -6.73 41.00
C ILE D 339 -2.20 -6.17 41.45
N GLU D 340 -1.46 -6.91 42.27
CA GLU D 340 -0.20 -6.41 42.79
C GLU D 340 1.01 -6.83 41.96
N ASN D 341 1.05 -8.06 41.47
CA ASN D 341 2.19 -8.50 40.68
C ASN D 341 1.87 -9.80 39.96
N GLY D 342 2.81 -10.24 39.13
CA GLY D 342 2.73 -11.54 38.49
C GLY D 342 3.43 -12.57 39.34
N TRP D 343 3.31 -13.84 38.96
CA TRP D 343 3.90 -14.96 39.68
C TRP D 343 5.07 -15.54 38.91
N GLU D 344 6.29 -15.40 39.45
CA GLU D 344 7.48 -15.91 38.78
C GLU D 344 7.65 -17.42 38.95
N GLY D 345 6.90 -18.04 39.86
CA GLY D 345 6.93 -19.45 40.16
C GLY D 345 5.98 -20.32 39.36
N MET D 346 5.29 -19.75 38.37
CA MET D 346 4.34 -20.51 37.55
C MET D 346 4.93 -20.81 36.18
N VAL D 347 5.04 -22.11 35.87
CA VAL D 347 5.66 -22.57 34.64
C VAL D 347 4.74 -23.45 33.81
N ASP D 348 3.54 -23.79 34.30
CA ASP D 348 2.66 -24.72 33.60
C ASP D 348 1.73 -23.99 32.64
N GLY D 349 1.44 -22.72 32.90
CA GLY D 349 0.51 -21.96 32.09
C GLY D 349 0.70 -20.48 32.34
N TRP D 350 -0.21 -19.71 31.74
CA TRP D 350 -0.13 -18.26 31.83
C TRP D 350 -0.99 -17.70 32.95
N TYR D 351 -2.11 -18.35 33.25
CA TYR D 351 -3.06 -17.92 34.26
C TYR D 351 -3.22 -19.06 35.25
N GLY D 352 -3.55 -18.72 36.48
CA GLY D 352 -3.79 -19.79 37.43
C GLY D 352 -4.20 -19.29 38.79
N PHE D 353 -4.18 -20.24 39.71
CA PHE D 353 -4.62 -20.08 41.07
C PHE D 353 -3.48 -20.45 42.00
N ARG D 354 -3.45 -19.77 43.13
CA ARG D 354 -2.55 -20.04 44.24
C ARG D 354 -3.47 -19.99 45.44
N HIS D 355 -3.26 -20.85 46.43
CA HIS D 355 -4.19 -20.87 47.54
C HIS D 355 -3.49 -21.18 48.85
N GLN D 356 -4.14 -20.74 49.92
CA GLN D 356 -3.76 -21.00 51.29
C GLN D 356 -4.95 -21.70 51.92
N ASN D 357 -4.75 -22.94 52.35
CA ASN D 357 -5.77 -23.80 52.94
C ASN D 357 -5.32 -24.27 54.31
N SER D 358 -6.18 -25.08 54.94
CA SER D 358 -5.84 -25.67 56.23
C SER D 358 -4.68 -26.65 56.08
N GLU D 359 -4.69 -27.40 54.97
CA GLU D 359 -3.62 -28.38 54.73
C GLU D 359 -2.30 -27.69 54.41
N GLY D 360 -2.33 -26.61 53.66
CA GLY D 360 -1.11 -25.91 53.31
C GLY D 360 -1.32 -25.07 52.07
N ARG D 361 -0.22 -24.43 51.66
CA ARG D 361 -0.20 -23.57 50.49
C ARG D 361 0.03 -24.39 49.23
N GLY D 362 -0.54 -23.93 48.12
CA GLY D 362 -0.33 -24.60 46.86
C GLY D 362 -0.60 -23.71 45.67
N GLN D 363 -0.39 -24.28 44.48
CA GLN D 363 -0.53 -23.55 43.23
C GLN D 363 -0.92 -24.53 42.13
N ALA D 364 -1.76 -24.05 41.21
CA ALA D 364 -2.14 -24.82 40.02
C ALA D 364 -2.41 -23.80 38.92
N ALA D 365 -2.13 -24.18 37.68
CA ALA D 365 -2.41 -23.28 36.57
C ALA D 365 -3.82 -23.51 36.03
N ASP D 366 -4.42 -22.45 35.50
CA ASP D 366 -5.70 -22.51 34.81
C ASP D 366 -5.38 -22.65 33.33
N LEU D 367 -5.47 -23.87 32.81
CA LEU D 367 -4.98 -24.12 31.47
C LEU D 367 -5.98 -23.71 30.40
N LYS D 368 -7.27 -23.60 30.74
CA LYS D 368 -8.26 -23.17 29.76
C LYS D 368 -8.14 -21.68 29.46
N SER D 369 -7.90 -20.86 30.49
CA SER D 369 -7.74 -19.42 30.24
C SER D 369 -6.42 -19.17 29.53
N THR D 370 -5.39 -19.95 29.89
CA THR D 370 -4.11 -19.83 29.23
C THR D 370 -4.25 -20.12 27.75
N GLN D 371 -4.94 -21.21 27.42
CA GLN D 371 -5.08 -21.54 26.02
C GLN D 371 -5.95 -20.52 25.31
N ALA D 372 -6.98 -19.99 25.97
CA ALA D 372 -7.81 -18.99 25.29
C ALA D 372 -6.97 -17.77 24.89
N ALA D 373 -6.10 -17.32 25.80
CA ALA D 373 -5.23 -16.18 25.47
C ALA D 373 -4.27 -16.55 24.36
N ILE D 374 -3.73 -17.78 24.40
CA ILE D 374 -2.79 -18.18 23.36
C ILE D 374 -3.49 -18.30 22.01
N ASP D 375 -4.69 -18.88 21.96
CA ASP D 375 -5.38 -18.96 20.67
C ASP D 375 -5.65 -17.57 20.10
N GLN D 376 -5.99 -16.60 20.96
CA GLN D 376 -6.23 -15.26 20.41
C GLN D 376 -4.93 -14.68 19.85
N ILE D 377 -3.82 -14.91 20.56
CA ILE D 377 -2.52 -14.44 20.07
C ILE D 377 -2.15 -15.18 18.79
N ASN D 378 -2.40 -16.49 18.75
CA ASN D 378 -2.09 -17.29 17.57
C ASN D 378 -2.89 -16.81 16.38
N GLY D 379 -4.16 -16.45 16.59
CA GLY D 379 -4.96 -15.93 15.49
C GLY D 379 -4.38 -14.63 14.96
N LYS D 380 -3.96 -13.75 15.86
CA LYS D 380 -3.37 -12.48 15.44
C LYS D 380 -2.06 -12.71 14.69
N LEU D 381 -1.24 -13.64 15.18
CA LEU D 381 0.01 -13.94 14.50
C LEU D 381 -0.26 -14.55 13.14
N ASN D 382 -1.28 -15.40 13.06
CA ASN D 382 -1.60 -16.04 11.79
C ASN D 382 -2.00 -15.01 10.74
N ARG D 383 -2.79 -14.00 11.14
CA ARG D 383 -3.14 -12.96 10.19
C ARG D 383 -1.89 -12.17 9.77
N LEU D 384 -0.95 -11.97 10.71
CA LEU D 384 0.22 -11.14 10.41
C LEU D 384 1.41 -11.92 9.82
N ILE D 385 1.64 -13.16 10.25
CA ILE D 385 2.83 -13.94 9.89
C ILE D 385 2.46 -14.99 8.85
N GLY D 386 3.25 -15.04 7.78
CA GLY D 386 3.05 -15.92 6.65
C GLY D 386 2.34 -15.26 5.50
N LYS D 387 1.77 -14.08 5.71
CA LYS D 387 1.10 -13.31 4.67
C LYS D 387 2.16 -12.40 4.06
N THR D 388 2.47 -12.62 2.79
CA THR D 388 3.54 -11.93 2.08
C THR D 388 2.94 -11.29 0.83
N ASN D 389 3.70 -10.41 0.19
CA ASN D 389 3.20 -9.72 -1.01
C ASN D 389 4.19 -9.97 -2.13
N GLU D 390 3.77 -10.76 -3.11
CA GLU D 390 4.67 -11.18 -4.16
C GLU D 390 4.74 -10.13 -5.26
N LYS D 391 5.95 -9.62 -5.50
CA LYS D 391 6.18 -8.58 -6.50
C LYS D 391 7.29 -9.04 -7.42
N PHE D 392 7.21 -8.63 -8.70
CA PHE D 392 8.22 -9.05 -9.66
C PHE D 392 8.95 -7.87 -10.29
N HIS D 393 8.65 -7.52 -11.54
CA HIS D 393 9.31 -6.36 -12.14
C HIS D 393 8.77 -5.10 -11.48
N GLN D 394 9.67 -4.22 -11.06
CA GLN D 394 9.32 -2.99 -10.37
C GLN D 394 10.20 -1.88 -10.91
N ILE D 395 9.98 -0.67 -10.38
CA ILE D 395 10.82 0.45 -10.78
C ILE D 395 12.22 0.29 -10.22
N GLU D 396 13.15 1.04 -10.78
CA GLU D 396 14.50 1.05 -10.24
C GLU D 396 14.49 1.90 -8.98
N LYS D 397 15.22 1.46 -7.96
CA LYS D 397 15.27 2.17 -6.69
C LYS D 397 16.63 2.75 -6.36
N GLU D 398 17.69 2.33 -7.04
CA GLU D 398 19.04 2.84 -6.84
C GLU D 398 19.53 3.33 -8.19
N PHE D 399 20.24 4.46 -8.19
CA PHE D 399 20.71 5.07 -9.42
C PHE D 399 22.20 5.41 -9.30
N SER D 400 22.90 5.29 -10.42
CA SER D 400 24.33 5.62 -10.51
C SER D 400 24.60 6.90 -11.30
N GLU D 401 23.58 7.54 -11.85
CA GLU D 401 23.72 8.73 -12.67
C GLU D 401 22.69 9.76 -12.23
N VAL D 402 22.99 11.03 -12.49
CA VAL D 402 22.06 12.12 -12.20
C VAL D 402 21.26 12.37 -13.48
N GLU D 403 19.99 12.00 -13.46
CA GLU D 403 19.12 12.05 -14.64
C GLU D 403 18.10 13.18 -14.63
N GLY D 404 17.72 13.69 -13.47
CA GLY D 404 16.67 14.70 -13.41
C GLY D 404 15.27 14.27 -13.02
N ARG D 405 14.29 14.88 -13.69
CA ARG D 405 12.89 14.84 -13.27
C ARG D 405 12.33 13.43 -13.13
N ILE D 406 12.64 12.52 -14.05
CA ILE D 406 12.06 11.18 -13.96
C ILE D 406 12.65 10.43 -12.78
N GLN D 407 13.97 10.53 -12.58
CA GLN D 407 14.59 9.87 -11.43
C GLN D 407 14.05 10.45 -10.13
N ASP D 408 13.84 11.76 -10.10
CA ASP D 408 13.30 12.40 -8.90
C ASP D 408 11.90 11.87 -8.61
N LEU D 409 11.10 11.65 -9.65
CA LEU D 409 9.76 11.12 -9.44
C LEU D 409 9.82 9.67 -8.96
N GLU D 410 10.72 8.87 -9.52
CA GLU D 410 10.84 7.48 -9.08
C GLU D 410 11.27 7.41 -7.61
N LYS D 411 12.21 8.28 -7.22
CA LYS D 411 12.63 8.31 -5.82
C LYS D 411 11.50 8.79 -4.93
N TYR D 412 10.75 9.80 -5.39
CA TYR D 412 9.65 10.32 -4.60
C TYR D 412 8.60 9.24 -4.37
N VAL D 413 8.25 8.50 -5.43
CA VAL D 413 7.26 7.44 -5.32
C VAL D 413 7.74 6.36 -4.36
N GLU D 414 9.00 5.97 -4.46
CA GLU D 414 9.49 4.94 -3.56
C GLU D 414 9.56 5.43 -2.12
N ASP D 415 9.99 6.68 -1.91
CA ASP D 415 10.06 7.18 -0.54
C ASP D 415 8.66 7.32 0.05
N THR D 416 7.69 7.72 -0.78
CA THR D 416 6.31 7.84 -0.32
C THR D 416 5.79 6.49 0.11
N LYS D 417 6.02 5.47 -0.72
CA LYS D 417 5.60 4.11 -0.39
C LYS D 417 6.25 3.62 0.89
N ILE D 418 7.54 3.89 1.05
CA ILE D 418 8.23 3.42 2.25
C ILE D 418 7.72 4.13 3.48
N ASP D 419 7.54 5.45 3.41
CA ASP D 419 7.03 6.19 4.56
C ASP D 419 5.62 5.73 4.94
N LEU D 420 4.78 5.46 3.94
CA LEU D 420 3.43 5.00 4.22
C LEU D 420 3.40 3.59 4.81
N TRP D 421 4.25 2.69 4.31
CA TRP D 421 4.27 1.35 4.89
C TRP D 421 4.96 1.36 6.25
N SER D 422 5.90 2.29 6.48
CA SER D 422 6.53 2.37 7.79
C SER D 422 5.51 2.87 8.81
N TYR D 423 4.68 3.83 8.38
CA TYR D 423 3.60 4.31 9.24
C TYR D 423 2.64 3.17 9.54
N ASN D 424 2.23 2.43 8.50
CA ASN D 424 1.30 1.33 8.69
C ASN D 424 1.88 0.28 9.63
N ALA D 425 3.17 -0.03 9.48
CA ALA D 425 3.80 -1.01 10.36
C ALA D 425 3.87 -0.51 11.79
N GLU D 426 4.17 0.77 11.99
CA GLU D 426 4.28 1.30 13.34
C GLU D 426 2.92 1.32 14.02
N LEU D 427 1.89 1.74 13.29
CA LEU D 427 0.56 1.80 13.86
C LEU D 427 0.02 0.39 14.09
N LEU D 428 0.28 -0.51 13.15
CA LEU D 428 -0.21 -1.88 13.28
C LEU D 428 0.41 -2.55 14.50
N VAL D 429 1.72 -2.40 14.69
CA VAL D 429 2.36 -3.04 15.82
C VAL D 429 1.89 -2.42 17.13
N ALA D 430 1.79 -1.08 17.20
CA ALA D 430 1.31 -0.48 18.44
C ALA D 430 -0.13 -0.88 18.75
N LEU D 431 -0.99 -0.96 17.73
CA LEU D 431 -2.37 -1.38 17.96
C LEU D 431 -2.45 -2.84 18.35
N GLU D 432 -1.65 -3.68 17.71
CA GLU D 432 -1.65 -5.11 18.01
C GLU D 432 -1.11 -5.38 19.41
N ASN D 433 -0.11 -4.62 19.85
CA ASN D 433 0.43 -4.84 21.18
C ASN D 433 -0.51 -4.30 22.24
N GLN D 434 -1.18 -3.18 21.97
CA GLN D 434 -2.13 -2.67 22.94
C GLN D 434 -3.30 -3.63 23.07
N HIS D 435 -3.74 -4.17 21.94
CA HIS D 435 -4.83 -5.13 21.95
C HIS D 435 -4.41 -6.42 22.64
N THR D 436 -3.20 -6.92 22.38
CA THR D 436 -2.73 -8.15 23.04
C THR D 436 -2.70 -7.98 24.55
N ILE D 437 -2.23 -6.83 25.04
CA ILE D 437 -2.24 -6.61 26.48
C ILE D 437 -3.67 -6.57 26.97
N ASP D 438 -4.55 -5.88 26.23
CA ASP D 438 -5.96 -5.82 26.61
C ASP D 438 -6.58 -7.22 26.63
N LEU D 439 -6.16 -8.09 25.70
CA LEU D 439 -6.70 -9.44 25.65
C LEU D 439 -6.25 -10.24 26.87
N THR D 440 -5.00 -10.10 27.27
CA THR D 440 -4.54 -10.90 28.39
C THR D 440 -5.05 -10.33 29.72
N ASP D 441 -5.33 -9.02 29.75
CA ASP D 441 -5.94 -8.45 30.94
C ASP D 441 -7.39 -8.87 31.00
N SER D 442 -8.04 -8.97 29.84
CA SER D 442 -9.42 -9.40 29.79
C SER D 442 -9.54 -10.85 30.23
N GLU D 443 -8.59 -11.69 29.82
CA GLU D 443 -8.66 -13.09 30.25
C GLU D 443 -8.43 -13.21 31.75
N MET D 444 -7.53 -12.39 32.30
CA MET D 444 -7.32 -12.42 33.74
C MET D 444 -8.57 -11.95 34.47
N ASN D 445 -9.22 -10.91 33.94
CA ASN D 445 -10.42 -10.37 34.57
C ASN D 445 -11.60 -11.32 34.41
N LYS D 446 -11.69 -12.02 33.28
CA LYS D 446 -12.76 -12.99 33.12
C LYS D 446 -12.58 -14.15 34.09
N LEU D 447 -11.33 -14.58 34.32
CA LEU D 447 -11.14 -15.66 35.29
C LEU D 447 -11.52 -15.20 36.68
N PHE D 448 -11.20 -13.93 37.00
CA PHE D 448 -11.54 -13.39 38.31
C PHE D 448 -13.05 -13.28 38.47
N GLU D 449 -13.73 -12.76 37.45
CA GLU D 449 -15.18 -12.60 37.52
C GLU D 449 -15.87 -13.96 37.55
N LYS D 450 -15.36 -14.94 36.80
CA LYS D 450 -15.92 -16.28 36.84
C LYS D 450 -15.82 -16.85 38.25
N THR D 451 -14.66 -16.68 38.89
CA THR D 451 -14.49 -17.20 40.23
C THR D 451 -15.41 -16.48 41.21
N LYS D 452 -15.52 -15.16 41.09
CA LYS D 452 -16.37 -14.40 42.00
C LYS D 452 -17.83 -14.82 41.86
N LYS D 453 -18.28 -14.99 40.61
CA LYS D 453 -19.66 -15.39 40.35
C LYS D 453 -19.93 -16.82 40.85
N GLN D 454 -18.95 -17.71 40.67
CA GLN D 454 -19.09 -19.08 41.16
C GLN D 454 -19.18 -19.11 42.68
N LEU D 455 -18.38 -18.27 43.35
CA LEU D 455 -18.37 -18.23 44.81
C LEU D 455 -19.59 -17.51 45.40
N ARG D 456 -20.24 -16.65 44.62
CA ARG D 456 -21.44 -15.93 45.05
C ARG D 456 -21.21 -15.16 46.35
N GLU D 457 -21.92 -15.49 47.43
CA GLU D 457 -21.84 -14.78 48.70
C GLU D 457 -20.94 -15.47 49.71
N ASN D 458 -20.20 -16.50 49.28
CA ASN D 458 -19.35 -17.25 50.18
C ASN D 458 -17.92 -16.72 50.22
N ALA D 459 -17.64 -15.64 49.51
CA ALA D 459 -16.29 -15.10 49.46
C ALA D 459 -16.36 -13.60 49.21
N GLU D 460 -15.29 -12.91 49.61
CA GLU D 460 -15.16 -11.47 49.38
C GLU D 460 -13.87 -11.17 48.61
N ASP D 461 -13.94 -10.14 47.76
CA ASP D 461 -12.80 -9.65 47.00
C ASP D 461 -11.89 -8.82 47.92
N MET D 462 -10.66 -9.27 48.11
CA MET D 462 -9.73 -8.63 49.05
C MET D 462 -8.99 -7.44 48.46
N GLY D 463 -9.17 -7.13 47.18
CA GLY D 463 -8.54 -5.99 46.56
C GLY D 463 -7.14 -6.21 46.04
N ASN D 464 -6.57 -7.41 46.25
CA ASN D 464 -5.23 -7.77 45.82
C ASN D 464 -5.27 -8.91 44.82
N GLY D 465 -6.41 -9.11 44.17
CA GLY D 465 -6.58 -10.17 43.21
C GLY D 465 -6.84 -11.51 43.87
N CYS D 466 -7.34 -11.49 45.10
CA CYS D 466 -7.59 -12.69 45.88
C CYS D 466 -8.99 -12.65 46.45
N PHE D 467 -9.53 -13.84 46.70
CA PHE D 467 -10.80 -14.00 47.37
C PHE D 467 -10.56 -14.57 48.75
N LYS D 468 -11.25 -14.02 49.73
CA LYS D 468 -11.28 -14.60 51.07
C LYS D 468 -12.53 -15.46 51.13
N ILE D 469 -12.35 -16.76 51.35
CA ILE D 469 -13.44 -17.72 51.42
C ILE D 469 -13.76 -17.88 52.90
N TYR D 470 -15.04 -17.73 53.25
CA TYR D 470 -15.46 -17.68 54.64
C TYR D 470 -15.94 -19.02 55.19
N HIS D 471 -15.53 -20.13 54.58
CA HIS D 471 -15.87 -21.46 55.06
C HIS D 471 -14.63 -22.33 54.97
N LYS D 472 -14.63 -23.41 55.75
CA LYS D 472 -13.53 -24.36 55.66
C LYS D 472 -13.45 -24.87 54.23
N CYS D 473 -12.24 -24.80 53.67
CA CYS D 473 -12.02 -25.20 52.29
C CYS D 473 -10.77 -26.08 52.23
N ASP D 474 -10.93 -27.27 51.67
CA ASP D 474 -9.85 -28.23 51.51
C ASP D 474 -9.30 -28.16 50.09
N ASN D 475 -8.35 -29.04 49.77
CA ASN D 475 -7.76 -28.98 48.44
C ASN D 475 -8.76 -29.46 47.39
N ALA D 476 -9.64 -30.39 47.77
CA ALA D 476 -10.64 -30.88 46.83
C ALA D 476 -11.64 -29.79 46.49
N CYS D 477 -12.03 -28.99 47.49
CA CYS D 477 -12.94 -27.88 47.23
C CYS D 477 -12.30 -26.85 46.30
N ILE D 478 -11.03 -26.52 46.55
CA ILE D 478 -10.35 -25.58 45.65
C ILE D 478 -10.31 -26.17 44.24
N GLY D 479 -10.05 -27.47 44.13
CA GLY D 479 -10.05 -28.11 42.83
C GLY D 479 -11.39 -27.98 42.14
N SER D 480 -12.47 -28.10 42.93
CA SER D 480 -13.82 -27.94 42.38
C SER D 480 -14.04 -26.52 41.89
N ILE D 481 -13.50 -25.54 42.61
CA ILE D 481 -13.63 -24.15 42.19
C ILE D 481 -12.85 -23.92 40.90
N ARG D 482 -11.62 -24.43 40.84
CA ARG D 482 -10.77 -24.21 39.68
C ARG D 482 -11.36 -24.77 38.40
N ASN D 483 -12.03 -25.93 38.45
CA ASN D 483 -12.62 -26.53 37.26
C ASN D 483 -14.10 -26.22 37.09
N GLY D 484 -14.65 -25.28 37.86
CA GLY D 484 -16.03 -24.89 37.68
C GLY D 484 -17.11 -25.80 38.25
N THR D 485 -16.82 -26.59 39.28
CA THR D 485 -17.79 -27.52 39.85
C THR D 485 -18.12 -27.19 41.30
N TYR D 486 -17.79 -25.98 41.75
CA TYR D 486 -18.07 -25.59 43.13
C TYR D 486 -19.56 -25.38 43.32
N ASP D 487 -20.10 -25.97 44.38
CA ASP D 487 -21.50 -25.83 44.78
C ASP D 487 -21.56 -24.81 45.90
N HIS D 488 -22.11 -23.63 45.62
CA HIS D 488 -22.09 -22.57 46.63
C HIS D 488 -23.14 -22.76 47.70
N ASP D 489 -24.11 -23.67 47.50
CA ASP D 489 -25.19 -23.84 48.47
C ASP D 489 -24.75 -24.74 49.62
N VAL D 490 -23.86 -25.70 49.33
CA VAL D 490 -23.34 -26.60 50.35
C VAL D 490 -22.67 -25.81 51.47
N TYR D 491 -21.95 -24.75 51.11
CA TYR D 491 -21.19 -23.96 52.08
C TYR D 491 -21.86 -22.64 52.42
N ARG D 492 -23.08 -22.40 51.97
CA ARG D 492 -23.68 -21.07 52.14
C ARG D 492 -23.94 -20.74 53.60
N ASP D 493 -24.35 -21.71 54.41
CA ASP D 493 -24.69 -21.37 55.79
C ASP D 493 -23.43 -21.08 56.61
N GLU D 494 -22.38 -21.87 56.41
CA GLU D 494 -21.14 -21.64 57.13
C GLU D 494 -20.52 -20.33 56.69
N ALA D 495 -20.48 -20.11 55.38
CA ALA D 495 -19.85 -18.90 54.85
C ALA D 495 -20.60 -17.66 55.28
N LEU D 496 -21.93 -17.70 55.32
CA LEU D 496 -22.66 -16.52 55.76
C LEU D 496 -22.50 -16.30 57.26
N ASN D 497 -22.44 -17.37 58.05
CA ASN D 497 -22.26 -17.16 59.49
C ASN D 497 -20.90 -16.57 59.80
N ASN D 498 -19.87 -16.93 59.01
CA ASN D 498 -18.54 -16.40 59.23
C ASN D 498 -18.35 -15.01 58.61
N ARG D 499 -18.98 -14.78 57.45
CA ARG D 499 -18.85 -13.51 56.75
C ARG D 499 -19.63 -12.39 57.42
N PHE D 500 -20.84 -12.69 57.89
CA PHE D 500 -21.71 -11.72 58.55
C PHE D 500 -21.97 -12.23 59.96
N GLN D 501 -21.09 -11.86 60.89
CA GLN D 501 -21.16 -12.39 62.25
C GLN D 501 -22.51 -12.10 62.88
N ILE D 502 -23.12 -13.11 63.48
CA ILE D 502 -24.43 -12.98 64.11
C ILE D 502 -24.21 -12.78 65.60
N ASN E 8 -44.46 -18.54 44.46
CA ASN E 8 -43.29 -18.98 45.20
C ASN E 8 -42.89 -17.78 46.07
N SER E 9 -41.62 -17.69 46.49
CA SER E 9 -41.10 -16.56 47.26
C SER E 9 -39.99 -15.82 46.53
N THR E 10 -39.55 -16.31 45.36
CA THR E 10 -38.46 -15.74 44.59
C THR E 10 -38.91 -15.65 43.14
N ALA E 11 -38.07 -15.02 42.33
CA ALA E 11 -38.31 -14.91 40.90
C ALA E 11 -36.97 -14.87 40.20
N THR E 12 -36.94 -15.26 38.93
CA THR E 12 -35.73 -15.16 38.13
C THR E 12 -35.98 -14.14 37.03
N LEU E 13 -35.09 -13.16 36.93
CA LEU E 13 -35.13 -12.14 35.88
C LEU E 13 -33.86 -12.27 35.07
N CYS E 14 -33.99 -12.73 33.84
CA CYS E 14 -32.86 -12.94 32.95
C CYS E 14 -32.77 -11.78 31.99
N LEU E 15 -31.54 -11.44 31.65
CA LEU E 15 -31.27 -10.43 30.66
C LEU E 15 -30.58 -11.13 29.53
N GLY E 16 -30.85 -10.67 28.32
CA GLY E 16 -30.22 -11.30 27.19
C GLY E 16 -30.40 -10.48 25.96
N HIS E 17 -29.98 -11.07 24.86
CA HIS E 17 -29.99 -10.42 23.58
C HIS E 17 -30.49 -11.40 22.54
N HIS E 18 -30.90 -10.86 21.40
CA HIS E 18 -31.49 -11.73 20.40
C HIS E 18 -30.41 -12.54 19.69
N ALA E 19 -30.89 -13.48 18.87
CA ALA E 19 -30.08 -14.34 18.04
C ALA E 19 -30.89 -14.62 16.79
N VAL E 20 -30.22 -15.04 15.73
CA VAL E 20 -30.91 -15.36 14.47
C VAL E 20 -30.58 -16.79 14.06
N PRO E 21 -31.49 -17.50 13.36
CA PRO E 21 -31.16 -18.85 12.88
C PRO E 21 -29.88 -18.96 12.08
N ASN E 22 -29.58 -17.98 11.24
CA ASN E 22 -28.38 -17.99 10.39
C ASN E 22 -27.80 -16.59 10.29
N GLY E 23 -26.64 -16.38 10.89
CA GLY E 23 -25.97 -15.10 10.88
C GLY E 23 -24.97 -15.01 9.75
N THR E 24 -24.07 -14.04 9.85
CA THR E 24 -23.08 -13.76 8.82
C THR E 24 -21.70 -13.79 9.47
N ILE E 25 -20.71 -14.27 8.72
CA ILE E 25 -19.34 -14.35 9.23
C ILE E 25 -18.56 -13.11 8.80
N VAL E 26 -17.96 -12.44 9.79
CA VAL E 26 -17.16 -11.24 9.56
C VAL E 26 -15.80 -11.44 10.24
N LYS E 27 -14.84 -10.61 9.82
CA LYS E 27 -13.50 -10.59 10.41
C LYS E 27 -13.40 -9.48 11.45
N THR E 28 -12.61 -9.76 12.49
CA THR E 28 -12.27 -8.81 13.53
C THR E 28 -10.77 -8.88 13.77
N ILE E 29 -10.30 -8.03 14.67
CA ILE E 29 -8.89 -8.09 15.07
C ILE E 29 -8.63 -9.38 15.84
N THR E 30 -9.55 -9.75 16.74
CA THR E 30 -9.38 -10.93 17.57
C THR E 30 -9.48 -12.23 16.77
N ASN E 31 -10.41 -12.33 15.83
CA ASN E 31 -10.61 -13.59 15.11
C ASN E 31 -10.96 -13.34 13.65
N ASP E 32 -10.62 -14.32 12.82
CA ASP E 32 -10.88 -14.25 11.38
C ASP E 32 -12.35 -14.50 11.06
N GLN E 33 -13.05 -15.34 11.82
CA GLN E 33 -14.45 -15.68 11.55
C GLN E 33 -15.37 -15.67 12.76
N ILE E 34 -16.04 -14.54 13.01
CA ILE E 34 -17.00 -14.39 14.09
C ILE E 34 -18.37 -14.25 13.44
N GLU E 35 -19.36 -14.97 13.96
CA GLU E 35 -20.72 -14.89 13.43
C GLU E 35 -21.45 -13.75 14.13
N VAL E 36 -22.14 -12.92 13.33
CA VAL E 36 -22.93 -11.80 13.82
C VAL E 36 -24.35 -11.93 13.31
N THR E 37 -25.26 -11.24 14.00
CA THR E 37 -26.67 -11.31 13.62
C THR E 37 -26.93 -10.63 12.27
N ASN E 38 -26.19 -9.57 11.96
CA ASN E 38 -26.39 -8.84 10.72
C ASN E 38 -25.06 -8.24 10.25
N ALA E 39 -24.90 -8.13 8.93
CA ALA E 39 -23.73 -7.48 8.36
C ALA E 39 -24.10 -6.91 7.00
N THR E 40 -23.35 -5.88 6.59
CA THR E 40 -23.54 -5.22 5.30
C THR E 40 -22.26 -5.26 4.47
N GLU E 41 -22.42 -5.31 3.15
CA GLU E 41 -21.30 -5.33 2.23
C GLU E 41 -20.76 -3.92 2.02
N LEU E 42 -19.45 -3.74 2.20
CA LEU E 42 -18.78 -2.47 1.95
C LEU E 42 -18.02 -2.41 0.64
N VAL E 43 -17.96 -3.51 -0.12
CA VAL E 43 -17.27 -3.54 -1.40
C VAL E 43 -18.30 -3.74 -2.50
N GLN E 44 -18.37 -2.80 -3.42
CA GLN E 44 -19.28 -2.94 -4.55
C GLN E 44 -18.59 -3.92 -5.50
N SER E 45 -19.26 -5.03 -5.81
CA SER E 45 -18.66 -6.08 -6.64
C SER E 45 -19.33 -6.26 -7.98
N SER E 46 -20.31 -5.42 -8.33
CA SER E 46 -20.97 -5.56 -9.62
C SER E 46 -21.38 -4.19 -10.12
N SER E 47 -21.49 -4.08 -11.44
CA SER E 47 -21.95 -2.88 -12.12
C SER E 47 -23.33 -3.13 -12.71
N THR E 48 -23.94 -2.06 -13.19
CA THR E 48 -25.23 -2.16 -13.85
C THR E 48 -25.09 -2.62 -15.29
N GLY E 49 -23.87 -2.54 -15.84
CA GLY E 49 -23.59 -2.91 -17.21
C GLY E 49 -23.79 -1.78 -18.20
N GLU E 50 -24.24 -0.62 -17.72
CA GLU E 50 -24.51 0.55 -18.54
C GLU E 50 -23.83 1.75 -17.92
N ILE E 51 -23.43 2.70 -18.77
CA ILE E 51 -22.91 3.98 -18.29
C ILE E 51 -24.13 4.88 -18.11
N CYS E 52 -24.26 5.47 -16.93
CA CYS E 52 -25.40 6.31 -16.64
C CYS E 52 -25.28 7.65 -17.36
N ASP E 53 -26.43 8.17 -17.81
CA ASP E 53 -26.49 9.37 -18.65
C ASP E 53 -26.13 10.64 -17.90
N SER E 54 -26.43 10.70 -16.62
CA SER E 54 -26.23 11.89 -15.82
C SER E 54 -25.76 11.45 -14.45
N PRO E 55 -25.30 12.35 -13.58
CA PRO E 55 -25.17 13.82 -13.69
C PRO E 55 -24.10 14.28 -14.66
N HIS E 56 -23.17 13.40 -15.03
CA HIS E 56 -22.05 13.80 -15.87
C HIS E 56 -22.47 13.84 -17.33
N GLN E 57 -21.84 14.73 -18.09
CA GLN E 57 -22.05 14.80 -19.53
C GLN E 57 -21.18 13.75 -20.19
N ILE E 58 -21.81 12.76 -20.81
CA ILE E 58 -21.12 11.62 -21.39
C ILE E 58 -21.17 11.71 -22.90
N LEU E 59 -20.01 11.63 -23.54
CA LEU E 59 -19.90 11.65 -24.99
C LEU E 59 -19.46 10.26 -25.43
N ASP E 60 -20.27 9.60 -26.23
CA ASP E 60 -19.98 8.26 -26.71
C ASP E 60 -19.12 8.38 -27.95
N GLY E 61 -17.88 7.89 -27.89
CA GLY E 61 -17.02 8.05 -29.04
C GLY E 61 -17.41 7.21 -30.24
N LYS E 62 -18.32 6.25 -30.08
CA LYS E 62 -18.77 5.42 -31.19
C LYS E 62 -17.57 4.76 -31.88
N ASN E 63 -17.28 5.14 -33.14
CA ASN E 63 -16.17 4.57 -33.89
C ASN E 63 -14.95 5.48 -33.89
N CYS E 64 -14.97 6.54 -33.08
CA CYS E 64 -13.92 7.54 -33.03
C CYS E 64 -13.08 7.43 -31.76
N THR E 65 -11.84 7.86 -31.89
CA THR E 65 -10.93 8.05 -30.78
C THR E 65 -10.96 9.53 -30.46
N LEU E 66 -10.41 9.91 -29.30
CA LEU E 66 -10.39 11.34 -29.00
C LEU E 66 -9.51 12.09 -29.97
N ILE E 67 -8.39 11.49 -30.38
CA ILE E 67 -7.49 12.17 -31.31
C ILE E 67 -8.13 12.30 -32.68
N ASP E 68 -8.82 11.25 -33.16
CA ASP E 68 -9.50 11.38 -34.44
C ASP E 68 -10.55 12.48 -34.40
N ALA E 69 -11.24 12.61 -33.27
CA ALA E 69 -12.21 13.70 -33.10
C ALA E 69 -11.52 15.04 -33.08
N LEU E 70 -10.30 15.08 -32.50
CA LEU E 70 -9.51 16.31 -32.45
C LEU E 70 -9.06 16.73 -33.84
N LEU E 71 -8.61 15.79 -34.66
CA LEU E 71 -8.06 16.15 -35.96
C LEU E 71 -9.15 16.42 -36.98
N GLY E 72 -10.31 15.78 -36.84
CA GLY E 72 -11.39 15.96 -37.79
C GLY E 72 -11.50 14.80 -38.77
N ASP E 73 -11.32 13.59 -38.25
CA ASP E 73 -11.53 12.39 -39.04
C ASP E 73 -12.96 12.39 -39.57
N PRO E 74 -13.20 12.09 -40.86
CA PRO E 74 -14.57 12.12 -41.40
C PRO E 74 -15.63 11.39 -40.57
N GLN E 75 -15.26 10.34 -39.82
CA GLN E 75 -16.26 9.65 -39.00
C GLN E 75 -16.64 10.43 -37.76
N CYS E 76 -15.93 11.51 -37.46
CA CYS E 76 -16.10 12.24 -36.21
C CYS E 76 -16.73 13.61 -36.39
N ASP E 77 -17.36 13.87 -37.54
CA ASP E 77 -17.97 15.18 -37.76
C ASP E 77 -19.03 15.46 -36.71
N GLY E 78 -19.68 14.42 -36.20
CA GLY E 78 -20.71 14.62 -35.19
C GLY E 78 -20.17 15.01 -33.83
N PHE E 79 -18.84 14.99 -33.66
CA PHE E 79 -18.19 15.37 -32.41
C PHE E 79 -17.56 16.75 -32.47
N GLN E 80 -17.72 17.49 -33.56
CA GLN E 80 -17.06 18.77 -33.67
C GLN E 80 -17.69 19.79 -32.73
N ASN E 81 -16.85 20.54 -32.03
CA ASN E 81 -17.27 21.56 -31.08
C ASN E 81 -18.07 20.99 -29.91
N LYS E 82 -17.90 19.71 -29.60
CA LYS E 82 -18.59 19.11 -28.47
C LYS E 82 -17.82 19.30 -27.16
N LYS E 83 -18.56 19.19 -26.06
CA LYS E 83 -18.02 19.26 -24.71
C LYS E 83 -18.39 17.97 -24.02
N TRP E 84 -17.61 17.59 -23.01
CA TRP E 84 -17.93 16.40 -22.25
C TRP E 84 -17.34 16.50 -20.85
N ASP E 85 -17.93 15.71 -19.96
CA ASP E 85 -17.35 15.44 -18.66
C ASP E 85 -16.55 14.15 -18.73
N LEU E 86 -17.04 13.18 -19.49
CA LEU E 86 -16.32 11.93 -19.69
C LEU E 86 -16.43 11.53 -21.16
N PHE E 87 -15.29 11.32 -21.80
CA PHE E 87 -15.24 10.85 -23.18
C PHE E 87 -15.10 9.34 -23.08
N VAL E 88 -16.00 8.60 -23.74
CA VAL E 88 -15.96 7.14 -23.70
C VAL E 88 -15.43 6.64 -25.04
N GLU E 89 -14.26 6.03 -24.99
CA GLU E 89 -13.54 5.53 -26.15
C GLU E 89 -13.82 4.05 -26.27
N ARG E 90 -14.32 3.62 -27.43
CA ARG E 90 -14.71 2.23 -27.57
C ARG E 90 -13.53 1.41 -28.10
N SER E 91 -13.49 0.13 -27.70
CA SER E 91 -12.40 -0.73 -28.15
C SER E 91 -12.55 -1.05 -29.63
N LYS E 92 -13.75 -0.84 -30.17
CA LYS E 92 -14.09 -1.04 -31.57
C LYS E 92 -13.78 0.16 -32.44
N ALA E 93 -13.34 1.28 -31.84
CA ALA E 93 -13.07 2.49 -32.61
C ALA E 93 -11.89 2.25 -33.53
N TYR E 94 -11.94 2.84 -34.72
CA TYR E 94 -10.86 2.69 -35.69
C TYR E 94 -10.76 3.96 -36.52
N SER E 95 -9.58 4.15 -37.12
CA SER E 95 -9.36 5.27 -38.01
C SER E 95 -9.68 4.86 -39.43
N ASN E 96 -10.18 5.81 -40.22
CA ASN E 96 -10.47 5.59 -41.64
C ASN E 96 -10.14 6.88 -42.39
N CYS E 97 -8.88 7.28 -42.29
CA CYS E 97 -8.41 8.54 -42.83
C CYS E 97 -6.91 8.37 -43.07
N PHE E 98 -6.23 9.47 -43.34
CA PHE E 98 -4.82 9.38 -43.67
C PHE E 98 -4.07 8.80 -42.47
N PRO E 99 -3.17 7.84 -42.65
CA PRO E 99 -2.47 7.28 -41.50
C PRO E 99 -1.60 8.33 -40.81
N TYR E 100 -1.55 8.26 -39.49
CA TYR E 100 -0.81 9.25 -38.73
C TYR E 100 -0.32 8.60 -37.45
N ASP E 101 0.60 9.29 -36.79
CA ASP E 101 1.05 8.93 -35.46
C ASP E 101 1.25 10.22 -34.70
N VAL E 102 1.52 10.09 -33.40
CA VAL E 102 1.77 11.22 -32.52
C VAL E 102 3.02 10.84 -31.73
N PRO E 103 4.13 11.60 -31.83
CA PRO E 103 5.33 11.27 -31.05
C PRO E 103 5.08 11.03 -29.57
N ASP E 104 4.10 11.74 -28.98
CA ASP E 104 3.71 11.54 -27.59
C ASP E 104 2.18 11.54 -27.62
N TYR E 105 1.63 10.39 -28.00
CA TYR E 105 0.19 10.23 -28.17
C TYR E 105 -0.52 10.40 -26.83
N ALA E 106 0.00 9.76 -25.79
CA ALA E 106 -0.63 9.77 -24.48
C ALA E 106 -0.75 11.18 -23.93
N SER E 107 0.26 12.03 -24.16
CA SER E 107 0.18 13.38 -23.65
C SER E 107 -0.88 14.20 -24.38
N LEU E 108 -1.00 14.07 -25.70
CA LEU E 108 -2.03 14.85 -26.39
C LEU E 108 -3.42 14.35 -26.02
N ARG E 109 -3.57 13.03 -25.93
CA ARG E 109 -4.87 12.46 -25.57
C ARG E 109 -5.29 12.91 -24.17
N SER E 110 -4.34 12.89 -23.24
CA SER E 110 -4.62 13.36 -21.88
C SER E 110 -4.92 14.84 -21.87
N LEU E 111 -4.14 15.63 -22.61
CA LEU E 111 -4.30 17.08 -22.66
C LEU E 111 -5.71 17.45 -23.11
N VAL E 112 -6.17 16.82 -24.20
CA VAL E 112 -7.50 17.15 -24.71
C VAL E 112 -8.58 16.59 -23.78
N ALA E 113 -8.40 15.36 -23.27
CA ALA E 113 -9.40 14.78 -22.39
C ALA E 113 -9.57 15.64 -21.14
N SER E 114 -8.46 16.16 -20.61
CA SER E 114 -8.52 17.03 -19.44
C SER E 114 -9.19 18.35 -19.79
N SER E 115 -8.90 18.89 -20.97
CA SER E 115 -9.55 20.15 -21.37
C SER E 115 -11.06 19.99 -21.39
N GLY E 116 -11.56 18.90 -21.97
CA GLY E 116 -12.97 18.62 -21.97
C GLY E 116 -13.77 19.22 -23.11
N THR E 117 -13.13 19.68 -24.18
CA THR E 117 -13.86 20.28 -25.28
C THR E 117 -13.10 20.15 -26.58
N LEU E 118 -13.86 20.09 -27.67
CA LEU E 118 -13.35 20.17 -29.04
C LEU E 118 -13.72 21.49 -29.69
N GLU E 119 -14.11 22.48 -28.88
CA GLU E 119 -14.47 23.79 -29.42
C GLU E 119 -13.29 24.33 -30.21
N PHE E 120 -13.55 24.67 -31.46
CA PHE E 120 -12.51 25.10 -32.38
C PHE E 120 -12.94 26.41 -33.01
N ASN E 121 -11.99 27.34 -33.08
CA ASN E 121 -12.20 28.65 -33.67
C ASN E 121 -11.26 28.80 -34.86
N ASN E 122 -11.85 28.96 -36.04
CA ASN E 122 -11.08 29.10 -37.25
C ASN E 122 -10.36 30.44 -37.22
N GLU E 123 -9.12 30.45 -37.73
CA GLU E 123 -8.34 31.66 -37.86
C GLU E 123 -7.85 31.76 -39.29
N SER E 124 -7.77 32.99 -39.78
CA SER E 124 -7.31 33.25 -41.14
C SER E 124 -5.79 33.45 -41.11
N PHE E 125 -5.08 32.46 -41.61
CA PHE E 125 -3.62 32.45 -41.65
C PHE E 125 -3.22 32.91 -43.04
N ASN E 126 -2.10 33.63 -43.13
CA ASN E 126 -1.66 34.15 -44.42
C ASN E 126 -0.88 33.07 -45.17
N TRP E 127 -1.61 32.03 -45.60
CA TRP E 127 -1.01 30.91 -46.31
C TRP E 127 -0.99 31.32 -47.78
N THR E 128 -0.05 32.21 -48.11
CA THR E 128 0.02 32.77 -49.45
C THR E 128 1.16 32.10 -50.20
N GLY E 129 0.95 31.89 -51.49
CA GLY E 129 1.94 31.28 -52.36
C GLY E 129 1.90 29.77 -52.37
N VAL E 130 0.96 29.16 -51.63
CA VAL E 130 0.80 27.72 -51.53
C VAL E 130 -0.65 27.37 -51.85
N THR E 131 -0.87 26.08 -52.16
CA THR E 131 -2.21 25.58 -52.44
C THR E 131 -2.78 24.99 -51.16
N GLN E 132 -3.97 25.46 -50.79
CA GLN E 132 -4.67 25.04 -49.59
C GLN E 132 -5.63 23.89 -49.86
N ASN E 133 -6.02 23.22 -48.77
CA ASN E 133 -7.03 22.16 -48.80
C ASN E 133 -6.63 20.96 -49.65
N GLY E 134 -5.43 20.44 -49.43
CA GLY E 134 -5.05 19.20 -50.07
C GLY E 134 -5.87 18.05 -49.51
N THR E 135 -6.12 17.05 -50.35
CA THR E 135 -6.96 15.92 -49.95
C THR E 135 -6.24 14.60 -50.26
N SER E 136 -6.84 13.52 -49.78
CA SER E 136 -6.34 12.17 -49.99
C SER E 136 -7.49 11.19 -50.17
N SER E 137 -7.23 10.14 -50.96
CA SER E 137 -8.21 9.09 -51.15
C SER E 137 -8.44 8.27 -49.89
N ALA E 138 -7.55 8.39 -48.90
CA ALA E 138 -7.72 7.71 -47.62
C ALA E 138 -8.86 8.29 -46.81
N CYS E 139 -9.15 9.58 -46.97
CA CYS E 139 -10.13 10.28 -46.14
C CYS E 139 -11.28 10.70 -47.04
N ILE E 140 -12.35 9.89 -47.04
CA ILE E 140 -13.53 10.12 -47.86
C ILE E 140 -14.62 10.64 -46.93
N ARG E 141 -15.12 11.84 -47.21
CA ARG E 141 -16.07 12.51 -46.35
C ARG E 141 -17.51 12.39 -46.85
N ARG E 142 -17.75 12.72 -48.13
CA ARG E 142 -19.06 12.61 -48.76
C ARG E 142 -18.91 11.96 -50.13
N SER E 143 -18.30 10.76 -50.14
CA SER E 143 -17.93 10.05 -51.36
C SER E 143 -16.97 10.87 -52.22
N LYS E 144 -16.21 11.77 -51.58
CA LYS E 144 -15.21 12.60 -52.24
C LYS E 144 -13.94 12.59 -51.42
N ASN E 145 -12.81 12.72 -52.10
CA ASN E 145 -11.53 12.78 -51.40
C ASN E 145 -11.52 14.01 -50.51
N SER E 146 -11.08 13.83 -49.26
CA SER E 146 -11.01 14.93 -48.31
C SER E 146 -9.77 14.76 -47.45
N PHE E 147 -9.79 15.39 -46.28
CA PHE E 147 -8.68 15.38 -45.34
C PHE E 147 -9.27 15.68 -43.96
N PHE E 148 -8.42 15.73 -42.95
CA PHE E 148 -8.88 16.05 -41.61
C PHE E 148 -9.50 17.46 -41.63
N SER E 149 -10.67 17.59 -41.00
CA SER E 149 -11.38 18.87 -41.04
C SER E 149 -10.72 19.99 -40.25
N ARG E 150 -9.82 19.68 -39.32
CA ARG E 150 -9.15 20.73 -38.55
C ARG E 150 -7.70 20.93 -38.98
N LEU E 151 -7.27 20.30 -40.07
CA LEU E 151 -5.93 20.41 -40.59
C LEU E 151 -6.03 20.89 -42.04
N ASN E 152 -4.99 21.59 -42.48
CA ASN E 152 -4.94 22.13 -43.84
C ASN E 152 -3.67 21.61 -44.51
N TRP E 153 -3.81 20.70 -45.46
CA TRP E 153 -2.65 20.12 -46.12
C TRP E 153 -2.21 21.10 -47.20
N LEU E 154 -1.08 21.77 -46.98
CA LEU E 154 -0.61 22.78 -47.90
C LEU E 154 0.37 22.15 -48.89
N THR E 155 0.23 22.53 -50.15
CA THR E 155 1.10 22.05 -51.22
C THR E 155 1.56 23.23 -52.06
N HIS E 156 2.42 22.95 -53.04
CA HIS E 156 2.93 24.02 -53.90
C HIS E 156 1.82 24.68 -54.70
N LEU E 157 2.10 25.90 -55.15
CA LEU E 157 1.26 26.64 -56.08
C LEU E 157 2.09 26.92 -57.32
N ASN E 158 1.62 26.46 -58.48
CA ASN E 158 2.34 26.61 -59.75
C ASN E 158 3.76 26.06 -59.67
N PHE E 159 3.90 24.91 -59.00
CA PHE E 159 5.17 24.19 -58.86
C PHE E 159 6.18 24.95 -58.01
N LYS E 160 5.72 25.89 -57.18
CA LYS E 160 6.56 26.59 -56.23
C LYS E 160 5.91 26.55 -54.85
N TYR E 161 6.74 26.41 -53.82
CA TYR E 161 6.29 26.44 -52.43
C TYR E 161 7.18 27.44 -51.72
N PRO E 162 6.80 28.72 -51.69
CA PRO E 162 7.71 29.73 -51.12
C PRO E 162 7.79 29.49 -49.64
N ALA E 163 8.92 29.86 -49.04
CA ALA E 163 9.03 29.69 -47.59
C ALA E 163 7.94 30.50 -46.92
N LEU E 164 7.25 29.86 -46.00
CA LEU E 164 6.20 30.48 -45.21
C LEU E 164 6.80 30.99 -43.92
N ASN E 165 6.41 32.22 -43.54
CA ASN E 165 6.78 32.86 -42.28
C ASN E 165 5.50 33.51 -41.78
N VAL E 166 4.63 32.70 -41.18
CA VAL E 166 3.25 33.08 -40.88
C VAL E 166 3.07 33.32 -39.39
N THR E 167 2.59 34.52 -39.07
CA THR E 167 2.45 35.02 -37.71
C THR E 167 0.97 35.01 -37.33
N MET E 168 0.65 34.46 -36.15
CA MET E 168 -0.69 34.44 -35.60
C MET E 168 -0.67 34.87 -34.13
N PRO E 169 -0.86 36.16 -33.84
CA PRO E 169 -0.73 36.61 -32.45
C PRO E 169 -1.91 36.11 -31.62
N ASN E 170 -1.65 35.89 -30.33
CA ASN E 170 -2.70 35.50 -29.38
C ASN E 170 -3.11 36.74 -28.59
N ASN E 171 -4.21 37.35 -29.01
CA ASN E 171 -4.72 38.58 -28.41
C ASN E 171 -5.90 38.31 -27.49
N GLU E 172 -6.11 37.06 -27.10
CA GLU E 172 -7.21 36.63 -26.25
C GLU E 172 -6.71 36.54 -24.81
N GLN E 173 -7.63 36.24 -23.89
CA GLN E 173 -7.33 36.09 -22.48
C GLN E 173 -7.15 34.63 -22.06
N PHE E 174 -7.14 33.70 -23.01
CA PHE E 174 -7.03 32.28 -22.75
C PHE E 174 -5.98 31.61 -23.64
N ASP E 175 -5.49 30.47 -23.18
CA ASP E 175 -4.53 29.67 -23.94
C ASP E 175 -5.17 29.11 -25.20
N LYS E 176 -4.43 29.15 -26.31
CA LYS E 176 -4.89 28.61 -27.59
C LYS E 176 -4.09 27.35 -27.92
N LEU E 177 -4.80 26.26 -28.23
CA LEU E 177 -4.16 25.01 -28.60
C LEU E 177 -4.19 24.86 -30.12
N TYR E 178 -3.01 24.81 -30.73
CA TYR E 178 -2.87 24.65 -32.17
C TYR E 178 -2.40 23.24 -32.43
N ILE E 179 -3.08 22.54 -33.33
CA ILE E 179 -2.72 21.19 -33.74
C ILE E 179 -2.23 21.29 -35.17
N TRP E 180 -1.03 20.76 -35.42
CA TRP E 180 -0.40 20.85 -36.73
C TRP E 180 0.39 19.57 -36.90
N GLY E 181 0.85 19.31 -38.12
CA GLY E 181 1.67 18.13 -38.30
C GLY E 181 2.67 18.28 -39.42
N VAL E 182 3.39 17.19 -39.64
CA VAL E 182 4.44 17.09 -40.64
C VAL E 182 4.15 15.85 -41.49
N HIS E 183 4.19 16.02 -42.80
CA HIS E 183 3.97 14.91 -43.71
C HIS E 183 5.31 14.27 -44.02
N HIS E 184 5.38 12.95 -43.89
CA HIS E 184 6.57 12.15 -44.17
C HIS E 184 6.24 11.32 -45.42
N PRO E 185 6.57 11.83 -46.61
CA PRO E 185 6.21 11.12 -47.85
C PRO E 185 6.86 9.75 -47.95
N GLY E 186 6.23 8.89 -48.76
CA GLY E 186 6.73 7.54 -48.91
C GLY E 186 7.89 7.43 -49.87
N THR E 187 8.20 8.49 -50.62
CA THR E 187 9.29 8.48 -51.59
C THR E 187 9.63 9.93 -51.94
N ASP E 188 10.57 10.09 -52.88
CA ASP E 188 11.01 11.42 -53.29
C ASP E 188 10.08 12.04 -54.31
N LYS E 189 9.42 11.20 -55.13
CA LYS E 189 8.48 11.74 -56.11
C LYS E 189 7.32 12.41 -55.41
N ASP E 190 6.90 11.88 -54.25
CA ASP E 190 5.80 12.51 -53.54
C ASP E 190 6.25 13.86 -53.00
N GLN E 191 7.48 13.94 -52.50
CA GLN E 191 7.99 15.20 -51.97
C GLN E 191 8.04 16.27 -53.04
N ILE E 192 8.50 15.92 -54.25
CA ILE E 192 8.57 16.94 -55.29
C ILE E 192 7.18 17.25 -55.83
N PHE E 193 6.37 16.21 -56.07
CA PHE E 193 5.01 16.38 -56.57
C PHE E 193 4.19 17.31 -55.69
N LEU E 194 4.28 17.13 -54.38
CA LEU E 194 3.50 17.95 -53.45
C LEU E 194 4.13 19.29 -53.10
N TYR E 195 5.46 19.36 -52.92
CA TYR E 195 6.09 20.58 -52.44
C TYR E 195 7.05 21.22 -53.42
N ALA E 196 7.31 20.58 -54.56
CA ALA E 196 8.21 21.09 -55.59
C ALA E 196 9.61 21.38 -55.06
N GLN E 197 10.08 20.59 -54.10
CA GLN E 197 11.42 20.72 -53.54
C GLN E 197 11.66 19.64 -52.50
N ALA E 198 12.86 19.08 -52.52
CA ALA E 198 13.27 18.01 -51.60
C ALA E 198 13.60 18.53 -50.21
N SER E 199 13.47 17.63 -49.23
CA SER E 199 13.84 17.89 -47.84
C SER E 199 13.18 19.13 -47.25
N GLY E 200 13.90 19.89 -46.42
CA GLY E 200 13.36 21.05 -45.74
C GLY E 200 13.09 20.74 -44.28
N ARG E 201 12.80 21.78 -43.52
CA ARG E 201 12.51 21.63 -42.09
C ARG E 201 11.37 22.55 -41.68
N ILE E 202 10.60 22.14 -40.67
CA ILE E 202 9.48 22.93 -40.15
C ILE E 202 9.79 23.39 -38.73
N THR E 203 9.74 24.69 -38.48
CA THR E 203 9.94 25.23 -37.14
C THR E 203 8.68 25.98 -36.73
N VAL E 204 8.09 25.59 -35.60
CA VAL E 204 6.92 26.26 -35.05
C VAL E 204 7.37 26.77 -33.69
N SER E 205 7.22 28.08 -33.45
CA SER E 205 7.73 28.64 -32.22
C SER E 205 6.86 29.75 -31.66
N THR E 206 7.08 29.99 -30.37
CA THR E 206 6.45 31.02 -29.57
C THR E 206 7.59 31.77 -28.87
N LYS E 207 7.25 32.79 -28.09
CA LYS E 207 8.29 33.48 -27.33
C LYS E 207 8.93 32.53 -26.32
N ARG E 208 8.12 31.67 -25.70
CA ARG E 208 8.57 30.75 -24.66
C ARG E 208 9.24 29.49 -25.19
N SER E 209 8.81 28.93 -26.33
CA SER E 209 9.37 27.67 -26.79
C SER E 209 9.34 27.54 -28.31
N GLN E 210 10.06 26.53 -28.79
CA GLN E 210 10.13 26.21 -30.20
C GLN E 210 10.17 24.69 -30.37
N GLN E 211 9.60 24.24 -31.48
CA GLN E 211 9.61 22.84 -31.90
C GLN E 211 10.08 22.80 -33.34
N THR E 212 11.12 22.02 -33.63
CA THR E 212 11.62 21.86 -34.98
C THR E 212 11.53 20.39 -35.38
N VAL E 213 10.86 20.14 -36.50
CA VAL E 213 10.63 18.79 -37.01
C VAL E 213 11.11 18.68 -38.46
N SER E 214 11.92 17.66 -38.74
CA SER E 214 12.37 17.41 -40.11
C SER E 214 11.50 16.32 -40.75
N PRO E 215 11.05 16.43 -41.99
CA PRO E 215 10.44 15.28 -42.66
C PRO E 215 11.48 14.19 -42.92
N ASN E 216 11.04 12.94 -42.80
CA ASN E 216 11.88 11.77 -43.07
C ASN E 216 11.26 11.00 -44.23
N ILE E 217 11.77 11.25 -45.42
CA ILE E 217 11.21 10.68 -46.64
C ILE E 217 11.60 9.21 -46.74
N GLY E 218 10.61 8.37 -47.02
CA GLY E 218 10.85 6.95 -47.21
C GLY E 218 9.60 6.13 -46.91
N SER E 219 9.56 4.95 -47.50
CA SER E 219 8.41 4.07 -47.37
C SER E 219 8.27 3.49 -45.97
N ARG E 220 7.02 3.31 -45.58
CA ARG E 220 6.58 2.64 -44.37
C ARG E 220 5.55 1.62 -44.81
N PRO E 221 5.25 0.59 -43.99
CA PRO E 221 4.21 -0.37 -44.38
C PRO E 221 2.91 0.38 -44.66
N ARG E 222 2.22 -0.02 -45.72
CA ARG E 222 0.99 0.66 -46.08
C ARG E 222 -0.11 0.39 -45.07
N VAL E 223 -0.78 1.46 -44.66
CA VAL E 223 -1.94 1.41 -43.78
C VAL E 223 -3.06 2.02 -44.60
N ARG E 224 -4.11 1.24 -44.84
CA ARG E 224 -5.20 1.66 -45.72
C ARG E 224 -4.65 2.11 -47.07
N ASN E 225 -3.67 1.36 -47.58
CA ASN E 225 -2.99 1.58 -48.85
C ASN E 225 -2.18 2.87 -48.96
N ILE E 226 -1.88 3.55 -47.86
CA ILE E 226 -1.08 4.78 -47.89
C ILE E 226 0.33 4.45 -47.37
N PRO E 227 1.39 4.60 -48.18
CA PRO E 227 2.75 4.28 -47.70
C PRO E 227 3.40 5.36 -46.85
N SER E 228 2.81 6.55 -46.76
CA SER E 228 3.36 7.70 -46.07
C SER E 228 2.70 7.90 -44.71
N ARG E 229 3.23 8.85 -43.92
CA ARG E 229 2.65 9.13 -42.60
C ARG E 229 2.60 10.63 -42.33
N ILE E 230 1.65 11.03 -41.48
CA ILE E 230 1.62 12.37 -40.90
C ILE E 230 1.88 12.29 -39.40
N SER E 231 2.86 13.05 -38.92
CA SER E 231 3.15 13.14 -37.49
C SER E 231 2.42 14.36 -36.95
N ILE E 232 1.77 14.21 -35.80
CA ILE E 232 0.99 15.29 -35.19
C ILE E 232 1.73 15.90 -34.01
N TYR E 233 1.82 17.23 -34.02
CA TYR E 233 2.47 18.05 -33.03
C TYR E 233 1.45 19.08 -32.56
N TRP E 234 1.64 19.60 -31.35
CA TRP E 234 0.77 20.65 -30.85
C TRP E 234 1.58 21.75 -30.18
N THR E 235 1.03 22.96 -30.23
CA THR E 235 1.61 24.14 -29.61
C THR E 235 0.55 24.82 -28.76
N ILE E 236 0.90 25.21 -27.53
CA ILE E 236 0.00 25.97 -26.67
C ILE E 236 0.54 27.38 -26.62
N VAL E 237 -0.30 28.34 -27.00
CA VAL E 237 0.07 29.75 -27.07
C VAL E 237 -0.62 30.48 -25.91
N LYS E 238 0.17 31.07 -25.04
CA LYS E 238 -0.35 31.79 -23.88
C LYS E 238 -0.84 33.18 -24.31
N PRO E 239 -1.75 33.80 -23.55
CA PRO E 239 -2.18 35.16 -23.86
C PRO E 239 -0.98 36.10 -23.95
N GLY E 240 -0.97 36.92 -25.00
CA GLY E 240 0.11 37.86 -25.20
C GLY E 240 1.25 37.30 -26.01
N ASP E 241 1.26 36.00 -26.28
CA ASP E 241 2.32 35.36 -27.03
C ASP E 241 1.94 35.34 -28.52
N ILE E 242 2.83 34.80 -29.35
CA ILE E 242 2.67 34.76 -30.81
C ILE E 242 2.99 33.37 -31.32
N LEU E 243 2.17 32.85 -32.24
CA LEU E 243 2.47 31.60 -32.91
C LEU E 243 3.17 31.97 -34.21
N LEU E 244 4.39 31.50 -34.41
CA LEU E 244 5.12 31.76 -35.64
C LEU E 244 5.43 30.42 -36.28
N ILE E 245 4.96 30.23 -37.52
CA ILE E 245 5.17 29.00 -38.26
C ILE E 245 6.10 29.31 -39.43
N ASN E 246 7.25 28.65 -39.45
CA ASN E 246 8.22 28.80 -40.54
C ASN E 246 8.37 27.45 -41.21
N SER E 247 7.98 27.37 -42.48
CA SER E 247 8.00 26.08 -43.17
C SER E 247 8.32 26.25 -44.64
N THR E 248 9.09 25.29 -45.18
CA THR E 248 9.42 25.25 -46.60
C THR E 248 8.75 24.07 -47.29
N GLY E 249 7.90 23.32 -46.59
CA GLY E 249 7.24 22.17 -47.17
C GLY E 249 6.90 21.17 -46.09
N ASN E 250 6.08 20.19 -46.48
CA ASN E 250 5.68 19.08 -45.61
C ASN E 250 4.89 19.55 -44.40
N LEU E 251 4.26 20.72 -44.47
CA LEU E 251 3.50 21.25 -43.36
C LEU E 251 2.02 20.94 -43.49
N ILE E 252 1.48 20.33 -42.45
CA ILE E 252 0.04 20.10 -42.31
C ILE E 252 -0.36 21.20 -41.34
N ALA E 253 -0.85 22.29 -41.89
CA ALA E 253 -1.07 23.52 -41.16
C ALA E 253 -2.31 23.49 -40.27
N PRO E 254 -2.32 24.29 -39.19
CA PRO E 254 -3.55 24.47 -38.43
C PRO E 254 -4.55 25.31 -39.21
N ARG E 255 -5.84 25.10 -38.92
CA ARG E 255 -6.92 25.91 -39.45
C ARG E 255 -7.47 26.87 -38.41
N GLY E 256 -6.91 26.87 -37.21
CA GLY E 256 -7.41 27.65 -36.10
C GLY E 256 -6.92 27.00 -34.82
N TYR E 257 -7.60 27.32 -33.73
CA TYR E 257 -7.18 26.82 -32.42
C TYR E 257 -8.32 26.18 -31.65
N PHE E 258 -7.93 25.29 -30.74
CA PHE E 258 -8.84 24.68 -29.78
C PHE E 258 -8.65 25.44 -28.48
N LYS E 259 -9.74 25.64 -27.73
CA LYS E 259 -9.61 26.27 -26.43
C LYS E 259 -9.11 25.27 -25.40
N ILE E 260 -8.24 25.71 -24.50
CA ILE E 260 -7.80 24.89 -23.37
C ILE E 260 -8.52 25.37 -22.13
N ARG E 261 -9.24 24.45 -21.50
CA ARG E 261 -9.99 24.70 -20.28
C ARG E 261 -9.40 23.83 -19.18
N SER E 262 -9.87 24.07 -17.96
CA SER E 262 -9.46 23.30 -16.80
C SER E 262 -10.74 22.98 -16.05
N GLY E 263 -10.96 21.69 -15.79
CA GLY E 263 -12.20 21.31 -15.15
C GLY E 263 -12.27 19.82 -14.95
N LYS E 264 -13.46 19.39 -14.56
CA LYS E 264 -13.76 18.01 -14.20
C LYS E 264 -14.03 17.11 -15.41
N SER E 265 -13.02 16.99 -16.30
CA SER E 265 -13.16 16.23 -17.52
C SER E 265 -12.05 15.19 -17.63
N SER E 266 -12.37 14.07 -18.28
CA SER E 266 -11.41 13.01 -18.53
C SER E 266 -11.87 12.15 -19.70
N ILE E 267 -11.17 11.03 -19.91
CA ILE E 267 -11.44 10.07 -20.96
C ILE E 267 -11.36 8.67 -20.36
N MET E 268 -12.24 7.78 -20.82
CA MET E 268 -12.26 6.39 -20.38
C MET E 268 -12.44 5.47 -21.58
N ARG E 269 -11.81 4.30 -21.50
CA ARG E 269 -11.97 3.27 -22.52
C ARG E 269 -13.00 2.27 -21.99
N SER E 270 -14.10 2.10 -22.72
CA SER E 270 -15.15 1.21 -22.26
C SER E 270 -16.09 0.85 -23.41
N ASP E 271 -16.56 -0.39 -23.42
CA ASP E 271 -17.53 -0.87 -24.40
C ASP E 271 -18.96 -0.93 -23.85
N ALA E 272 -19.20 -0.43 -22.65
CA ALA E 272 -20.55 -0.45 -22.09
C ALA E 272 -21.48 0.52 -22.83
N PRO E 273 -22.75 0.15 -23.06
CA PRO E 273 -23.68 1.07 -23.72
C PRO E 273 -24.06 2.23 -22.81
N ILE E 274 -24.56 3.31 -23.40
CA ILE E 274 -25.00 4.46 -22.62
C ILE E 274 -26.52 4.40 -22.45
N GLY E 275 -26.96 4.42 -21.20
CA GLY E 275 -28.36 4.35 -20.82
C GLY E 275 -28.94 5.70 -20.44
N LYS E 276 -30.08 5.65 -19.74
CA LYS E 276 -30.80 6.81 -19.19
C LYS E 276 -30.70 6.86 -17.67
N CYS E 277 -29.75 6.12 -17.11
CA CYS E 277 -29.49 6.08 -15.69
C CYS E 277 -28.82 7.35 -15.18
N ASN E 278 -29.06 7.64 -13.89
CA ASN E 278 -28.42 8.73 -13.16
C ASN E 278 -27.51 8.16 -12.07
N SER E 279 -26.19 8.27 -12.25
CA SER E 279 -25.23 7.77 -11.26
C SER E 279 -23.92 8.54 -11.37
N GLU E 280 -23.39 8.96 -10.22
CA GLU E 280 -22.15 9.74 -10.17
C GLU E 280 -20.90 8.95 -10.54
N CYS E 281 -20.83 7.66 -10.21
CA CYS E 281 -19.62 6.87 -10.47
C CYS E 281 -19.69 6.05 -11.74
N ILE E 282 -18.72 6.27 -12.62
CA ILE E 282 -18.57 5.55 -13.89
C ILE E 282 -17.29 4.73 -13.86
N THR E 283 -17.37 3.46 -14.22
CA THR E 283 -16.22 2.57 -14.36
C THR E 283 -16.25 1.99 -15.76
N PRO E 284 -15.14 1.43 -16.25
CA PRO E 284 -15.17 0.77 -17.57
C PRO E 284 -16.26 -0.29 -17.71
N ASN E 285 -16.66 -0.93 -16.62
CA ASN E 285 -17.71 -1.94 -16.63
C ASN E 285 -19.10 -1.32 -16.62
N GLY E 286 -19.20 0.00 -16.56
CA GLY E 286 -20.44 0.73 -16.46
C GLY E 286 -20.48 1.48 -15.14
N SER E 287 -21.55 2.24 -14.95
CA SER E 287 -21.63 2.97 -13.70
C SER E 287 -21.92 2.01 -12.56
N ILE E 288 -21.50 2.40 -11.37
CA ILE E 288 -21.77 1.59 -10.17
C ILE E 288 -22.40 2.47 -9.10
N PRO E 289 -23.13 1.88 -8.15
CA PRO E 289 -23.53 2.65 -6.97
C PRO E 289 -22.31 3.14 -6.23
N ASN E 290 -22.40 4.34 -5.68
CA ASN E 290 -21.32 4.94 -4.92
C ASN E 290 -21.67 5.10 -3.45
N ASP E 291 -22.52 4.21 -2.94
CA ASP E 291 -22.92 4.25 -1.54
C ASP E 291 -21.89 3.55 -0.67
N LYS E 292 -21.28 2.47 -1.17
CA LYS E 292 -20.33 1.69 -0.41
C LYS E 292 -18.98 2.41 -0.39
N PRO E 293 -18.21 2.33 0.71
CA PRO E 293 -16.90 2.97 0.72
C PRO E 293 -15.87 2.36 -0.22
N PHE E 294 -16.03 1.09 -0.61
CA PHE E 294 -15.04 0.42 -1.45
C PHE E 294 -15.73 -0.27 -2.62
N GLN E 295 -14.92 -0.54 -3.65
CA GLN E 295 -15.34 -1.28 -4.84
C GLN E 295 -14.22 -2.20 -5.30
N ASN E 296 -14.60 -3.26 -6.02
CA ASN E 296 -13.65 -4.13 -6.70
C ASN E 296 -14.01 -4.26 -8.19
N VAL E 297 -14.86 -3.38 -8.71
CA VAL E 297 -15.26 -3.49 -10.11
C VAL E 297 -14.11 -3.14 -11.05
N ASN E 298 -13.46 -2.00 -10.82
CA ASN E 298 -12.35 -1.60 -11.68
C ASN E 298 -11.48 -0.59 -10.95
N ARG E 299 -10.19 -0.59 -11.30
CA ARG E 299 -9.26 0.43 -10.80
C ARG E 299 -9.44 1.75 -11.53
N ILE E 300 -10.04 1.75 -12.71
CA ILE E 300 -10.26 2.94 -13.51
C ILE E 300 -11.64 3.46 -13.15
N THR E 301 -11.69 4.67 -12.61
CA THR E 301 -12.95 5.25 -12.16
C THR E 301 -13.04 6.71 -12.56
N TYR E 302 -14.27 7.20 -12.68
CA TYR E 302 -14.54 8.61 -12.92
C TYR E 302 -15.70 9.06 -12.04
N GLY E 303 -15.53 10.21 -11.40
CA GLY E 303 -16.55 10.81 -10.57
C GLY E 303 -16.44 10.38 -9.12
N ALA E 304 -17.58 10.47 -8.43
CA ALA E 304 -17.64 10.22 -6.99
C ALA E 304 -17.74 8.72 -6.79
N CYS E 305 -16.56 8.02 -6.98
CA CYS E 305 -16.52 6.57 -6.91
C CYS E 305 -15.97 6.03 -5.59
N PRO E 306 -16.40 4.84 -5.18
CA PRO E 306 -15.73 4.16 -4.07
C PRO E 306 -14.28 3.86 -4.46
N ARG E 307 -13.43 3.71 -3.45
CA ARG E 307 -12.03 3.43 -3.72
C ARG E 307 -11.86 1.96 -4.08
N TYR E 308 -10.98 1.70 -5.03
CA TYR E 308 -10.70 0.34 -5.48
C TYR E 308 -9.80 -0.42 -4.51
N VAL E 309 -10.23 -1.63 -4.16
CA VAL E 309 -9.51 -2.53 -3.28
C VAL E 309 -9.43 -3.88 -3.98
N LYS E 310 -8.48 -4.71 -3.53
CA LYS E 310 -8.34 -6.05 -4.08
C LYS E 310 -9.34 -7.04 -3.50
N GLN E 311 -9.82 -6.80 -2.28
CA GLN E 311 -10.73 -7.72 -1.63
C GLN E 311 -12.00 -7.95 -2.43
N ASN E 312 -12.40 -9.22 -2.52
CA ASN E 312 -13.63 -9.55 -3.22
C ASN E 312 -14.84 -9.18 -2.38
N THR E 313 -14.70 -9.22 -1.06
CA THR E 313 -15.77 -8.85 -0.16
C THR E 313 -15.17 -8.36 1.16
N LEU E 314 -15.86 -7.42 1.77
CA LEU E 314 -15.58 -6.94 3.12
C LEU E 314 -16.93 -6.73 3.76
N LYS E 315 -17.19 -7.42 4.86
CA LYS E 315 -18.47 -7.34 5.52
C LYS E 315 -18.32 -6.62 6.85
N LEU E 316 -19.12 -5.59 7.03
CA LEU E 316 -19.13 -4.77 8.22
C LEU E 316 -20.29 -5.21 9.09
N ALA E 317 -19.99 -5.61 10.32
CA ALA E 317 -21.06 -6.05 11.19
C ALA E 317 -22.01 -4.87 11.44
N THR E 318 -23.30 -5.16 11.40
CA THR E 318 -24.34 -4.18 11.71
C THR E 318 -25.20 -4.67 12.85
N GLY E 319 -24.66 -5.61 13.62
CA GLY E 319 -25.36 -6.18 14.76
C GLY E 319 -24.35 -6.92 15.61
N MET E 320 -24.87 -7.57 16.63
CA MET E 320 -24.07 -8.25 17.62
C MET E 320 -23.71 -9.67 17.20
N ARG E 321 -22.81 -10.27 17.96
CA ARG E 321 -22.44 -11.66 17.77
C ARG E 321 -23.68 -12.55 17.86
N ASN E 322 -23.74 -13.55 16.99
CA ASN E 322 -24.86 -14.49 16.93
C ASN E 322 -24.50 -15.74 17.73
N VAL E 323 -25.14 -15.92 18.87
CA VAL E 323 -24.89 -17.04 19.76
C VAL E 323 -26.17 -17.90 19.81
N PRO E 324 -26.20 -19.04 19.10
CA PRO E 324 -27.43 -19.84 19.03
C PRO E 324 -27.93 -20.28 20.40
N GLU E 325 -29.25 -20.41 20.51
CA GLU E 325 -29.89 -20.80 21.77
C GLU E 325 -30.03 -22.32 21.84
N ALA E 334 -35.96 -24.36 32.29
CA ALA E 334 -35.17 -23.28 32.83
C ALA E 334 -34.92 -22.19 31.78
N ILE E 335 -34.46 -21.04 32.24
CA ILE E 335 -34.14 -19.89 31.39
C ILE E 335 -32.71 -19.46 31.67
N ALA E 336 -32.10 -18.81 30.68
CA ALA E 336 -30.72 -18.33 30.80
C ALA E 336 -30.55 -17.08 29.94
N GLY E 337 -29.54 -16.28 30.29
CA GLY E 337 -29.27 -15.04 29.60
C GLY E 337 -28.05 -15.07 28.70
N PHE E 338 -27.53 -13.86 28.43
CA PHE E 338 -26.43 -13.63 27.49
C PHE E 338 -25.12 -14.36 27.79
N ILE E 339 -24.82 -14.71 29.05
CA ILE E 339 -23.56 -15.41 29.30
C ILE E 339 -23.54 -16.78 28.64
N GLU E 340 -24.67 -17.49 28.65
CA GLU E 340 -24.70 -18.85 28.09
C GLU E 340 -25.21 -18.89 26.66
N ASN E 341 -26.22 -18.08 26.33
CA ASN E 341 -26.79 -18.15 24.99
C ASN E 341 -27.54 -16.87 24.67
N GLY E 342 -27.82 -16.68 23.38
CA GLY E 342 -28.72 -15.63 22.95
C GLY E 342 -30.13 -16.16 22.94
N TRP E 343 -31.08 -15.27 22.62
CA TRP E 343 -32.49 -15.62 22.59
C TRP E 343 -33.01 -15.61 21.16
N GLU E 344 -33.34 -16.78 20.62
CA GLU E 344 -33.80 -16.84 19.24
C GLU E 344 -35.25 -16.41 19.09
N GLY E 345 -36.01 -16.39 20.18
CA GLY E 345 -37.40 -16.01 20.24
C GLY E 345 -37.70 -14.56 20.52
N MET E 346 -36.70 -13.68 20.57
CA MET E 346 -36.90 -12.26 20.82
C MET E 346 -36.71 -11.47 19.54
N VAL E 347 -37.82 -11.01 18.97
CA VAL E 347 -37.87 -10.31 17.70
C VAL E 347 -38.35 -8.87 17.83
N ASP E 348 -38.55 -8.40 19.07
CA ASP E 348 -39.03 -7.04 19.31
C ASP E 348 -37.89 -6.05 19.42
N GLY E 349 -36.70 -6.51 19.79
CA GLY E 349 -35.55 -5.66 19.96
C GLY E 349 -34.30 -6.49 20.04
N TRP E 350 -33.19 -5.82 20.30
CA TRP E 350 -31.90 -6.50 20.35
C TRP E 350 -31.54 -6.97 21.75
N TYR E 351 -31.99 -6.23 22.76
CA TYR E 351 -31.70 -6.52 24.15
C TYR E 351 -33.03 -6.61 24.88
N GLY E 352 -33.08 -7.41 25.94
CA GLY E 352 -34.33 -7.47 26.67
C GLY E 352 -34.25 -8.34 27.90
N PHE E 353 -35.43 -8.54 28.47
CA PHE E 353 -35.65 -9.28 29.69
C PHE E 353 -36.57 -10.45 29.44
N ARG E 354 -36.33 -11.51 30.18
CA ARG E 354 -37.13 -12.72 30.19
C ARG E 354 -37.29 -13.06 31.66
N HIS E 355 -38.48 -13.46 32.10
CA HIS E 355 -38.64 -13.72 33.52
C HIS E 355 -39.51 -14.93 33.79
N GLN E 356 -39.28 -15.48 35.00
CA GLN E 356 -40.04 -16.57 35.59
C GLN E 356 -40.45 -16.14 37.00
N ASN E 357 -41.73 -16.14 37.27
CA ASN E 357 -42.25 -15.80 38.59
C ASN E 357 -43.42 -16.74 38.87
N SER E 358 -44.21 -16.42 39.89
CA SER E 358 -45.32 -17.31 40.22
C SER E 358 -46.39 -17.27 39.14
N GLU E 359 -46.57 -16.14 38.47
CA GLU E 359 -47.59 -15.99 37.44
C GLU E 359 -47.02 -16.31 36.04
N GLY E 360 -46.52 -17.54 35.91
CA GLY E 360 -45.97 -17.94 34.63
C GLY E 360 -44.64 -17.32 34.25
N ARG E 361 -44.46 -17.19 32.94
CA ARG E 361 -43.22 -16.74 32.32
C ARG E 361 -43.53 -15.66 31.29
N GLY E 362 -42.54 -14.81 31.03
CA GLY E 362 -42.77 -13.80 30.01
C GLY E 362 -41.48 -13.18 29.50
N GLN E 363 -41.65 -12.27 28.54
CA GLN E 363 -40.52 -11.63 27.87
C GLN E 363 -40.91 -10.23 27.40
N ALA E 364 -39.96 -9.30 27.49
CA ALA E 364 -40.16 -7.95 26.98
C ALA E 364 -38.82 -7.41 26.53
N ALA E 365 -38.79 -6.71 25.40
CA ALA E 365 -37.54 -6.13 24.93
C ALA E 365 -37.22 -4.83 25.65
N ASP E 366 -35.93 -4.55 25.78
CA ASP E 366 -35.44 -3.27 26.30
C ASP E 366 -35.18 -2.38 25.10
N LEU E 367 -36.12 -1.49 24.80
CA LEU E 367 -36.06 -0.71 23.58
C LEU E 367 -34.98 0.36 23.61
N LYS E 368 -34.68 0.91 24.79
CA LYS E 368 -33.67 1.97 24.87
C LYS E 368 -32.26 1.46 24.65
N SER E 369 -31.91 0.28 25.17
CA SER E 369 -30.56 -0.23 24.93
C SER E 369 -30.41 -0.63 23.48
N THR E 370 -31.49 -1.18 22.91
CA THR E 370 -31.47 -1.57 21.50
C THR E 370 -31.24 -0.34 20.64
N GLN E 371 -31.96 0.75 20.94
CA GLN E 371 -31.80 1.94 20.14
C GLN E 371 -30.41 2.54 20.34
N ALA E 372 -29.88 2.49 21.57
CA ALA E 372 -28.54 3.05 21.76
C ALA E 372 -27.51 2.32 20.91
N ALA E 373 -27.61 0.98 20.86
CA ALA E 373 -26.69 0.20 20.04
C ALA E 373 -26.89 0.52 18.56
N ILE E 374 -28.16 0.69 18.16
CA ILE E 374 -28.46 0.99 16.77
C ILE E 374 -27.94 2.38 16.41
N ASP E 375 -28.12 3.35 17.31
CA ASP E 375 -27.64 4.70 17.04
C ASP E 375 -26.12 4.70 16.86
N GLN E 376 -25.40 3.92 17.67
CA GLN E 376 -23.94 3.88 17.49
C GLN E 376 -23.58 3.24 16.16
N ILE E 377 -24.31 2.20 15.77
CA ILE E 377 -24.06 1.56 14.48
C ILE E 377 -24.42 2.49 13.33
N ASN E 378 -25.54 3.21 13.43
CA ASN E 378 -25.90 4.14 12.37
C ASN E 378 -24.88 5.27 12.25
N GLY E 379 -24.31 5.68 13.38
CA GLY E 379 -23.26 6.68 13.35
C GLY E 379 -22.08 6.15 12.57
N LYS E 380 -21.71 4.90 12.85
CA LYS E 380 -20.63 4.23 12.14
C LYS E 380 -20.89 4.15 10.65
N LEU E 381 -22.12 3.80 10.27
CA LEU E 381 -22.45 3.69 8.86
C LEU E 381 -22.37 5.04 8.18
N ASN E 382 -22.77 6.10 8.87
CA ASN E 382 -22.67 7.43 8.27
C ASN E 382 -21.23 7.82 8.02
N ARG E 383 -20.29 7.28 8.80
CA ARG E 383 -18.88 7.55 8.60
C ARG E 383 -18.27 6.79 7.43
N LEU E 384 -18.94 5.75 6.95
CA LEU E 384 -18.44 4.87 5.89
C LEU E 384 -19.25 4.98 4.61
N ILE E 385 -20.57 4.95 4.74
CA ILE E 385 -21.51 4.93 3.62
C ILE E 385 -21.82 6.34 3.17
N GLY E 386 -21.85 6.52 1.87
CA GLY E 386 -22.15 7.80 1.24
C GLY E 386 -20.93 8.67 1.03
N LYS E 387 -20.14 8.87 2.08
CA LYS E 387 -18.92 9.67 1.99
C LYS E 387 -18.04 9.11 0.88
N THR E 388 -17.73 9.94 -0.11
CA THR E 388 -16.95 9.50 -1.27
C THR E 388 -16.00 10.60 -1.72
N ASN E 389 -14.83 10.18 -2.18
CA ASN E 389 -13.81 11.08 -2.71
C ASN E 389 -13.93 11.11 -4.23
N GLU E 390 -14.27 12.27 -4.76
CA GLU E 390 -14.53 12.46 -6.18
C GLU E 390 -13.24 12.79 -6.93
N LYS E 391 -12.94 12.00 -7.96
CA LYS E 391 -11.74 12.16 -8.76
C LYS E 391 -12.14 12.16 -10.22
N PHE E 392 -11.40 12.91 -11.05
CA PHE E 392 -11.73 13.03 -12.46
C PHE E 392 -10.59 12.53 -13.34
N HIS E 393 -9.79 13.44 -13.93
CA HIS E 393 -8.67 12.99 -14.75
C HIS E 393 -7.60 12.44 -13.84
N GLN E 394 -7.09 11.25 -14.19
CA GLN E 394 -6.06 10.59 -13.40
C GLN E 394 -4.90 10.17 -14.30
N ILE E 395 -4.56 8.88 -14.36
CA ILE E 395 -3.51 8.34 -15.21
C ILE E 395 -4.08 7.13 -15.92
N GLU E 396 -3.39 6.69 -16.96
CA GLU E 396 -3.76 5.43 -17.58
C GLU E 396 -3.33 4.29 -16.68
N LYS E 397 -4.21 3.30 -16.53
CA LYS E 397 -3.97 2.14 -15.69
C LYS E 397 -3.83 0.85 -16.47
N GLU E 398 -4.30 0.82 -17.71
CA GLU E 398 -4.21 -0.34 -18.59
C GLU E 398 -3.48 0.10 -19.84
N PHE E 399 -2.61 -0.77 -20.37
CA PHE E 399 -1.78 -0.44 -21.51
C PHE E 399 -1.88 -1.54 -22.57
N SER E 400 -1.79 -1.13 -23.83
CA SER E 400 -1.83 -2.05 -24.96
C SER E 400 -0.46 -2.21 -25.64
N GLU E 401 0.57 -1.53 -25.16
CA GLU E 401 1.90 -1.56 -25.75
C GLU E 401 2.93 -1.70 -24.64
N VAL E 402 4.09 -2.24 -24.99
CA VAL E 402 5.21 -2.36 -24.06
C VAL E 402 6.04 -1.10 -24.25
N GLU E 403 6.00 -0.19 -23.27
CA GLU E 403 6.65 1.12 -23.38
C GLU E 403 7.93 1.28 -22.56
N GLY E 404 8.13 0.50 -21.50
CA GLY E 404 9.30 0.71 -20.66
C GLY E 404 9.11 1.47 -19.36
N ARG E 405 10.14 2.27 -19.05
CA ARG E 405 10.31 2.88 -17.73
C ARG E 405 9.10 3.70 -17.27
N ILE E 406 8.50 4.48 -18.17
CA ILE E 406 7.38 5.32 -17.74
C ILE E 406 6.17 4.46 -17.43
N GLN E 407 5.88 3.47 -18.28
CA GLN E 407 4.76 2.58 -18.03
C GLN E 407 4.99 1.81 -16.73
N ASP E 408 6.24 1.40 -16.49
CA ASP E 408 6.57 0.67 -15.27
C ASP E 408 6.31 1.54 -14.06
N LEU E 409 6.61 2.84 -14.15
CA LEU E 409 6.37 3.71 -13.02
C LEU E 409 4.87 3.93 -12.81
N GLU E 410 4.11 4.10 -13.90
CA GLU E 410 2.68 4.28 -13.75
C GLU E 410 2.03 3.05 -13.12
N LYS E 411 2.47 1.86 -13.53
CA LYS E 411 1.95 0.64 -12.95
C LYS E 411 2.36 0.52 -11.49
N TYR E 412 3.60 0.87 -11.18
CA TYR E 412 4.08 0.79 -9.80
C TYR E 412 3.26 1.71 -8.91
N VAL E 413 3.01 2.94 -9.37
CA VAL E 413 2.24 3.91 -8.59
C VAL E 413 0.83 3.40 -8.35
N GLU E 414 0.19 2.85 -9.39
CA GLU E 414 -1.17 2.37 -9.20
C GLU E 414 -1.21 1.14 -8.29
N ASP E 415 -0.24 0.22 -8.42
CA ASP E 415 -0.25 -0.95 -7.57
C ASP E 415 0.03 -0.54 -6.13
N THR E 416 0.89 0.46 -5.92
CA THR E 416 1.18 0.93 -4.57
C THR E 416 -0.09 1.52 -3.95
N LYS E 417 -0.81 2.34 -4.72
CA LYS E 417 -2.05 2.92 -4.24
C LYS E 417 -3.06 1.83 -3.91
N ILE E 418 -3.19 0.82 -4.76
CA ILE E 418 -4.17 -0.23 -4.51
C ILE E 418 -3.77 -1.05 -3.29
N ASP E 419 -2.50 -1.41 -3.16
CA ASP E 419 -2.09 -2.20 -2.00
C ASP E 419 -2.30 -1.43 -0.71
N LEU E 420 -2.03 -0.12 -0.72
CA LEU E 420 -2.23 0.69 0.48
C LEU E 420 -3.72 0.88 0.80
N TRP E 421 -4.56 1.07 -0.21
CA TRP E 421 -5.98 1.20 0.09
C TRP E 421 -6.59 -0.14 0.46
N SER E 422 -6.07 -1.24 -0.07
CA SER E 422 -6.58 -2.55 0.32
C SER E 422 -6.21 -2.82 1.77
N TYR E 423 -4.99 -2.42 2.16
CA TYR E 423 -4.58 -2.53 3.55
C TYR E 423 -5.49 -1.69 4.43
N ASN E 424 -5.73 -0.44 4.02
CA ASN E 424 -6.57 0.44 4.83
C ASN E 424 -7.97 -0.13 4.95
N ALA E 425 -8.51 -0.70 3.88
CA ALA E 425 -9.85 -1.28 3.92
C ALA E 425 -9.90 -2.48 4.84
N GLU E 426 -8.88 -3.35 4.81
CA GLU E 426 -8.91 -4.51 5.69
C GLU E 426 -8.76 -4.09 7.14
N LEU E 427 -7.84 -3.16 7.42
CA LEU E 427 -7.64 -2.72 8.79
C LEU E 427 -8.88 -1.99 9.30
N LEU E 428 -9.47 -1.16 8.45
CA LEU E 428 -10.64 -0.39 8.85
C LEU E 428 -11.80 -1.32 9.16
N VAL E 429 -12.05 -2.31 8.31
CA VAL E 429 -13.18 -3.20 8.54
C VAL E 429 -12.93 -4.05 9.78
N ALA E 430 -11.72 -4.58 9.94
CA ALA E 430 -11.45 -5.37 11.14
C ALA E 430 -11.59 -4.54 12.41
N LEU E 431 -11.14 -3.28 12.38
CA LEU E 431 -11.28 -2.41 13.54
C LEU E 431 -12.74 -2.08 13.80
N GLU E 432 -13.50 -1.82 12.74
CA GLU E 432 -14.90 -1.46 12.91
C GLU E 432 -15.71 -2.65 13.38
N ASN E 433 -15.38 -3.86 12.93
CA ASN E 433 -16.11 -5.03 13.37
C ASN E 433 -15.76 -5.38 14.81
N GLN E 434 -14.49 -5.26 15.18
CA GLN E 434 -14.12 -5.54 16.56
C GLN E 434 -14.76 -4.52 17.48
N HIS E 435 -14.79 -3.25 17.05
CA HIS E 435 -15.38 -2.21 17.86
C HIS E 435 -16.90 -2.45 17.96
N THR E 436 -17.55 -2.86 16.84
CA THR E 436 -18.98 -3.14 16.84
C THR E 436 -19.33 -4.25 17.84
N ILE E 437 -18.51 -5.29 17.88
CA ILE E 437 -18.75 -6.36 18.83
C ILE E 437 -18.60 -5.81 20.23
N ASP E 438 -17.57 -4.98 20.44
CA ASP E 438 -17.37 -4.39 21.75
C ASP E 438 -18.55 -3.50 22.13
N LEU E 439 -19.16 -2.81 21.15
CA LEU E 439 -20.31 -1.96 21.47
C LEU E 439 -21.50 -2.78 21.89
N THR E 440 -21.74 -3.91 21.24
CA THR E 440 -22.94 -4.66 21.62
C THR E 440 -22.70 -5.43 22.91
N ASP E 441 -21.46 -5.80 23.19
CA ASP E 441 -21.17 -6.45 24.46
C ASP E 441 -21.26 -5.43 25.58
N SER E 442 -20.82 -4.19 25.30
CA SER E 442 -20.90 -3.15 26.30
C SER E 442 -22.34 -2.78 26.60
N GLU E 443 -23.21 -2.72 25.57
CA GLU E 443 -24.59 -2.38 25.85
C GLU E 443 -25.28 -3.49 26.64
N MET E 444 -24.95 -4.76 26.34
CA MET E 444 -25.53 -5.84 27.11
C MET E 444 -25.05 -5.78 28.56
N ASN E 445 -23.76 -5.47 28.75
CA ASN E 445 -23.21 -5.41 30.10
C ASN E 445 -23.73 -4.19 30.84
N LYS E 446 -23.93 -3.06 30.15
CA LYS E 446 -24.48 -1.89 30.82
C LYS E 446 -25.90 -2.13 31.26
N LEU E 447 -26.70 -2.83 30.45
CA LEU E 447 -28.06 -3.10 30.89
C LEU E 447 -28.03 -4.03 32.10
N PHE E 448 -27.11 -5.02 32.09
CA PHE E 448 -26.98 -5.93 33.21
C PHE E 448 -26.57 -5.18 34.48
N GLU E 449 -25.57 -4.29 34.38
CA GLU E 449 -25.14 -3.53 35.55
C GLU E 449 -26.21 -2.58 36.01
N LYS E 450 -26.97 -2.00 35.08
CA LYS E 450 -28.08 -1.12 35.47
C LYS E 450 -29.09 -1.90 36.29
N THR E 451 -29.43 -3.10 35.84
CA THR E 451 -30.40 -3.92 36.57
C THR E 451 -29.84 -4.27 37.95
N LYS E 452 -28.56 -4.66 38.00
CA LYS E 452 -27.94 -5.02 39.28
C LYS E 452 -27.96 -3.84 40.25
N LYS E 453 -27.68 -2.64 39.75
CA LYS E 453 -27.67 -1.45 40.59
C LYS E 453 -29.07 -1.08 41.06
N GLN E 454 -30.09 -1.36 40.25
CA GLN E 454 -31.46 -1.11 40.68
C GLN E 454 -31.89 -2.11 41.74
N LEU E 455 -31.47 -3.37 41.58
CA LEU E 455 -31.86 -4.42 42.50
C LEU E 455 -31.10 -4.37 43.82
N ARG E 456 -29.89 -3.83 43.83
CA ARG E 456 -29.08 -3.72 45.04
C ARG E 456 -28.92 -5.08 45.71
N GLU E 457 -29.36 -5.25 46.96
CA GLU E 457 -29.19 -6.48 47.72
C GLU E 457 -30.41 -7.38 47.61
N ASN E 458 -31.38 -7.02 46.77
CA ASN E 458 -32.60 -7.80 46.63
C ASN E 458 -32.48 -8.89 45.58
N ALA E 459 -31.30 -9.03 44.97
CA ALA E 459 -31.09 -10.02 43.94
C ALA E 459 -29.62 -10.43 43.94
N GLU E 460 -29.36 -11.61 43.39
CA GLU E 460 -28.01 -12.12 43.21
C GLU E 460 -27.75 -12.41 41.74
N ASP E 461 -26.51 -12.19 41.32
CA ASP E 461 -26.04 -12.53 39.99
C ASP E 461 -25.73 -14.03 39.96
N MET E 462 -26.47 -14.79 39.16
CA MET E 462 -26.29 -16.24 39.15
C MET E 462 -25.17 -16.71 38.24
N GLY E 463 -24.51 -15.82 37.51
CA GLY E 463 -23.41 -16.17 36.65
C GLY E 463 -23.76 -16.65 35.27
N ASN E 464 -25.05 -16.67 34.93
CA ASN E 464 -25.55 -17.12 33.63
C ASN E 464 -26.27 -16.01 32.90
N GLY E 465 -26.04 -14.76 33.31
CA GLY E 465 -26.68 -13.60 32.73
C GLY E 465 -28.05 -13.30 33.30
N CYS E 466 -28.41 -13.93 34.42
CA CYS E 466 -29.70 -13.75 35.05
C CYS E 466 -29.50 -13.34 36.51
N PHE E 467 -30.51 -12.67 37.05
CA PHE E 467 -30.57 -12.31 38.45
C PHE E 467 -31.62 -13.17 39.13
N LYS E 468 -31.30 -13.67 40.31
CA LYS E 468 -32.28 -14.33 41.16
C LYS E 468 -32.77 -13.27 42.13
N ILE E 469 -34.07 -12.98 42.10
CA ILE E 469 -34.67 -11.98 42.97
C ILE E 469 -35.24 -12.75 44.15
N TYR E 470 -34.91 -12.30 45.36
CA TYR E 470 -35.25 -13.04 46.57
C TYR E 470 -36.55 -12.59 47.23
N HIS E 471 -37.43 -11.92 46.48
CA HIS E 471 -38.73 -11.52 46.99
C HIS E 471 -39.74 -11.76 45.89
N LYS E 472 -41.00 -11.96 46.26
CA LYS E 472 -41.98 -12.32 45.21
C LYS E 472 -42.11 -11.16 44.24
N CYS E 473 -41.61 -11.33 43.01
CA CYS E 473 -41.62 -10.22 42.03
C CYS E 473 -42.69 -10.48 40.97
N ASP E 474 -43.84 -9.81 41.08
CA ASP E 474 -44.95 -10.03 40.11
C ASP E 474 -44.66 -9.29 38.81
N ASN E 475 -45.57 -9.41 37.83
CA ASN E 475 -45.37 -8.75 36.50
C ASN E 475 -45.26 -7.24 36.73
N ALA E 476 -46.01 -6.70 37.67
CA ALA E 476 -45.86 -5.28 38.00
C ALA E 476 -44.48 -4.99 38.58
N CYS E 477 -43.93 -5.85 39.45
CA CYS E 477 -42.53 -5.63 39.93
C CYS E 477 -41.56 -5.73 38.73
N ILE E 478 -41.73 -6.72 37.89
CA ILE E 478 -40.77 -6.92 36.80
C ILE E 478 -40.91 -5.77 35.79
N GLY E 479 -42.11 -5.27 35.52
CA GLY E 479 -42.24 -4.12 34.65
C GLY E 479 -41.58 -2.88 35.24
N SER E 480 -41.70 -2.72 36.56
CA SER E 480 -41.08 -1.60 37.25
C SER E 480 -39.56 -1.67 37.11
N ILE E 481 -39.01 -2.88 37.23
CA ILE E 481 -37.57 -3.07 37.09
C ILE E 481 -37.15 -2.74 35.65
N ARG E 482 -37.89 -3.27 34.67
CA ARG E 482 -37.53 -3.08 33.27
C ARG E 482 -37.50 -1.61 32.85
N ASN E 483 -38.42 -0.79 33.36
CA ASN E 483 -38.47 0.62 32.99
C ASN E 483 -37.77 1.54 33.99
N GLY E 484 -37.01 0.99 34.95
CA GLY E 484 -36.26 1.82 35.87
C GLY E 484 -37.00 2.50 36.98
N THR E 485 -38.15 1.98 37.41
CA THR E 485 -38.94 2.57 38.49
C THR E 485 -38.95 1.69 39.74
N TYR E 486 -38.10 0.66 39.79
CA TYR E 486 -38.05 -0.23 40.93
C TYR E 486 -37.50 0.48 42.16
N ASP E 487 -38.22 0.36 43.27
CA ASP E 487 -37.83 0.93 44.56
C ASP E 487 -37.32 -0.22 45.41
N HIS E 488 -36.01 -0.28 45.63
CA HIS E 488 -35.43 -1.42 46.33
C HIS E 488 -35.76 -1.44 47.82
N ASP E 489 -36.26 -0.34 48.38
CA ASP E 489 -36.52 -0.31 49.82
C ASP E 489 -37.82 -1.00 50.16
N VAL E 490 -38.78 -0.95 49.23
CA VAL E 490 -40.10 -1.54 49.47
C VAL E 490 -39.97 -3.04 49.74
N TYR E 491 -39.08 -3.71 49.01
CA TYR E 491 -38.91 -5.15 49.09
C TYR E 491 -37.66 -5.56 49.86
N ARG E 492 -36.97 -4.63 50.51
CA ARG E 492 -35.68 -4.95 51.11
C ARG E 492 -35.80 -5.93 52.26
N ASP E 493 -36.84 -5.82 53.10
CA ASP E 493 -36.91 -6.72 54.25
C ASP E 493 -37.19 -8.14 53.82
N GLU E 494 -38.08 -8.32 52.84
CA GLU E 494 -38.41 -9.66 52.38
C GLU E 494 -37.22 -10.28 51.66
N ALA E 495 -36.60 -9.52 50.76
CA ALA E 495 -35.49 -10.06 49.99
C ALA E 495 -34.30 -10.39 50.88
N LEU E 496 -34.02 -9.57 51.89
CA LEU E 496 -32.90 -9.89 52.77
C LEU E 496 -33.21 -11.07 53.66
N ASN E 497 -34.47 -11.20 54.09
CA ASN E 497 -34.84 -12.33 54.92
C ASN E 497 -34.77 -13.63 54.14
N ASN E 498 -35.11 -13.59 52.86
CA ASN E 498 -35.03 -14.79 52.03
C ASN E 498 -33.61 -15.10 51.59
N ARG E 499 -32.79 -14.07 51.40
CA ARG E 499 -31.44 -14.24 50.87
C ARG E 499 -30.40 -14.63 51.93
N PHE E 500 -30.39 -13.99 53.10
CA PHE E 500 -29.36 -14.26 54.11
C PHE E 500 -29.87 -14.95 55.38
N GLN E 501 -31.03 -15.58 55.35
CA GLN E 501 -31.55 -16.26 56.54
C GLN E 501 -32.15 -17.60 56.15
#